data_2E6J
#
_entry.id   2E6J
#
_cell.length_a   1.000
_cell.length_b   1.000
_cell.length_c   1.000
_cell.angle_alpha   90.00
_cell.angle_beta   90.00
_cell.angle_gamma   90.00
#
_symmetry.space_group_name_H-M   'P 1'
#
_entity_poly.entity_id   1
_entity_poly.type   'polypeptide(L)'
_entity_poly.pdbx_seq_one_letter_code
;GSSGSSGPKIHFNFELLDIGKVFTGSAHCYEAILYNKGSIDALFNMTPPTSALGACFVFSPKEGIIEPSGVQAIQISFSS
IILGNFEEEFLVNVNGSPEPVKLTIRGCVIGP
;
_entity_poly.pdbx_strand_id   A
#
# COMPACT_ATOMS: atom_id res chain seq x y z
N GLY A 1 8.55 -3.13 21.45
CA GLY A 1 9.65 -3.68 22.21
C GLY A 1 10.90 -2.84 22.12
N SER A 2 11.10 -1.97 23.11
CA SER A 2 12.26 -1.08 23.14
C SER A 2 13.48 -1.79 22.56
N SER A 3 13.85 -2.92 23.16
CA SER A 3 15.01 -3.68 22.71
C SER A 3 14.68 -4.48 21.45
N GLY A 4 15.71 -5.03 20.83
CA GLY A 4 15.51 -5.82 19.61
C GLY A 4 14.52 -5.16 18.67
N SER A 5 14.99 -4.17 17.92
CA SER A 5 14.15 -3.45 16.97
C SER A 5 13.21 -4.42 16.24
N SER A 6 11.92 -4.29 16.49
CA SER A 6 10.92 -5.14 15.87
C SER A 6 10.17 -4.39 14.77
N GLY A 7 9.21 -5.08 14.15
CA GLY A 7 8.43 -4.46 13.10
C GLY A 7 6.99 -4.19 13.51
N PRO A 8 6.17 -3.72 12.56
CA PRO A 8 4.76 -3.42 12.80
C PRO A 8 3.93 -4.67 13.03
N LYS A 9 2.75 -4.49 13.61
CA LYS A 9 1.85 -5.61 13.89
C LYS A 9 1.08 -6.01 12.63
N ILE A 10 0.74 -5.02 11.82
CA ILE A 10 0.01 -5.27 10.58
C ILE A 10 0.94 -5.67 9.45
N HIS A 11 0.44 -6.49 8.53
CA HIS A 11 1.23 -6.94 7.39
C HIS A 11 0.34 -7.19 6.17
N PHE A 12 0.84 -6.81 5.01
CA PHE A 12 0.10 -6.99 3.76
C PHE A 12 0.13 -8.44 3.30
N ASN A 13 -0.97 -8.89 2.71
CA ASN A 13 -1.06 -10.27 2.23
C ASN A 13 0.17 -10.65 1.42
N PHE A 14 0.83 -9.64 0.85
CA PHE A 14 2.03 -9.87 0.05
C PHE A 14 3.06 -8.77 0.28
N GLU A 15 4.28 -9.00 -0.20
CA GLU A 15 5.36 -8.03 -0.03
C GLU A 15 5.32 -6.99 -1.16
N LEU A 16 5.43 -7.46 -2.39
CA LEU A 16 5.42 -6.57 -3.55
C LEU A 16 4.23 -6.88 -4.45
N LEU A 17 3.64 -5.84 -5.02
CA LEU A 17 2.49 -5.99 -5.90
C LEU A 17 2.83 -5.55 -7.33
N ASP A 18 2.85 -6.51 -8.25
CA ASP A 18 3.17 -6.22 -9.64
C ASP A 18 1.89 -6.05 -10.46
N ILE A 19 1.73 -4.88 -11.08
CA ILE A 19 0.56 -4.59 -11.88
C ILE A 19 0.86 -4.77 -13.37
N GLY A 20 2.09 -5.14 -13.68
CA GLY A 20 2.49 -5.34 -15.06
C GLY A 20 2.28 -4.09 -15.90
N LYS A 21 1.94 -4.28 -17.17
CA LYS A 21 1.72 -3.17 -18.09
C LYS A 21 0.29 -2.64 -17.95
N VAL A 22 0.13 -1.34 -18.19
CA VAL A 22 -1.18 -0.70 -18.11
C VAL A 22 -1.34 0.38 -19.16
N PHE A 23 -2.43 0.34 -19.90
CA PHE A 23 -2.71 1.32 -20.94
C PHE A 23 -2.70 2.74 -20.36
N THR A 24 -2.24 3.70 -21.16
CA THR A 24 -2.18 5.09 -20.73
C THR A 24 -3.57 5.71 -20.72
N GLY A 25 -3.75 6.71 -19.85
CA GLY A 25 -5.04 7.38 -19.75
C GLY A 25 -6.17 6.43 -19.40
N SER A 26 -5.92 5.58 -18.40
CA SER A 26 -6.92 4.61 -17.97
C SER A 26 -6.82 4.34 -16.48
N ALA A 27 -7.96 4.08 -15.84
CA ALA A 27 -8.00 3.81 -14.41
C ALA A 27 -7.68 2.35 -14.13
N HIS A 28 -6.89 2.11 -13.08
CA HIS A 28 -6.51 0.75 -12.70
C HIS A 28 -7.16 0.36 -11.38
N CYS A 29 -7.74 -0.84 -11.34
CA CYS A 29 -8.40 -1.34 -10.14
C CYS A 29 -7.52 -2.37 -9.42
N TYR A 30 -7.13 -2.04 -8.20
CA TYR A 30 -6.29 -2.94 -7.41
C TYR A 30 -6.75 -2.98 -5.96
N GLU A 31 -6.34 -4.03 -5.25
CA GLU A 31 -6.71 -4.18 -3.85
C GLU A 31 -5.55 -4.73 -3.03
N ALA A 32 -5.62 -4.55 -1.71
CA ALA A 32 -4.56 -5.03 -0.82
C ALA A 32 -5.10 -5.26 0.58
N ILE A 33 -5.08 -6.52 1.02
CA ILE A 33 -5.56 -6.87 2.35
C ILE A 33 -4.47 -6.70 3.40
N LEU A 34 -4.85 -6.20 4.56
CA LEU A 34 -3.91 -5.98 5.66
C LEU A 34 -4.36 -6.70 6.93
N TYR A 35 -3.59 -7.70 7.33
CA TYR A 35 -3.92 -8.47 8.54
C TYR A 35 -3.31 -7.82 9.78
N ASN A 36 -4.15 -7.58 10.78
CA ASN A 36 -3.70 -6.97 12.03
C ASN A 36 -3.36 -8.03 13.06
N LYS A 37 -2.06 -8.19 13.32
CA LYS A 37 -1.59 -9.17 14.30
C LYS A 37 -1.52 -8.55 15.69
N GLY A 38 -2.39 -7.60 15.97
CA GLY A 38 -2.40 -6.94 17.26
C GLY A 38 -3.49 -7.48 18.17
N SER A 39 -3.22 -7.45 19.47
CA SER A 39 -4.19 -7.94 20.46
C SER A 39 -5.42 -7.05 20.50
N ILE A 40 -5.21 -5.74 20.40
CA ILE A 40 -6.30 -4.78 20.43
C ILE A 40 -6.32 -3.93 19.15
N ASP A 41 -7.28 -3.02 19.08
CA ASP A 41 -7.40 -2.14 17.92
C ASP A 41 -6.05 -1.59 17.50
N ALA A 42 -5.81 -1.55 16.19
CA ALA A 42 -4.55 -1.04 15.66
C ALA A 42 -4.78 0.13 14.72
N LEU A 43 -4.28 1.31 15.11
CA LEU A 43 -4.44 2.51 14.31
C LEU A 43 -3.44 2.53 13.16
N PHE A 44 -3.94 2.73 11.94
CA PHE A 44 -3.08 2.78 10.77
C PHE A 44 -3.37 4.02 9.93
N ASN A 45 -2.42 4.39 9.07
CA ASN A 45 -2.57 5.56 8.22
C ASN A 45 -1.64 5.47 7.01
N MET A 46 -2.13 5.90 5.86
CA MET A 46 -1.34 5.88 4.64
C MET A 46 -0.67 7.23 4.40
N THR A 47 0.60 7.20 4.01
CA THR A 47 1.36 8.42 3.76
C THR A 47 1.47 8.69 2.26
N PRO A 48 1.27 9.96 1.87
CA PRO A 48 1.34 10.38 0.47
C PRO A 48 2.77 10.34 -0.08
N PRO A 49 2.90 9.91 -1.34
CA PRO A 49 4.21 9.80 -2.00
C PRO A 49 4.80 11.18 -2.30
N THR A 50 6.02 11.18 -2.84
CA THR A 50 6.70 12.41 -3.18
C THR A 50 6.83 12.59 -4.69
N SER A 51 6.98 11.47 -5.40
CA SER A 51 7.12 11.49 -6.84
C SER A 51 5.77 11.74 -7.52
N ALA A 52 5.79 11.94 -8.83
CA ALA A 52 4.56 12.17 -9.59
C ALA A 52 3.79 10.88 -9.80
N LEU A 53 4.47 9.88 -10.36
CA LEU A 53 3.85 8.58 -10.63
C LEU A 53 3.29 7.98 -9.35
N GLY A 54 3.82 8.42 -8.21
CA GLY A 54 3.35 7.91 -6.93
C GLY A 54 2.04 8.54 -6.49
N ALA A 55 1.95 9.87 -6.65
CA ALA A 55 0.75 10.59 -6.26
C ALA A 55 -0.48 10.03 -6.97
N CYS A 56 -0.38 9.85 -8.28
CA CYS A 56 -1.48 9.32 -9.07
C CYS A 56 -2.24 8.23 -8.29
N PHE A 57 -1.49 7.36 -7.64
CA PHE A 57 -2.08 6.28 -6.86
C PHE A 57 -2.96 6.84 -5.74
N VAL A 58 -4.08 6.16 -5.47
CA VAL A 58 -4.99 6.59 -4.42
C VAL A 58 -5.31 5.43 -3.47
N PHE A 59 -4.69 5.46 -2.29
CA PHE A 59 -4.90 4.42 -1.29
C PHE A 59 -5.97 4.85 -0.28
N SER A 60 -6.83 3.90 0.09
CA SER A 60 -7.90 4.18 1.04
C SER A 60 -8.28 2.92 1.81
N PRO A 61 -8.90 3.11 2.98
CA PRO A 61 -9.20 4.44 3.51
C PRO A 61 -7.94 5.18 3.96
N LYS A 62 -7.93 6.48 3.74
CA LYS A 62 -6.78 7.32 4.10
C LYS A 62 -6.39 7.08 5.56
N GLU A 63 -7.30 6.49 6.32
CA GLU A 63 -7.05 6.21 7.73
C GLU A 63 -8.21 5.43 8.35
N GLY A 64 -7.94 4.77 9.47
CA GLY A 64 -8.96 3.99 10.14
C GLY A 64 -8.40 3.12 11.24
N ILE A 65 -8.98 1.93 11.40
CA ILE A 65 -8.52 1.00 12.42
C ILE A 65 -8.79 -0.45 12.01
N ILE A 66 -7.79 -1.31 12.21
CA ILE A 66 -7.92 -2.72 11.86
C ILE A 66 -8.12 -3.58 13.10
N GLU A 67 -9.33 -4.14 13.23
CA GLU A 67 -9.65 -4.99 14.37
C GLU A 67 -8.59 -6.06 14.57
N PRO A 68 -8.41 -6.51 15.82
CA PRO A 68 -7.43 -7.53 16.17
C PRO A 68 -7.82 -8.91 15.64
N SER A 69 -6.82 -9.68 15.23
CA SER A 69 -7.06 -11.02 14.69
C SER A 69 -8.02 -10.97 13.51
N GLY A 70 -7.82 -9.99 12.63
CA GLY A 70 -8.67 -9.84 11.47
C GLY A 70 -7.92 -9.33 10.26
N VAL A 71 -8.63 -8.63 9.37
CA VAL A 71 -8.02 -8.08 8.17
C VAL A 71 -8.65 -6.74 7.80
N GLN A 72 -8.15 -6.13 6.73
CA GLN A 72 -8.67 -4.85 6.28
C GLN A 72 -8.37 -4.64 4.79
N ALA A 73 -9.43 -4.54 3.99
CA ALA A 73 -9.29 -4.34 2.56
C ALA A 73 -8.81 -2.92 2.25
N ILE A 74 -7.83 -2.83 1.34
CA ILE A 74 -7.28 -1.53 0.96
C ILE A 74 -7.58 -1.23 -0.51
N GLN A 75 -8.34 -0.16 -0.74
CA GLN A 75 -8.69 0.24 -2.10
C GLN A 75 -7.55 1.02 -2.75
N ILE A 76 -7.01 0.48 -3.84
CA ILE A 76 -5.92 1.12 -4.55
C ILE A 76 -6.32 1.50 -5.97
N SER A 77 -6.05 2.74 -6.36
CA SER A 77 -6.40 3.22 -7.70
C SER A 77 -5.24 4.00 -8.31
N PHE A 78 -4.76 3.54 -9.46
CA PHE A 78 -3.65 4.19 -10.14
C PHE A 78 -4.08 4.65 -11.54
N SER A 79 -3.69 5.87 -11.89
CA SER A 79 -4.03 6.43 -13.20
C SER A 79 -3.13 7.60 -13.54
N SER A 80 -2.40 7.47 -14.65
CA SER A 80 -1.48 8.53 -15.08
C SER A 80 -1.23 8.42 -16.59
N ILE A 81 -0.79 9.54 -17.17
CA ILE A 81 -0.51 9.58 -18.61
C ILE A 81 0.99 9.41 -18.88
N ILE A 82 1.79 9.57 -17.83
CA ILE A 82 3.24 9.42 -17.96
C ILE A 82 3.63 8.00 -18.33
N LEU A 83 4.10 7.82 -19.56
CA LEU A 83 4.51 6.51 -20.04
C LEU A 83 5.86 6.10 -19.44
N GLY A 84 6.26 4.86 -19.69
CA GLY A 84 7.51 4.37 -19.17
C GLY A 84 7.38 3.72 -17.81
N ASN A 85 8.31 2.85 -17.46
CA ASN A 85 8.29 2.16 -16.18
C ASN A 85 8.43 3.15 -15.03
N PHE A 86 8.00 2.75 -13.84
CA PHE A 86 8.09 3.60 -12.66
C PHE A 86 8.13 2.76 -11.39
N GLU A 87 8.90 3.23 -10.41
CA GLU A 87 9.02 2.52 -9.14
C GLU A 87 8.78 3.45 -7.96
N GLU A 88 7.75 3.14 -7.18
CA GLU A 88 7.40 3.97 -6.02
C GLU A 88 7.32 3.11 -4.75
N GLU A 89 7.25 3.78 -3.61
CA GLU A 89 7.18 3.08 -2.33
C GLU A 89 6.23 3.80 -1.38
N PHE A 90 5.27 3.06 -0.83
CA PHE A 90 4.29 3.63 0.10
C PHE A 90 4.54 3.11 1.52
N LEU A 91 4.20 3.94 2.50
CA LEU A 91 4.38 3.57 3.90
C LEU A 91 3.07 3.73 4.67
N VAL A 92 2.95 2.99 5.78
CA VAL A 92 1.76 3.05 6.61
C VAL A 92 2.09 3.44 8.04
N ASN A 93 1.69 4.65 8.44
CA ASN A 93 1.95 5.14 9.78
C ASN A 93 1.11 4.39 10.81
N VAL A 94 1.78 3.82 11.81
CA VAL A 94 1.10 3.07 12.86
C VAL A 94 1.49 3.58 14.25
N ASN A 95 0.49 3.86 15.07
CA ASN A 95 0.73 4.35 16.42
C ASN A 95 1.45 3.30 17.27
N GLY A 96 2.66 3.63 17.72
CA GLY A 96 3.42 2.71 18.54
C GLY A 96 4.51 2.01 17.74
N SER A 97 4.10 1.24 16.73
CA SER A 97 5.04 0.51 15.91
C SER A 97 6.28 1.34 15.62
N PRO A 98 7.45 0.69 15.63
CA PRO A 98 8.74 1.35 15.37
C PRO A 98 8.88 1.80 13.92
N GLU A 99 8.48 0.92 13.00
CA GLU A 99 8.56 1.22 11.58
C GLU A 99 7.26 0.88 10.87
N PRO A 100 6.88 1.71 9.88
CA PRO A 100 5.65 1.52 9.11
C PRO A 100 5.73 0.31 8.19
N VAL A 101 4.62 0.00 7.52
CA VAL A 101 4.57 -1.13 6.60
C VAL A 101 4.90 -0.71 5.18
N LYS A 102 6.18 -0.73 4.85
CA LYS A 102 6.64 -0.35 3.51
C LYS A 102 6.05 -1.28 2.45
N LEU A 103 5.60 -0.68 1.35
CA LEU A 103 5.02 -1.46 0.26
C LEU A 103 5.53 -0.97 -1.09
N THR A 104 6.21 -1.85 -1.82
CA THR A 104 6.76 -1.52 -3.12
C THR A 104 5.84 -2.00 -4.24
N ILE A 105 5.51 -1.10 -5.16
CA ILE A 105 4.64 -1.43 -6.28
C ILE A 105 5.32 -1.12 -7.61
N ARG A 106 5.48 -2.15 -8.44
CA ARG A 106 6.12 -1.99 -9.74
C ARG A 106 5.08 -2.04 -10.86
N GLY A 107 5.20 -1.13 -11.82
CA GLY A 107 4.27 -1.10 -12.93
C GLY A 107 4.87 -0.45 -14.17
N CYS A 108 4.18 -0.58 -15.29
CA CYS A 108 4.64 -0.01 -16.55
C CYS A 108 3.49 0.63 -17.33
N VAL A 109 3.66 1.89 -17.71
CA VAL A 109 2.64 2.60 -18.46
C VAL A 109 3.03 2.76 -19.92
N ILE A 110 2.18 2.27 -20.82
CA ILE A 110 2.45 2.35 -22.25
C ILE A 110 1.25 2.96 -22.99
N GLY A 111 1.48 3.35 -24.24
CA GLY A 111 0.42 3.94 -25.03
C GLY A 111 0.54 3.60 -26.51
N PRO A 112 -0.47 4.00 -27.29
CA PRO A 112 -0.48 3.73 -28.74
C PRO A 112 0.55 4.57 -29.49
N GLY A 1 11.16 -17.80 18.22
CA GLY A 1 11.84 -16.53 18.45
C GLY A 1 12.57 -16.03 17.23
N SER A 2 11.96 -15.11 16.49
CA SER A 2 12.57 -14.56 15.28
C SER A 2 13.51 -13.41 15.63
N SER A 3 14.65 -13.36 14.96
CA SER A 3 15.64 -12.32 15.20
C SER A 3 15.56 -11.25 14.11
N GLY A 4 16.36 -10.19 14.27
CA GLY A 4 16.37 -9.11 13.30
C GLY A 4 15.68 -7.86 13.82
N SER A 5 14.38 -7.75 13.57
CA SER A 5 13.62 -6.59 14.01
C SER A 5 12.12 -6.90 14.02
N SER A 6 11.42 -6.37 15.03
CA SER A 6 9.99 -6.60 15.16
C SER A 6 9.23 -5.88 14.05
N GLY A 7 9.56 -4.61 13.83
CA GLY A 7 8.90 -3.83 12.79
C GLY A 7 7.44 -3.58 13.11
N PRO A 8 6.68 -3.15 12.10
CA PRO A 8 5.25 -2.85 12.25
C PRO A 8 4.42 -4.11 12.47
N LYS A 9 3.28 -3.96 13.13
CA LYS A 9 2.39 -5.08 13.41
C LYS A 9 1.68 -5.53 12.13
N ILE A 10 0.84 -4.66 11.58
CA ILE A 10 0.10 -4.97 10.38
C ILE A 10 1.04 -5.37 9.24
N HIS A 11 0.55 -6.22 8.34
CA HIS A 11 1.35 -6.68 7.21
C HIS A 11 0.46 -6.98 6.01
N PHE A 12 0.92 -6.59 4.83
CA PHE A 12 0.17 -6.81 3.60
C PHE A 12 0.25 -8.28 3.18
N ASN A 13 -0.83 -8.78 2.59
CA ASN A 13 -0.87 -10.16 2.14
C ASN A 13 0.38 -10.52 1.35
N PHE A 14 1.04 -9.51 0.80
CA PHE A 14 2.27 -9.73 0.03
C PHE A 14 3.26 -8.59 0.25
N GLU A 15 4.53 -8.87 0.05
CA GLU A 15 5.58 -7.87 0.22
C GLU A 15 5.61 -6.89 -0.96
N LEU A 16 5.45 -7.43 -2.16
CA LEU A 16 5.45 -6.61 -3.37
C LEU A 16 4.21 -6.87 -4.20
N LEU A 17 3.78 -5.84 -4.94
CA LEU A 17 2.60 -5.96 -5.79
C LEU A 17 2.92 -5.55 -7.22
N ASP A 18 2.79 -6.49 -8.15
CA ASP A 18 3.06 -6.22 -9.55
C ASP A 18 1.77 -5.94 -10.32
N ILE A 19 1.59 -4.68 -10.72
CA ILE A 19 0.39 -4.29 -11.45
C ILE A 19 0.53 -4.59 -12.94
N GLY A 20 1.76 -4.90 -13.37
CA GLY A 20 2.00 -5.21 -14.77
C GLY A 20 1.87 -4.00 -15.66
N LYS A 21 1.39 -4.22 -16.88
CA LYS A 21 1.22 -3.13 -17.84
C LYS A 21 -0.14 -2.45 -17.65
N VAL A 22 -0.13 -1.12 -17.63
CA VAL A 22 -1.35 -0.35 -17.46
C VAL A 22 -1.51 0.68 -18.58
N PHE A 23 -2.58 0.55 -19.35
CA PHE A 23 -2.86 1.47 -20.45
C PHE A 23 -2.85 2.91 -19.97
N THR A 24 -2.43 3.82 -20.83
CA THR A 24 -2.37 5.23 -20.49
C THR A 24 -3.75 5.87 -20.55
N GLY A 25 -4.04 6.77 -19.61
CA GLY A 25 -5.32 7.43 -19.57
C GLY A 25 -6.33 6.69 -18.74
N SER A 26 -6.47 5.38 -18.99
CA SER A 26 -7.41 4.55 -18.25
C SER A 26 -6.94 4.32 -16.82
N ALA A 27 -7.88 4.02 -15.94
CA ALA A 27 -7.56 3.77 -14.54
C ALA A 27 -7.65 2.29 -14.20
N HIS A 28 -6.91 1.87 -13.18
CA HIS A 28 -6.91 0.47 -12.77
C HIS A 28 -7.28 0.35 -11.29
N CYS A 29 -8.01 -0.71 -10.95
CA CYS A 29 -8.44 -0.94 -9.59
C CYS A 29 -7.72 -2.15 -8.98
N TYR A 30 -7.09 -1.95 -7.84
CA TYR A 30 -6.36 -3.01 -7.16
C TYR A 30 -6.89 -3.23 -5.74
N GLU A 31 -6.37 -4.25 -5.07
CA GLU A 31 -6.79 -4.57 -3.72
C GLU A 31 -5.63 -5.16 -2.91
N ALA A 32 -5.37 -4.58 -1.75
CA ALA A 32 -4.30 -5.05 -0.88
C ALA A 32 -4.81 -5.33 0.52
N ILE A 33 -4.82 -6.62 0.89
CA ILE A 33 -5.28 -7.03 2.21
C ILE A 33 -4.22 -6.77 3.27
N LEU A 34 -4.63 -6.23 4.40
CA LEU A 34 -3.71 -5.94 5.50
C LEU A 34 -4.12 -6.69 6.76
N TYR A 35 -3.30 -7.68 7.15
CA TYR A 35 -3.58 -8.47 8.33
C TYR A 35 -3.03 -7.79 9.58
N ASN A 36 -3.91 -7.49 10.52
CA ASN A 36 -3.53 -6.83 11.77
C ASN A 36 -3.06 -7.86 12.80
N LYS A 37 -1.77 -7.82 13.12
CA LYS A 37 -1.21 -8.75 14.10
C LYS A 37 -1.10 -8.10 15.48
N GLY A 38 -2.16 -7.38 15.86
CA GLY A 38 -2.17 -6.72 17.15
C GLY A 38 -3.18 -7.32 18.11
N SER A 39 -2.98 -7.09 19.41
CA SER A 39 -3.87 -7.63 20.42
C SER A 39 -5.17 -6.82 20.47
N ILE A 40 -5.09 -5.56 20.05
CA ILE A 40 -6.27 -4.69 20.05
C ILE A 40 -6.28 -3.80 18.81
N ASP A 41 -7.37 -3.07 18.63
CA ASP A 41 -7.52 -2.17 17.48
C ASP A 41 -6.17 -1.54 17.12
N ALA A 42 -5.90 -1.46 15.83
CA ALA A 42 -4.65 -0.88 15.34
C ALA A 42 -4.93 0.27 14.38
N LEU A 43 -4.46 1.46 14.73
CA LEU A 43 -4.64 2.63 13.89
C LEU A 43 -3.63 2.66 12.75
N PHE A 44 -4.14 2.86 11.53
CA PHE A 44 -3.27 2.91 10.35
C PHE A 44 -3.61 4.11 9.48
N ASN A 45 -2.65 4.52 8.67
CA ASN A 45 -2.85 5.67 7.78
C ASN A 45 -1.85 5.64 6.62
N MET A 46 -2.27 6.13 5.46
CA MET A 46 -1.42 6.16 4.29
C MET A 46 -0.69 7.50 4.18
N THR A 47 0.54 7.46 3.70
CA THR A 47 1.34 8.67 3.55
C THR A 47 1.51 9.04 2.09
N PRO A 48 1.36 10.33 1.78
CA PRO A 48 1.48 10.85 0.41
C PRO A 48 2.92 10.80 -0.09
N PRO A 49 3.11 10.23 -1.29
CA PRO A 49 4.43 10.11 -1.91
C PRO A 49 4.99 11.46 -2.35
N THR A 50 6.30 11.53 -2.50
CA THR A 50 6.96 12.76 -2.92
C THR A 50 7.08 12.84 -4.44
N SER A 51 7.26 11.68 -5.06
CA SER A 51 7.39 11.61 -6.52
C SER A 51 6.07 11.93 -7.20
N ALA A 52 6.15 12.43 -8.42
CA ALA A 52 4.96 12.78 -9.19
C ALA A 52 4.10 11.54 -9.45
N LEU A 53 4.73 10.49 -9.97
CA LEU A 53 4.03 9.25 -10.27
C LEU A 53 3.35 8.69 -9.02
N GLY A 54 4.12 8.53 -7.95
CA GLY A 54 3.58 8.01 -6.71
C GLY A 54 2.27 8.67 -6.32
N ALA A 55 2.19 9.98 -6.55
CA ALA A 55 0.99 10.74 -6.21
C ALA A 55 -0.23 10.17 -6.94
N CYS A 56 -0.08 9.94 -8.24
CA CYS A 56 -1.17 9.40 -9.05
C CYS A 56 -1.95 8.34 -8.27
N PHE A 57 -1.23 7.43 -7.63
CA PHE A 57 -1.85 6.36 -6.87
C PHE A 57 -2.73 6.93 -5.76
N VAL A 58 -3.77 6.20 -5.40
CA VAL A 58 -4.69 6.63 -4.35
C VAL A 58 -5.05 5.47 -3.43
N PHE A 59 -4.54 5.51 -2.21
CA PHE A 59 -4.81 4.47 -1.22
C PHE A 59 -5.92 4.88 -0.27
N SER A 60 -6.84 3.96 0.00
CA SER A 60 -7.96 4.23 0.89
C SER A 60 -8.38 2.96 1.63
N PRO A 61 -9.08 3.15 2.76
CA PRO A 61 -9.42 4.48 3.26
C PRO A 61 -8.20 5.24 3.78
N LYS A 62 -8.13 6.52 3.47
CA LYS A 62 -7.01 7.35 3.89
C LYS A 62 -6.56 6.98 5.30
N GLU A 63 -7.49 6.46 6.10
CA GLU A 63 -7.19 6.07 7.47
C GLU A 63 -8.34 5.27 8.07
N GLY A 64 -8.02 4.39 9.01
CA GLY A 64 -9.05 3.58 9.65
C GLY A 64 -8.47 2.65 10.70
N ILE A 65 -9.33 1.79 11.25
CA ILE A 65 -8.90 0.85 12.27
C ILE A 65 -9.01 -0.59 11.78
N ILE A 66 -8.12 -1.46 12.24
CA ILE A 66 -8.14 -2.86 11.86
C ILE A 66 -8.30 -3.77 13.07
N GLU A 67 -9.41 -4.50 13.10
CA GLU A 67 -9.69 -5.41 14.21
C GLU A 67 -8.53 -6.38 14.43
N PRO A 68 -8.36 -6.81 15.68
CA PRO A 68 -7.29 -7.75 16.05
C PRO A 68 -7.52 -9.15 15.49
N SER A 69 -6.44 -9.80 15.07
CA SER A 69 -6.52 -11.14 14.51
C SER A 69 -7.43 -11.16 13.27
N GLY A 70 -7.46 -10.03 12.57
CA GLY A 70 -8.28 -9.94 11.37
C GLY A 70 -7.53 -9.30 10.21
N VAL A 71 -8.29 -8.84 9.21
CA VAL A 71 -7.69 -8.22 8.03
C VAL A 71 -8.47 -6.97 7.63
N GLN A 72 -7.89 -6.19 6.71
CA GLN A 72 -8.53 -4.97 6.24
C GLN A 72 -8.28 -4.77 4.75
N ALA A 73 -9.34 -4.73 3.97
CA ALA A 73 -9.24 -4.54 2.52
C ALA A 73 -8.86 -3.11 2.19
N ILE A 74 -7.88 -2.94 1.32
CA ILE A 74 -7.42 -1.61 0.92
C ILE A 74 -7.68 -1.38 -0.57
N GLN A 75 -8.37 -0.29 -0.88
CA GLN A 75 -8.69 0.06 -2.26
C GLN A 75 -7.62 0.98 -2.84
N ILE A 76 -6.90 0.48 -3.84
CA ILE A 76 -5.85 1.26 -4.48
C ILE A 76 -6.23 1.62 -5.91
N SER A 77 -6.23 2.91 -6.21
CA SER A 77 -6.59 3.40 -7.54
C SER A 77 -5.45 4.22 -8.14
N PHE A 78 -4.95 3.79 -9.29
CA PHE A 78 -3.86 4.49 -9.96
C PHE A 78 -4.33 5.04 -11.31
N SER A 79 -3.66 6.11 -11.76
CA SER A 79 -4.01 6.74 -13.04
C SER A 79 -2.98 7.79 -13.41
N SER A 80 -2.25 7.54 -14.50
CA SER A 80 -1.23 8.46 -14.96
C SER A 80 -1.07 8.37 -16.48
N ILE A 81 -0.23 9.25 -17.03
CA ILE A 81 0.01 9.27 -18.47
C ILE A 81 1.51 9.28 -18.77
N ILE A 82 2.32 9.37 -17.72
CA ILE A 82 3.76 9.38 -17.88
C ILE A 82 4.30 8.01 -18.26
N LEU A 83 4.35 7.73 -19.56
CA LEU A 83 4.84 6.45 -20.05
C LEU A 83 6.22 6.14 -19.48
N GLY A 84 6.61 4.87 -19.57
CA GLY A 84 7.90 4.46 -19.05
C GLY A 84 7.81 3.80 -17.68
N ASN A 85 8.61 2.77 -17.47
CA ASN A 85 8.61 2.06 -16.20
C ASN A 85 8.66 3.03 -15.03
N PHE A 86 8.16 2.59 -13.87
CA PHE A 86 8.15 3.42 -12.68
C PHE A 86 8.10 2.57 -11.42
N GLU A 87 8.93 2.92 -10.44
CA GLU A 87 8.98 2.18 -9.18
C GLU A 87 8.86 3.13 -7.99
N GLU A 88 7.81 2.94 -7.19
CA GLU A 88 7.58 3.78 -6.03
C GLU A 88 7.28 2.92 -4.80
N GLU A 89 7.43 3.52 -3.62
CA GLU A 89 7.18 2.81 -2.37
C GLU A 89 6.27 3.63 -1.45
N PHE A 90 5.33 2.95 -0.79
CA PHE A 90 4.40 3.62 0.10
C PHE A 90 4.63 3.17 1.55
N LEU A 91 4.41 4.08 2.48
CA LEU A 91 4.59 3.79 3.90
C LEU A 91 3.29 4.02 4.68
N VAL A 92 2.93 3.05 5.51
CA VAL A 92 1.71 3.15 6.31
C VAL A 92 2.03 3.55 7.75
N ASN A 93 1.60 4.75 8.13
CA ASN A 93 1.84 5.25 9.48
C ASN A 93 0.96 4.52 10.50
N VAL A 94 1.51 4.32 11.70
CA VAL A 94 0.77 3.63 12.76
C VAL A 94 1.03 4.29 14.11
N ASN A 95 -0.01 4.38 14.92
CA ASN A 95 0.10 4.98 16.25
C ASN A 95 1.22 4.33 17.06
N GLY A 96 1.03 3.05 17.36
CA GLY A 96 2.04 2.32 18.13
C GLY A 96 2.95 1.49 17.25
N SER A 97 3.90 2.15 16.59
CA SER A 97 4.84 1.48 15.71
C SER A 97 6.04 2.36 15.40
N PRO A 98 7.23 1.76 15.39
CA PRO A 98 8.48 2.49 15.11
C PRO A 98 8.59 2.92 13.65
N GLU A 99 8.28 2.00 12.74
CA GLU A 99 8.33 2.28 11.32
C GLU A 99 7.05 1.83 10.62
N PRO A 100 6.63 2.58 9.59
CA PRO A 100 5.41 2.28 8.82
C PRO A 100 5.58 1.04 7.96
N VAL A 101 4.46 0.49 7.51
CA VAL A 101 4.48 -0.71 6.68
C VAL A 101 5.01 -0.39 5.29
N LYS A 102 6.22 -0.88 4.99
CA LYS A 102 6.85 -0.65 3.70
C LYS A 102 6.16 -1.46 2.61
N LEU A 103 5.83 -0.80 1.51
CA LEU A 103 5.16 -1.46 0.39
C LEU A 103 5.73 -0.99 -0.94
N THR A 104 6.03 -1.93 -1.83
CA THR A 104 6.58 -1.60 -3.14
C THR A 104 5.61 -2.00 -4.25
N ILE A 105 5.50 -1.13 -5.25
CA ILE A 105 4.60 -1.40 -6.38
C ILE A 105 5.29 -1.09 -7.70
N ARG A 106 5.50 -2.12 -8.51
CA ARG A 106 6.14 -1.95 -9.82
C ARG A 106 5.12 -2.06 -10.95
N GLY A 107 5.26 -1.20 -11.95
CA GLY A 107 4.34 -1.23 -13.08
C GLY A 107 4.90 -0.50 -14.29
N CYS A 108 4.32 -0.78 -15.45
CA CYS A 108 4.77 -0.15 -16.70
C CYS A 108 3.60 0.53 -17.41
N VAL A 109 3.75 1.82 -17.67
CA VAL A 109 2.72 2.58 -18.35
C VAL A 109 2.94 2.61 -19.86
N ILE A 110 1.97 2.09 -20.61
CA ILE A 110 2.07 2.05 -22.07
C ILE A 110 1.02 2.94 -22.71
N GLY A 111 1.13 3.12 -24.02
CA GLY A 111 0.19 3.96 -24.74
C GLY A 111 -0.19 3.39 -26.09
N PRO A 112 -1.20 3.98 -26.73
CA PRO A 112 -1.68 3.54 -28.04
C PRO A 112 -0.67 3.84 -29.15
N GLY A 1 12.16 -20.65 22.01
CA GLY A 1 12.31 -19.29 21.55
C GLY A 1 13.08 -19.19 20.25
N SER A 2 12.66 -18.30 19.36
CA SER A 2 13.31 -18.12 18.08
C SER A 2 13.37 -16.65 17.70
N SER A 3 14.54 -16.18 17.29
CA SER A 3 14.73 -14.78 16.89
C SER A 3 14.00 -14.49 15.58
N GLY A 4 13.39 -13.31 15.49
CA GLY A 4 12.68 -12.94 14.29
C GLY A 4 11.89 -11.65 14.47
N SER A 5 12.59 -10.52 14.42
CA SER A 5 11.95 -9.22 14.58
C SER A 5 11.80 -8.52 13.23
N SER A 6 10.62 -7.94 12.99
CA SER A 6 10.35 -7.25 11.74
C SER A 6 10.07 -5.77 12.00
N GLY A 7 9.12 -5.50 12.89
CA GLY A 7 8.78 -4.13 13.20
C GLY A 7 7.29 -3.95 13.47
N PRO A 8 6.54 -3.54 12.44
CA PRO A 8 5.09 -3.32 12.56
C PRO A 8 4.32 -4.63 12.71
N LYS A 9 3.15 -4.54 13.32
CA LYS A 9 2.31 -5.72 13.53
C LYS A 9 1.54 -6.08 12.26
N ILE A 10 0.95 -5.08 11.63
CA ILE A 10 0.20 -5.29 10.40
C ILE A 10 1.11 -5.72 9.25
N HIS A 11 0.51 -6.19 8.17
CA HIS A 11 1.26 -6.63 7.01
C HIS A 11 0.33 -6.97 5.85
N PHE A 12 0.68 -6.51 4.65
CA PHE A 12 -0.13 -6.76 3.47
C PHE A 12 -0.08 -8.24 3.09
N ASN A 13 -1.23 -8.79 2.70
CA ASN A 13 -1.33 -10.19 2.31
C ASN A 13 -0.10 -10.61 1.50
N PHE A 14 0.52 -9.65 0.83
CA PHE A 14 1.70 -9.92 0.02
C PHE A 14 2.79 -8.87 0.29
N GLU A 15 3.98 -9.12 -0.26
CA GLU A 15 5.10 -8.21 -0.09
C GLU A 15 5.01 -7.04 -1.09
N LEU A 16 5.05 -7.37 -2.37
CA LEU A 16 4.97 -6.36 -3.42
C LEU A 16 3.77 -6.60 -4.33
N LEU A 17 3.25 -5.53 -4.91
CA LEU A 17 2.10 -5.63 -5.80
C LEU A 17 2.50 -5.31 -7.24
N ASP A 18 2.53 -6.34 -8.08
CA ASP A 18 2.90 -6.17 -9.48
C ASP A 18 1.65 -5.99 -10.34
N ILE A 19 1.44 -4.77 -10.82
CA ILE A 19 0.29 -4.47 -11.65
C ILE A 19 0.59 -4.74 -13.13
N GLY A 20 1.71 -5.42 -13.38
CA GLY A 20 2.09 -5.73 -14.75
C GLY A 20 1.91 -4.55 -15.68
N LYS A 21 1.47 -4.82 -16.90
CA LYS A 21 1.25 -3.78 -17.89
C LYS A 21 -0.04 -3.02 -17.62
N VAL A 22 0.03 -1.69 -17.67
CA VAL A 22 -1.13 -0.85 -17.43
C VAL A 22 -1.29 0.20 -18.52
N PHE A 23 -2.37 0.09 -19.29
CA PHE A 23 -2.63 1.03 -20.36
C PHE A 23 -2.53 2.47 -19.87
N THR A 24 -2.18 3.39 -20.77
CA THR A 24 -2.05 4.80 -20.43
C THR A 24 -3.41 5.46 -20.30
N GLY A 25 -3.45 6.56 -19.55
CA GLY A 25 -4.70 7.28 -19.35
C GLY A 25 -5.85 6.35 -19.04
N SER A 26 -5.61 5.38 -18.17
CA SER A 26 -6.64 4.42 -17.78
C SER A 26 -6.55 4.08 -16.30
N ALA A 27 -7.70 3.99 -15.65
CA ALA A 27 -7.75 3.68 -14.22
C ALA A 27 -7.92 2.18 -14.00
N HIS A 28 -6.97 1.58 -13.29
CA HIS A 28 -7.01 0.15 -13.00
C HIS A 28 -7.64 -0.11 -11.64
N CYS A 29 -7.97 -1.37 -11.38
CA CYS A 29 -8.58 -1.75 -10.11
C CYS A 29 -7.65 -2.66 -9.31
N TYR A 30 -7.18 -2.16 -8.17
CA TYR A 30 -6.28 -2.92 -7.31
C TYR A 30 -6.73 -2.89 -5.86
N GLU A 31 -6.57 -4.01 -5.17
CA GLU A 31 -6.97 -4.10 -3.76
C GLU A 31 -5.88 -4.78 -2.94
N ALA A 32 -5.49 -4.14 -1.84
CA ALA A 32 -4.47 -4.69 -0.96
C ALA A 32 -5.01 -4.92 0.45
N ILE A 33 -4.97 -6.17 0.90
CA ILE A 33 -5.46 -6.52 2.22
C ILE A 33 -4.35 -6.43 3.26
N LEU A 34 -4.65 -5.80 4.39
CA LEU A 34 -3.68 -5.65 5.47
C LEU A 34 -4.09 -6.46 6.70
N TYR A 35 -3.33 -7.50 7.00
CA TYR A 35 -3.62 -8.35 8.15
C TYR A 35 -3.03 -7.76 9.42
N ASN A 36 -3.88 -7.55 10.43
CA ASN A 36 -3.45 -6.99 11.69
C ASN A 36 -2.98 -8.09 12.65
N LYS A 37 -1.70 -8.08 12.97
CA LYS A 37 -1.13 -9.08 13.88
C LYS A 37 -0.81 -8.45 15.24
N GLY A 38 -1.72 -7.65 15.75
CA GLY A 38 -1.52 -7.01 17.04
C GLY A 38 -2.35 -7.64 18.13
N SER A 39 -2.46 -6.96 19.27
CA SER A 39 -3.23 -7.46 20.40
C SER A 39 -4.60 -6.81 20.46
N ILE A 40 -4.63 -5.49 20.31
CA ILE A 40 -5.88 -4.74 20.35
C ILE A 40 -6.05 -3.89 19.10
N ASP A 41 -7.25 -3.34 18.92
CA ASP A 41 -7.54 -2.50 17.76
C ASP A 41 -6.32 -1.67 17.38
N ALA A 42 -5.74 -1.99 16.21
CA ALA A 42 -4.58 -1.29 15.72
C ALA A 42 -4.96 -0.23 14.69
N LEU A 43 -4.22 0.87 14.67
CA LEU A 43 -4.49 1.96 13.73
C LEU A 43 -3.57 1.86 12.51
N PHE A 44 -4.03 2.40 11.38
CA PHE A 44 -3.26 2.37 10.15
C PHE A 44 -3.56 3.59 9.30
N ASN A 45 -2.52 4.20 8.75
CA ASN A 45 -2.67 5.38 7.91
C ASN A 45 -1.65 5.38 6.76
N MET A 46 -2.06 5.93 5.62
CA MET A 46 -1.19 5.98 4.45
C MET A 46 -0.52 7.35 4.33
N THR A 47 0.78 7.35 4.09
CA THR A 47 1.53 8.60 3.95
C THR A 47 1.50 9.11 2.52
N PRO A 48 1.29 10.42 2.37
CA PRO A 48 1.24 11.07 1.05
C PRO A 48 2.60 11.09 0.35
N PRO A 49 2.60 10.74 -0.95
CA PRO A 49 3.83 10.71 -1.75
C PRO A 49 4.37 12.11 -2.02
N THR A 50 5.60 12.17 -2.52
CA THR A 50 6.24 13.45 -2.83
C THR A 50 6.79 13.46 -4.25
N SER A 51 6.01 12.93 -5.19
CA SER A 51 6.42 12.89 -6.58
C SER A 51 5.21 12.97 -7.51
N ALA A 52 5.46 13.21 -8.79
CA ALA A 52 4.39 13.33 -9.77
C ALA A 52 3.69 11.98 -9.97
N LEU A 53 4.47 10.95 -10.28
CA LEU A 53 3.92 9.62 -10.49
C LEU A 53 3.44 9.00 -9.17
N GLY A 54 4.26 9.13 -8.14
CA GLY A 54 3.91 8.59 -6.84
C GLY A 54 2.58 9.13 -6.34
N ALA A 55 2.29 10.38 -6.66
CA ALA A 55 1.05 11.01 -6.24
C ALA A 55 -0.10 10.66 -7.20
N CYS A 56 -0.03 9.48 -7.79
CA CYS A 56 -1.06 9.04 -8.73
C CYS A 56 -1.88 7.89 -8.13
N PHE A 57 -1.30 7.20 -7.16
CA PHE A 57 -1.98 6.09 -6.51
C PHE A 57 -2.88 6.59 -5.38
N VAL A 58 -4.16 6.24 -5.45
CA VAL A 58 -5.12 6.64 -4.43
C VAL A 58 -5.38 5.51 -3.44
N PHE A 59 -4.78 5.62 -2.26
CA PHE A 59 -4.94 4.61 -1.23
C PHE A 59 -6.05 5.01 -0.25
N SER A 60 -6.92 4.06 0.07
CA SER A 60 -8.03 4.32 0.98
C SER A 60 -8.45 3.04 1.69
N PRO A 61 -9.13 3.19 2.83
CA PRO A 61 -9.44 4.50 3.41
C PRO A 61 -8.18 5.22 3.91
N LYS A 62 -8.13 6.53 3.71
CA LYS A 62 -7.00 7.33 4.15
C LYS A 62 -6.50 6.86 5.51
N GLU A 63 -7.43 6.39 6.34
CA GLU A 63 -7.08 5.91 7.67
C GLU A 63 -8.24 5.13 8.29
N GLY A 64 -7.91 4.25 9.24
CA GLY A 64 -8.93 3.45 9.89
C GLY A 64 -8.37 2.56 10.97
N ILE A 65 -9.18 1.61 11.43
CA ILE A 65 -8.74 0.69 12.49
C ILE A 65 -8.90 -0.76 12.05
N ILE A 66 -7.86 -1.56 12.26
CA ILE A 66 -7.88 -2.97 11.89
C ILE A 66 -7.96 -3.86 13.12
N GLU A 67 -9.16 -4.34 13.43
CA GLU A 67 -9.36 -5.20 14.59
C GLU A 67 -8.26 -6.26 14.67
N PRO A 68 -7.97 -6.72 15.90
CA PRO A 68 -6.95 -7.74 16.15
C PRO A 68 -7.36 -9.10 15.62
N SER A 69 -6.42 -9.79 14.96
CA SER A 69 -6.69 -11.11 14.41
C SER A 69 -7.65 -11.02 13.24
N GLY A 70 -7.59 -9.91 12.50
CA GLY A 70 -8.46 -9.72 11.36
C GLY A 70 -7.72 -9.19 10.15
N VAL A 71 -8.45 -8.51 9.27
CA VAL A 71 -7.84 -7.95 8.06
C VAL A 71 -8.59 -6.70 7.61
N GLN A 72 -7.97 -5.92 6.72
CA GLN A 72 -8.57 -4.70 6.21
C GLN A 72 -8.34 -4.56 4.72
N ALA A 73 -9.40 -4.25 3.99
CA ALA A 73 -9.31 -4.09 2.53
C ALA A 73 -8.91 -2.67 2.16
N ILE A 74 -7.82 -2.54 1.43
CA ILE A 74 -7.33 -1.23 1.00
C ILE A 74 -7.56 -1.01 -0.48
N GLN A 75 -8.35 0.02 -0.81
CA GLN A 75 -8.65 0.34 -2.19
C GLN A 75 -7.50 1.12 -2.83
N ILE A 76 -7.00 0.60 -3.96
CA ILE A 76 -5.90 1.23 -4.66
C ILE A 76 -6.29 1.55 -6.11
N SER A 77 -6.52 2.83 -6.38
CA SER A 77 -6.90 3.27 -7.73
C SER A 77 -5.80 4.10 -8.36
N PHE A 78 -5.08 3.50 -9.31
CA PHE A 78 -3.99 4.18 -9.99
C PHE A 78 -4.44 4.68 -11.36
N SER A 79 -3.86 5.78 -11.82
CA SER A 79 -4.19 6.35 -13.11
C SER A 79 -3.27 7.52 -13.45
N SER A 80 -2.40 7.31 -14.43
CA SER A 80 -1.45 8.34 -14.85
C SER A 80 -1.29 8.34 -16.37
N ILE A 81 -0.52 9.30 -16.87
CA ILE A 81 -0.28 9.41 -18.31
C ILE A 81 1.21 9.57 -18.60
N ILE A 82 2.04 9.09 -17.68
CA ILE A 82 3.49 9.18 -17.84
C ILE A 82 4.09 7.82 -18.22
N LEU A 83 4.22 7.58 -19.52
CA LEU A 83 4.78 6.32 -20.01
C LEU A 83 6.15 6.07 -19.40
N GLY A 84 6.60 4.82 -19.47
CA GLY A 84 7.90 4.46 -18.92
C GLY A 84 7.79 3.75 -17.59
N ASN A 85 8.81 2.97 -17.26
CA ASN A 85 8.82 2.23 -16.00
C ASN A 85 8.87 3.17 -14.80
N PHE A 86 8.17 2.82 -13.74
CA PHE A 86 8.14 3.63 -12.53
C PHE A 86 8.24 2.77 -11.28
N GLU A 87 9.03 3.22 -10.33
CA GLU A 87 9.23 2.49 -9.07
C GLU A 87 9.03 3.40 -7.87
N GLU A 88 7.94 3.20 -7.15
CA GLU A 88 7.64 4.01 -5.97
C GLU A 88 7.41 3.12 -4.74
N GLU A 89 7.53 3.72 -3.57
CA GLU A 89 7.34 2.99 -2.31
C GLU A 89 6.54 3.81 -1.31
N PHE A 90 5.43 3.25 -0.84
CA PHE A 90 4.58 3.94 0.12
C PHE A 90 4.79 3.38 1.53
N LEU A 91 4.34 4.13 2.52
CA LEU A 91 4.47 3.71 3.92
C LEU A 91 3.13 3.77 4.63
N VAL A 92 2.98 2.96 5.68
CA VAL A 92 1.75 2.93 6.45
C VAL A 92 2.02 3.20 7.92
N ASN A 93 1.54 4.35 8.40
CA ASN A 93 1.72 4.73 9.80
C ASN A 93 0.84 3.90 10.72
N VAL A 94 1.37 3.54 11.88
CA VAL A 94 0.64 2.74 12.84
C VAL A 94 0.82 3.27 14.26
N ASN A 95 -0.24 3.83 14.83
CA ASN A 95 -0.19 4.37 16.18
C ASN A 95 0.46 3.38 17.14
N GLY A 96 1.73 3.61 17.45
CA GLY A 96 2.44 2.72 18.36
C GLY A 96 3.27 1.69 17.63
N SER A 97 3.98 2.11 16.59
CA SER A 97 4.81 1.21 15.81
C SER A 97 6.19 1.81 15.57
N PRO A 98 7.21 0.95 15.57
CA PRO A 98 8.61 1.37 15.36
C PRO A 98 8.86 1.83 13.92
N GLU A 99 8.46 0.99 12.97
CA GLU A 99 8.65 1.31 11.55
C GLU A 99 7.36 1.05 10.77
N PRO A 100 7.09 1.92 9.78
CA PRO A 100 5.89 1.81 8.94
C PRO A 100 5.96 0.62 7.99
N VAL A 101 4.79 0.19 7.52
CA VAL A 101 4.73 -0.95 6.60
C VAL A 101 5.21 -0.56 5.21
N LYS A 102 6.47 -0.87 4.91
CA LYS A 102 7.06 -0.56 3.62
C LYS A 102 6.33 -1.31 2.50
N LEU A 103 5.94 -0.58 1.46
CA LEU A 103 5.25 -1.18 0.33
C LEU A 103 5.88 -0.75 -0.98
N THR A 104 6.07 -1.71 -1.89
CA THR A 104 6.67 -1.43 -3.18
C THR A 104 5.72 -1.80 -4.32
N ILE A 105 5.49 -0.85 -5.22
CA ILE A 105 4.60 -1.08 -6.36
C ILE A 105 5.31 -0.82 -7.68
N ARG A 106 5.47 -1.86 -8.48
CA ARG A 106 6.13 -1.74 -9.78
C ARG A 106 5.13 -1.89 -10.92
N GLY A 107 5.21 -0.98 -11.89
CA GLY A 107 4.30 -1.03 -13.03
C GLY A 107 4.91 -0.44 -14.27
N CYS A 108 4.29 -0.72 -15.42
CA CYS A 108 4.78 -0.20 -16.69
C CYS A 108 3.66 0.47 -17.48
N VAL A 109 3.76 1.79 -17.63
CA VAL A 109 2.75 2.56 -18.36
C VAL A 109 3.03 2.55 -19.86
N ILE A 110 2.10 2.00 -20.63
CA ILE A 110 2.25 1.94 -22.08
C ILE A 110 1.03 2.52 -22.78
N GLY A 111 1.19 2.86 -24.06
CA GLY A 111 0.10 3.42 -24.82
C GLY A 111 -0.02 2.79 -26.20
N PRO A 112 -0.76 3.47 -27.09
CA PRO A 112 -0.98 2.99 -28.46
C PRO A 112 0.29 3.08 -29.31
N GLY A 1 6.41 -17.10 16.72
CA GLY A 1 7.12 -17.90 15.74
C GLY A 1 7.40 -17.14 14.46
N SER A 2 7.78 -15.88 14.58
CA SER A 2 8.06 -15.04 13.42
C SER A 2 9.54 -15.09 13.07
N SER A 3 9.83 -15.12 11.77
CA SER A 3 11.21 -15.18 11.29
C SER A 3 11.52 -13.98 10.39
N GLY A 4 12.71 -13.42 10.56
CA GLY A 4 13.12 -12.29 9.76
C GLY A 4 12.88 -10.97 10.46
N SER A 5 12.33 -10.00 9.73
CA SER A 5 12.05 -8.68 10.30
C SER A 5 10.57 -8.53 10.63
N SER A 6 10.28 -8.21 11.88
CA SER A 6 8.91 -8.03 12.32
C SER A 6 8.73 -6.69 13.04
N GLY A 7 8.66 -5.62 12.27
CA GLY A 7 8.49 -4.30 12.85
C GLY A 7 7.08 -4.05 13.33
N PRO A 8 6.26 -3.43 12.48
CA PRO A 8 4.86 -3.13 12.81
C PRO A 8 4.00 -4.38 12.89
N LYS A 9 2.83 -4.24 13.51
CA LYS A 9 1.91 -5.36 13.66
C LYS A 9 1.23 -5.69 12.34
N ILE A 10 0.52 -4.72 11.78
CA ILE A 10 -0.17 -4.91 10.51
C ILE A 10 0.81 -5.33 9.41
N HIS A 11 0.30 -6.10 8.45
CA HIS A 11 1.13 -6.58 7.34
C HIS A 11 0.28 -6.83 6.10
N PHE A 12 0.85 -6.55 4.93
CA PHE A 12 0.14 -6.76 3.68
C PHE A 12 0.24 -8.21 3.22
N ASN A 13 -0.85 -8.71 2.64
CA ASN A 13 -0.89 -10.08 2.17
C ASN A 13 0.36 -10.42 1.37
N PHE A 14 0.99 -9.40 0.80
CA PHE A 14 2.20 -9.60 0.01
C PHE A 14 3.19 -8.46 0.26
N GLU A 15 4.43 -8.64 -0.21
CA GLU A 15 5.47 -7.63 -0.05
C GLU A 15 5.44 -6.63 -1.19
N LEU A 16 5.47 -7.14 -2.42
CA LEU A 16 5.46 -6.29 -3.60
C LEU A 16 4.24 -6.59 -4.47
N LEU A 17 3.60 -5.53 -4.96
CA LEU A 17 2.43 -5.69 -5.82
C LEU A 17 2.73 -5.26 -7.25
N ASP A 18 3.07 -6.23 -8.09
CA ASP A 18 3.39 -5.96 -9.48
C ASP A 18 2.11 -5.79 -10.30
N ILE A 19 1.84 -4.56 -10.73
CA ILE A 19 0.65 -4.26 -11.51
C ILE A 19 0.91 -4.51 -13.00
N GLY A 20 2.06 -5.09 -13.31
CA GLY A 20 2.40 -5.38 -14.68
C GLY A 20 2.25 -4.16 -15.59
N LYS A 21 1.74 -4.38 -16.79
CA LYS A 21 1.54 -3.30 -17.75
C LYS A 21 0.17 -2.65 -17.58
N VAL A 22 0.11 -1.34 -17.75
CA VAL A 22 -1.14 -0.61 -17.62
C VAL A 22 -1.36 0.34 -18.79
N PHE A 23 -2.57 0.35 -19.33
CA PHE A 23 -2.90 1.21 -20.46
C PHE A 23 -2.85 2.68 -20.06
N THR A 24 -2.26 3.50 -20.91
CA THR A 24 -2.13 4.93 -20.65
C THR A 24 -3.49 5.60 -20.62
N GLY A 25 -3.64 6.61 -19.76
CA GLY A 25 -4.91 7.32 -19.66
C GLY A 25 -6.05 6.41 -19.27
N SER A 26 -5.97 5.83 -18.07
CA SER A 26 -7.01 4.93 -17.58
C SER A 26 -6.79 4.62 -16.10
N ALA A 27 -7.89 4.36 -15.40
CA ALA A 27 -7.82 4.05 -13.98
C ALA A 27 -7.93 2.54 -13.74
N HIS A 28 -6.94 1.99 -13.06
CA HIS A 28 -6.92 0.56 -12.77
C HIS A 28 -7.49 0.28 -11.39
N CYS A 29 -7.91 -0.96 -11.17
CA CYS A 29 -8.48 -1.36 -9.88
C CYS A 29 -7.60 -2.40 -9.20
N TYR A 30 -7.11 -2.06 -8.01
CA TYR A 30 -6.25 -2.96 -7.26
C TYR A 30 -6.73 -3.08 -5.80
N GLU A 31 -6.45 -4.22 -5.18
CA GLU A 31 -6.85 -4.46 -3.80
C GLU A 31 -5.66 -4.94 -2.97
N ALA A 32 -5.56 -4.42 -1.75
CA ALA A 32 -4.47 -4.80 -0.85
C ALA A 32 -5.00 -5.13 0.54
N ILE A 33 -4.95 -6.40 0.91
CA ILE A 33 -5.42 -6.83 2.22
C ILE A 33 -4.34 -6.65 3.28
N LEU A 34 -4.73 -6.08 4.42
CA LEU A 34 -3.79 -5.85 5.52
C LEU A 34 -4.22 -6.62 6.76
N TYR A 35 -3.38 -7.56 7.18
CA TYR A 35 -3.67 -8.36 8.36
C TYR A 35 -3.08 -7.72 9.62
N ASN A 36 -3.96 -7.40 10.58
CA ASN A 36 -3.53 -6.79 11.83
C ASN A 36 -3.09 -7.84 12.83
N LYS A 37 -1.79 -7.92 13.08
CA LYS A 37 -1.24 -8.87 14.03
C LYS A 37 -1.08 -8.25 15.41
N GLY A 38 -2.09 -7.50 15.84
CA GLY A 38 -2.04 -6.86 17.14
C GLY A 38 -3.04 -7.45 18.11
N SER A 39 -2.82 -7.21 19.40
CA SER A 39 -3.70 -7.72 20.44
C SER A 39 -4.94 -6.84 20.59
N ILE A 40 -4.78 -5.55 20.32
CA ILE A 40 -5.89 -4.61 20.42
C ILE A 40 -6.00 -3.76 19.15
N ASP A 41 -7.17 -3.16 18.96
CA ASP A 41 -7.41 -2.32 17.79
C ASP A 41 -6.14 -1.57 17.39
N ALA A 42 -5.73 -1.74 16.14
CA ALA A 42 -4.54 -1.08 15.64
C ALA A 42 -4.90 0.02 14.64
N LEU A 43 -4.31 1.20 14.83
CA LEU A 43 -4.57 2.33 13.95
C LEU A 43 -3.56 2.38 12.80
N PHE A 44 -4.08 2.43 11.57
CA PHE A 44 -3.23 2.48 10.40
C PHE A 44 -3.54 3.70 9.54
N ASN A 45 -2.49 4.34 9.02
CA ASN A 45 -2.66 5.52 8.19
C ASN A 45 -1.65 5.54 7.05
N MET A 46 -2.11 5.94 5.86
CA MET A 46 -1.23 6.00 4.70
C MET A 46 -0.57 7.37 4.58
N THR A 47 0.70 7.38 4.19
CA THR A 47 1.44 8.62 4.04
C THR A 47 1.48 9.07 2.58
N PRO A 48 1.19 10.36 2.35
CA PRO A 48 1.18 10.94 1.01
C PRO A 48 2.58 11.05 0.42
N PRO A 49 2.76 10.51 -0.80
CA PRO A 49 4.04 10.54 -1.50
C PRO A 49 4.42 11.93 -1.96
N THR A 50 5.67 12.09 -2.39
CA THR A 50 6.16 13.38 -2.87
C THR A 50 6.75 13.26 -4.27
N SER A 51 6.21 12.35 -5.06
CA SER A 51 6.69 12.13 -6.42
C SER A 51 5.56 12.32 -7.43
N ALA A 52 5.92 12.38 -8.71
CA ALA A 52 4.94 12.55 -9.76
C ALA A 52 3.98 11.37 -9.83
N LEU A 53 4.53 10.17 -10.01
CA LEU A 53 3.73 8.95 -10.08
C LEU A 53 3.07 8.66 -8.74
N GLY A 54 3.88 8.55 -7.70
CA GLY A 54 3.36 8.28 -6.38
C GLY A 54 2.09 9.05 -6.08
N ALA A 55 2.13 10.35 -6.26
CA ALA A 55 0.97 11.20 -6.01
C ALA A 55 -0.28 10.63 -6.68
N CYS A 56 -0.15 10.25 -7.95
CA CYS A 56 -1.27 9.69 -8.69
C CYS A 56 -1.97 8.61 -7.89
N PHE A 57 -1.22 7.57 -7.52
CA PHE A 57 -1.79 6.46 -6.75
C PHE A 57 -2.72 6.98 -5.65
N VAL A 58 -3.77 6.21 -5.36
CA VAL A 58 -4.73 6.59 -4.34
C VAL A 58 -5.04 5.42 -3.41
N PHE A 59 -4.62 5.55 -2.15
CA PHE A 59 -4.85 4.50 -1.16
C PHE A 59 -5.96 4.90 -0.20
N SER A 60 -6.86 3.95 0.09
CA SER A 60 -7.96 4.21 1.00
C SER A 60 -8.39 2.93 1.72
N PRO A 61 -9.08 3.09 2.86
CA PRO A 61 -9.43 4.41 3.39
C PRO A 61 -8.21 5.16 3.91
N LYS A 62 -8.15 6.46 3.63
CA LYS A 62 -7.04 7.30 4.07
C LYS A 62 -6.56 6.86 5.45
N GLU A 63 -7.48 6.34 6.26
CA GLU A 63 -7.13 5.88 7.60
C GLU A 63 -8.30 5.12 8.24
N GLY A 64 -7.98 4.20 9.14
CA GLY A 64 -9.01 3.42 9.81
C GLY A 64 -8.44 2.49 10.85
N ILE A 65 -9.32 1.71 11.48
CA ILE A 65 -8.90 0.76 12.51
C ILE A 65 -9.07 -0.68 12.04
N ILE A 66 -8.05 -1.51 12.26
CA ILE A 66 -8.11 -2.90 11.86
C ILE A 66 -8.15 -3.82 13.08
N GLU A 67 -9.34 -4.27 13.43
CA GLU A 67 -9.52 -5.16 14.58
C GLU A 67 -8.38 -6.15 14.67
N PRO A 68 -8.09 -6.60 15.91
CA PRO A 68 -7.01 -7.56 16.17
C PRO A 68 -7.33 -8.96 15.62
N SER A 69 -6.35 -9.57 14.97
CA SER A 69 -6.52 -10.89 14.39
C SER A 69 -7.51 -10.86 13.23
N GLY A 70 -7.54 -9.73 12.53
CA GLY A 70 -8.45 -9.58 11.39
C GLY A 70 -7.75 -9.03 10.17
N VAL A 71 -8.54 -8.60 9.19
CA VAL A 71 -8.00 -8.04 7.95
C VAL A 71 -8.78 -6.81 7.51
N GLN A 72 -8.15 -6.00 6.68
CA GLN A 72 -8.79 -4.78 6.18
C GLN A 72 -8.47 -4.56 4.70
N ALA A 73 -9.50 -4.61 3.86
CA ALA A 73 -9.33 -4.42 2.43
C ALA A 73 -8.95 -2.97 2.11
N ILE A 74 -7.81 -2.80 1.44
CA ILE A 74 -7.33 -1.47 1.09
C ILE A 74 -7.57 -1.19 -0.39
N GLN A 75 -8.37 -0.16 -0.68
CA GLN A 75 -8.68 0.21 -2.05
C GLN A 75 -7.55 1.05 -2.65
N ILE A 76 -6.97 0.56 -3.73
CA ILE A 76 -5.88 1.26 -4.40
C ILE A 76 -6.25 1.61 -5.84
N SER A 77 -6.07 2.87 -6.21
CA SER A 77 -6.39 3.35 -7.54
C SER A 77 -5.23 4.14 -8.13
N PHE A 78 -4.81 3.78 -9.34
CA PHE A 78 -3.72 4.46 -10.02
C PHE A 78 -4.09 4.82 -11.45
N SER A 79 -3.66 5.98 -11.90
CA SER A 79 -3.95 6.44 -13.26
C SER A 79 -3.00 7.55 -13.69
N SER A 80 -2.20 7.28 -14.71
CA SER A 80 -1.24 8.26 -15.20
C SER A 80 -1.06 8.12 -16.71
N ILE A 81 -0.55 9.19 -17.34
CA ILE A 81 -0.32 9.18 -18.78
C ILE A 81 1.15 9.37 -19.11
N ILE A 82 2.01 8.99 -18.16
CA ILE A 82 3.45 9.11 -18.35
C ILE A 82 4.07 7.75 -18.70
N LEU A 83 4.11 7.44 -19.99
CA LEU A 83 4.68 6.18 -20.46
C LEU A 83 6.05 5.94 -19.83
N GLY A 84 6.49 4.68 -19.85
CA GLY A 84 7.78 4.34 -19.28
C GLY A 84 7.66 3.68 -17.92
N ASN A 85 8.55 2.74 -17.64
CA ASN A 85 8.54 2.03 -16.37
C ASN A 85 8.64 3.01 -15.20
N PHE A 86 8.08 2.62 -14.06
CA PHE A 86 8.10 3.46 -12.86
C PHE A 86 8.05 2.61 -11.60
N GLU A 87 8.86 2.98 -10.61
CA GLU A 87 8.90 2.25 -9.35
C GLU A 87 8.70 3.20 -8.17
N GLU A 88 7.64 2.97 -7.40
CA GLU A 88 7.34 3.80 -6.24
C GLU A 88 6.94 2.94 -5.05
N GLU A 89 7.28 3.41 -3.85
CA GLU A 89 6.94 2.68 -2.64
C GLU A 89 6.14 3.56 -1.68
N PHE A 90 5.21 2.95 -0.95
CA PHE A 90 4.37 3.67 -0.01
C PHE A 90 4.60 3.17 1.41
N LEU A 91 4.40 4.05 2.38
CA LEU A 91 4.59 3.71 3.79
C LEU A 91 3.30 3.93 4.58
N VAL A 92 3.15 3.19 5.67
CA VAL A 92 1.97 3.32 6.52
C VAL A 92 2.35 3.74 7.93
N ASN A 93 2.03 4.99 8.27
CA ASN A 93 2.34 5.51 9.60
C ASN A 93 1.35 4.99 10.64
N VAL A 94 1.79 4.03 11.44
CA VAL A 94 0.95 3.45 12.48
C VAL A 94 1.18 4.13 13.82
N ASN A 95 0.09 4.36 14.55
CA ASN A 95 0.18 5.01 15.86
C ASN A 95 0.89 4.11 16.87
N GLY A 96 2.03 4.58 17.37
CA GLY A 96 2.79 3.81 18.33
C GLY A 96 3.55 2.67 17.68
N SER A 97 4.09 2.90 16.49
CA SER A 97 4.85 1.90 15.76
C SER A 97 6.26 2.38 15.45
N PRO A 98 7.23 1.45 15.55
CA PRO A 98 8.63 1.77 15.29
C PRO A 98 8.90 2.04 13.81
N GLU A 99 8.37 1.17 12.95
CA GLU A 99 8.56 1.33 11.51
C GLU A 99 7.24 1.08 10.77
N PRO A 100 6.97 1.91 9.75
CA PRO A 100 5.75 1.80 8.94
C PRO A 100 5.76 0.57 8.05
N VAL A 101 4.62 0.28 7.43
CA VAL A 101 4.50 -0.87 6.55
C VAL A 101 4.90 -0.53 5.13
N LYS A 102 6.12 -0.89 4.76
CA LYS A 102 6.63 -0.62 3.42
C LYS A 102 5.82 -1.37 2.37
N LEU A 103 5.54 -0.71 1.26
CA LEU A 103 4.77 -1.32 0.17
C LEU A 103 5.31 -0.87 -1.18
N THR A 104 6.01 -1.77 -1.86
CA THR A 104 6.57 -1.49 -3.18
C THR A 104 5.62 -1.90 -4.29
N ILE A 105 5.53 -1.07 -5.32
CA ILE A 105 4.66 -1.35 -6.45
C ILE A 105 5.39 -1.14 -7.78
N ARG A 106 5.55 -2.21 -8.54
CA ARG A 106 6.23 -2.14 -9.83
C ARG A 106 5.23 -2.27 -10.98
N GLY A 107 5.39 -1.42 -11.98
CA GLY A 107 4.49 -1.45 -13.13
C GLY A 107 5.08 -0.79 -14.35
N CYS A 108 4.34 -0.80 -15.45
CA CYS A 108 4.81 -0.20 -16.70
C CYS A 108 3.65 0.42 -17.46
N VAL A 109 3.79 1.70 -17.80
CA VAL A 109 2.74 2.41 -18.54
C VAL A 109 2.99 2.34 -20.05
N ILE A 110 2.02 1.78 -20.76
CA ILE A 110 2.13 1.65 -22.22
C ILE A 110 0.97 2.35 -22.92
N GLY A 111 1.04 2.40 -24.24
CA GLY A 111 -0.01 3.05 -25.01
C GLY A 111 -0.31 2.33 -26.31
N PRO A 112 -1.43 2.71 -26.95
CA PRO A 112 -1.85 2.10 -28.22
C PRO A 112 -0.93 2.46 -29.37
N GLY A 1 12.24 -20.34 15.23
CA GLY A 1 11.68 -19.01 15.37
C GLY A 1 12.59 -17.93 14.87
N SER A 2 12.52 -16.75 15.48
CA SER A 2 13.34 -15.62 15.09
C SER A 2 13.20 -15.33 13.59
N SER A 3 11.95 -15.29 13.13
CA SER A 3 11.68 -15.03 11.71
C SER A 3 11.36 -13.55 11.49
N GLY A 4 10.54 -13.00 12.37
CA GLY A 4 10.16 -11.60 12.26
C GLY A 4 10.18 -10.87 13.59
N SER A 5 9.02 -10.82 14.25
CA SER A 5 8.91 -10.15 15.54
C SER A 5 9.62 -8.81 15.52
N SER A 6 9.58 -8.14 14.36
CA SER A 6 10.23 -6.85 14.20
C SER A 6 9.38 -5.92 13.33
N GLY A 7 9.69 -4.63 13.37
CA GLY A 7 8.94 -3.67 12.58
C GLY A 7 7.48 -3.58 12.98
N PRO A 8 6.64 -3.09 12.07
CA PRO A 8 5.20 -2.94 12.31
C PRO A 8 4.49 -4.29 12.41
N LYS A 9 3.28 -4.27 12.96
CA LYS A 9 2.49 -5.49 13.11
C LYS A 9 1.75 -5.82 11.81
N ILE A 10 0.92 -4.88 11.36
CA ILE A 10 0.16 -5.07 10.13
C ILE A 10 1.08 -5.42 8.95
N HIS A 11 0.61 -6.31 8.09
CA HIS A 11 1.39 -6.72 6.92
C HIS A 11 0.47 -6.98 5.73
N PHE A 12 0.92 -6.54 4.56
CA PHE A 12 0.14 -6.71 3.33
C PHE A 12 0.19 -8.16 2.86
N ASN A 13 -0.89 -8.61 2.23
CA ASN A 13 -0.96 -9.98 1.73
C ASN A 13 0.29 -10.35 0.94
N PHE A 14 0.89 -9.34 0.30
CA PHE A 14 2.09 -9.56 -0.50
C PHE A 14 3.13 -8.49 -0.21
N GLU A 15 4.40 -8.86 -0.30
CA GLU A 15 5.50 -7.93 -0.04
C GLU A 15 5.57 -6.85 -1.12
N LEU A 16 5.18 -7.22 -2.33
CA LEU A 16 5.19 -6.29 -3.45
C LEU A 16 4.01 -6.53 -4.38
N LEU A 17 3.48 -5.45 -4.96
CA LEU A 17 2.35 -5.55 -5.87
C LEU A 17 2.74 -5.16 -7.28
N ASP A 18 2.65 -6.11 -8.21
CA ASP A 18 3.00 -5.85 -9.60
C ASP A 18 1.75 -5.60 -10.44
N ILE A 19 1.63 -4.38 -10.94
CA ILE A 19 0.47 -4.01 -11.77
C ILE A 19 0.73 -4.33 -13.24
N GLY A 20 1.86 -4.96 -13.52
CA GLY A 20 2.20 -5.32 -14.88
C GLY A 20 2.04 -4.15 -15.84
N LYS A 21 1.32 -4.38 -16.93
CA LYS A 21 1.07 -3.35 -17.93
C LYS A 21 -0.28 -2.69 -17.73
N VAL A 22 -0.29 -1.36 -17.68
CA VAL A 22 -1.52 -0.61 -17.50
C VAL A 22 -1.65 0.52 -18.51
N PHE A 23 -2.72 0.49 -19.29
CA PHE A 23 -2.95 1.52 -20.30
C PHE A 23 -2.83 2.91 -19.71
N THR A 24 -2.61 3.91 -20.56
CA THR A 24 -2.48 5.28 -20.12
C THR A 24 -3.83 5.98 -20.07
N GLY A 25 -3.95 6.98 -19.20
CA GLY A 25 -5.20 7.71 -19.08
C GLY A 25 -6.24 6.96 -18.27
N SER A 26 -6.46 5.69 -18.62
CA SER A 26 -7.44 4.86 -17.92
C SER A 26 -6.93 4.47 -16.54
N ALA A 27 -7.81 4.52 -15.55
CA ALA A 27 -7.46 4.16 -14.18
C ALA A 27 -7.67 2.68 -13.93
N HIS A 28 -6.89 2.12 -13.01
CA HIS A 28 -6.99 0.70 -12.67
C HIS A 28 -7.52 0.52 -11.25
N CYS A 29 -8.12 -0.64 -10.99
CA CYS A 29 -8.67 -0.94 -9.67
C CYS A 29 -7.95 -2.12 -9.03
N TYR A 30 -7.30 -1.86 -7.90
CA TYR A 30 -6.56 -2.90 -7.19
C TYR A 30 -7.08 -3.07 -5.78
N GLU A 31 -6.58 -4.09 -5.08
CA GLU A 31 -7.00 -4.36 -3.71
C GLU A 31 -5.84 -4.93 -2.90
N ALA A 32 -5.55 -4.30 -1.76
CA ALA A 32 -4.47 -4.75 -0.89
C ALA A 32 -5.00 -5.10 0.50
N ILE A 33 -4.88 -6.37 0.86
CA ILE A 33 -5.34 -6.84 2.16
C ILE A 33 -4.25 -6.70 3.22
N LEU A 34 -4.57 -6.00 4.30
CA LEU A 34 -3.62 -5.80 5.39
C LEU A 34 -4.01 -6.60 6.62
N TYR A 35 -3.22 -7.61 6.95
CA TYR A 35 -3.49 -8.46 8.10
C TYR A 35 -2.91 -7.83 9.38
N ASN A 36 -3.80 -7.55 10.34
CA ASN A 36 -3.38 -6.95 11.60
C ASN A 36 -2.92 -8.03 12.58
N LYS A 37 -1.68 -7.92 13.02
CA LYS A 37 -1.10 -8.87 13.97
C LYS A 37 -1.08 -8.31 15.38
N GLY A 38 -1.98 -7.37 15.65
CA GLY A 38 -2.04 -6.74 16.96
C GLY A 38 -3.09 -7.39 17.85
N SER A 39 -2.91 -7.25 19.16
CA SER A 39 -3.84 -7.83 20.12
C SER A 39 -5.15 -7.05 20.14
N ILE A 40 -5.05 -5.73 19.99
CA ILE A 40 -6.22 -4.87 20.00
C ILE A 40 -6.31 -4.05 18.71
N ASP A 41 -7.31 -3.19 18.64
CA ASP A 41 -7.50 -2.34 17.46
C ASP A 41 -6.18 -1.70 17.03
N ALA A 42 -5.96 -1.64 15.72
CA ALA A 42 -4.74 -1.06 15.17
C ALA A 42 -5.06 0.13 14.28
N LEU A 43 -4.59 1.31 14.68
CA LEU A 43 -4.82 2.52 13.90
C LEU A 43 -3.77 2.69 12.81
N PHE A 44 -4.20 2.58 11.55
CA PHE A 44 -3.29 2.72 10.42
C PHE A 44 -3.60 3.98 9.63
N ASN A 45 -2.60 4.45 8.87
CA ASN A 45 -2.77 5.66 8.07
C ASN A 45 -1.77 5.68 6.92
N MET A 46 -2.24 6.09 5.74
CA MET A 46 -1.38 6.16 4.57
C MET A 46 -0.56 7.45 4.56
N THR A 47 0.58 7.42 3.88
CA THR A 47 1.45 8.58 3.80
C THR A 47 1.49 9.15 2.38
N PRO A 48 1.45 10.48 2.27
CA PRO A 48 1.49 11.17 0.99
C PRO A 48 2.84 11.06 0.30
N PRO A 49 2.83 10.60 -0.97
CA PRO A 49 4.04 10.43 -1.75
C PRO A 49 4.67 11.76 -2.16
N THR A 50 5.93 11.72 -2.56
CA THR A 50 6.65 12.93 -2.97
C THR A 50 6.85 12.96 -4.48
N SER A 51 6.88 11.78 -5.10
CA SER A 51 7.07 11.68 -6.54
C SER A 51 5.73 11.81 -7.28
N ALA A 52 5.78 12.44 -8.45
CA ALA A 52 4.57 12.63 -9.25
C ALA A 52 3.84 11.31 -9.47
N LEU A 53 4.59 10.29 -9.87
CA LEU A 53 4.02 8.97 -10.12
C LEU A 53 3.39 8.40 -8.86
N GLY A 54 4.05 8.60 -7.72
CA GLY A 54 3.55 8.11 -6.47
C GLY A 54 2.20 8.70 -6.12
N ALA A 55 2.03 9.99 -6.38
CA ALA A 55 0.77 10.68 -6.09
C ALA A 55 -0.38 10.04 -6.85
N CYS A 56 -0.18 9.81 -8.15
CA CYS A 56 -1.21 9.21 -8.98
C CYS A 56 -1.96 8.12 -8.22
N PHE A 57 -1.23 7.33 -7.44
CA PHE A 57 -1.83 6.26 -6.67
C PHE A 57 -2.77 6.81 -5.59
N VAL A 58 -3.79 6.03 -5.24
CA VAL A 58 -4.75 6.44 -4.24
C VAL A 58 -5.11 5.28 -3.31
N PHE A 59 -4.62 5.34 -2.08
CA PHE A 59 -4.89 4.29 -1.10
C PHE A 59 -6.04 4.69 -0.16
N SER A 60 -6.92 3.74 0.12
CA SER A 60 -8.06 4.02 0.99
C SER A 60 -8.45 2.76 1.76
N PRO A 61 -9.15 2.94 2.89
CA PRO A 61 -9.51 4.28 3.38
C PRO A 61 -8.30 5.05 3.88
N LYS A 62 -8.25 6.35 3.53
CA LYS A 62 -7.14 7.20 3.93
C LYS A 62 -6.65 6.84 5.33
N GLU A 63 -7.56 6.35 6.16
CA GLU A 63 -7.22 5.97 7.53
C GLU A 63 -8.36 5.18 8.17
N GLY A 64 -8.05 4.50 9.28
CA GLY A 64 -9.06 3.72 9.96
C GLY A 64 -8.45 2.79 11.00
N ILE A 65 -9.11 1.66 11.24
CA ILE A 65 -8.63 0.69 12.22
C ILE A 65 -8.79 -0.74 11.69
N ILE A 66 -7.87 -1.61 12.10
CA ILE A 66 -7.90 -3.01 11.67
C ILE A 66 -8.03 -3.94 12.86
N GLU A 67 -9.23 -4.47 13.07
CA GLU A 67 -9.49 -5.37 14.19
C GLU A 67 -8.32 -6.34 14.38
N PRO A 68 -8.10 -6.77 15.63
CA PRO A 68 -7.01 -7.69 15.98
C PRO A 68 -7.27 -9.10 15.45
N SER A 69 -6.22 -9.73 14.93
CA SER A 69 -6.32 -11.07 14.39
C SER A 69 -7.29 -11.11 13.21
N GLY A 70 -7.40 -9.98 12.51
CA GLY A 70 -8.28 -9.91 11.36
C GLY A 70 -7.59 -9.41 10.11
N VAL A 71 -8.33 -8.71 9.26
CA VAL A 71 -7.78 -8.18 8.02
C VAL A 71 -8.53 -6.93 7.58
N GLN A 72 -7.93 -6.19 6.65
CA GLN A 72 -8.55 -4.95 6.14
C GLN A 72 -8.29 -4.80 4.65
N ALA A 73 -9.37 -4.64 3.88
CA ALA A 73 -9.26 -4.48 2.44
C ALA A 73 -8.92 -3.04 2.07
N ILE A 74 -7.76 -2.85 1.43
CA ILE A 74 -7.32 -1.53 1.03
C ILE A 74 -7.58 -1.29 -0.46
N GLN A 75 -8.33 -0.24 -0.76
CA GLN A 75 -8.65 0.10 -2.15
C GLN A 75 -7.58 0.99 -2.75
N ILE A 76 -6.81 0.43 -3.69
CA ILE A 76 -5.75 1.18 -4.36
C ILE A 76 -6.13 1.50 -5.80
N SER A 77 -5.86 2.74 -6.21
CA SER A 77 -6.17 3.18 -7.56
C SER A 77 -5.01 3.97 -8.15
N PHE A 78 -4.53 3.53 -9.30
CA PHE A 78 -3.41 4.21 -9.97
C PHE A 78 -3.81 4.64 -11.38
N SER A 79 -3.19 5.71 -11.86
CA SER A 79 -3.48 6.24 -13.19
C SER A 79 -2.54 7.39 -13.54
N SER A 80 -1.67 7.17 -14.51
CA SER A 80 -0.72 8.18 -14.94
C SER A 80 -0.60 8.20 -16.46
N ILE A 81 0.18 9.15 -16.96
CA ILE A 81 0.39 9.30 -18.41
C ILE A 81 1.86 9.20 -18.76
N ILE A 82 2.72 9.48 -17.79
CA ILE A 82 4.16 9.42 -18.00
C ILE A 82 4.62 8.01 -18.37
N LEU A 83 4.52 7.68 -19.64
CA LEU A 83 4.92 6.36 -20.13
C LEU A 83 6.28 5.97 -19.58
N GLY A 84 6.55 4.67 -19.56
CA GLY A 84 7.82 4.18 -19.05
C GLY A 84 7.69 3.56 -17.67
N ASN A 85 8.43 2.48 -17.44
CA ASN A 85 8.40 1.79 -16.16
C ASN A 85 8.60 2.77 -15.01
N PHE A 86 8.10 2.41 -13.83
CA PHE A 86 8.21 3.26 -12.65
C PHE A 86 8.17 2.42 -11.37
N GLU A 87 9.07 2.72 -10.44
CA GLU A 87 9.14 2.00 -9.18
C GLU A 87 9.02 2.96 -8.00
N GLU A 88 7.95 2.82 -7.22
CA GLU A 88 7.73 3.66 -6.06
C GLU A 88 7.38 2.84 -4.83
N GLU A 89 7.48 3.45 -3.65
CA GLU A 89 7.18 2.76 -2.41
C GLU A 89 6.32 3.64 -1.50
N PHE A 90 5.27 3.05 -0.94
CA PHE A 90 4.37 3.77 -0.05
C PHE A 90 4.56 3.34 1.39
N LEU A 91 4.33 4.27 2.32
CA LEU A 91 4.48 3.98 3.75
C LEU A 91 3.17 4.19 4.48
N VAL A 92 2.90 3.33 5.47
CA VAL A 92 1.68 3.43 6.26
C VAL A 92 1.98 3.80 7.70
N ASN A 93 1.62 5.03 8.08
CA ASN A 93 1.86 5.52 9.43
C ASN A 93 0.92 4.82 10.43
N VAL A 94 1.51 4.14 11.40
CA VAL A 94 0.74 3.43 12.42
C VAL A 94 0.88 4.09 13.78
N ASN A 95 -0.23 4.23 14.49
CA ASN A 95 -0.22 4.85 15.81
C ASN A 95 0.81 4.19 16.72
N GLY A 96 0.57 2.93 17.06
CA GLY A 96 1.50 2.20 17.92
C GLY A 96 2.48 1.36 17.14
N SER A 97 3.48 2.01 16.55
CA SER A 97 4.48 1.31 15.76
C SER A 97 5.70 2.19 15.52
N PRO A 98 6.89 1.58 15.55
CA PRO A 98 8.16 2.30 15.33
C PRO A 98 8.31 2.77 13.89
N GLU A 99 8.07 1.87 12.95
CA GLU A 99 8.19 2.19 11.53
C GLU A 99 6.95 1.74 10.76
N PRO A 100 6.62 2.49 9.69
CA PRO A 100 5.45 2.19 8.86
C PRO A 100 5.64 0.91 8.03
N VAL A 101 4.54 0.41 7.47
CA VAL A 101 4.58 -0.79 6.66
C VAL A 101 5.01 -0.49 5.23
N LYS A 102 6.29 -0.68 4.96
CA LYS A 102 6.83 -0.42 3.62
C LYS A 102 6.07 -1.21 2.57
N LEU A 103 5.75 -0.56 1.46
CA LEU A 103 5.02 -1.21 0.38
C LEU A 103 5.61 -0.81 -0.98
N THR A 104 6.17 -1.80 -1.68
CA THR A 104 6.76 -1.56 -2.99
C THR A 104 5.75 -1.82 -4.11
N ILE A 105 5.63 -0.86 -5.01
CA ILE A 105 4.71 -0.98 -6.14
C ILE A 105 5.42 -0.82 -7.47
N ARG A 106 5.45 -1.89 -8.26
CA ARG A 106 6.11 -1.86 -9.56
C ARG A 106 5.08 -1.95 -10.69
N GLY A 107 5.33 -1.21 -11.77
CA GLY A 107 4.42 -1.22 -12.90
C GLY A 107 5.07 -0.68 -14.16
N CYS A 108 4.37 -0.79 -15.28
CA CYS A 108 4.87 -0.31 -16.56
C CYS A 108 3.75 0.26 -17.42
N VAL A 109 3.82 1.55 -17.71
CA VAL A 109 2.81 2.22 -18.52
C VAL A 109 3.12 2.08 -20.00
N ILE A 110 2.08 1.90 -20.80
CA ILE A 110 2.24 1.75 -22.25
C ILE A 110 1.32 2.71 -23.00
N GLY A 111 1.47 2.77 -24.31
CA GLY A 111 0.66 3.64 -25.13
C GLY A 111 0.51 3.15 -26.55
N PRO A 112 -0.61 3.53 -27.20
CA PRO A 112 -0.88 3.14 -28.58
C PRO A 112 0.06 3.80 -29.59
N GLY A 1 7.52 -14.11 27.33
CA GLY A 1 8.04 -14.55 26.06
C GLY A 1 8.69 -13.42 25.28
N SER A 2 9.80 -12.91 25.78
CA SER A 2 10.51 -11.82 25.13
C SER A 2 10.85 -12.18 23.68
N SER A 3 10.20 -11.51 22.74
CA SER A 3 10.43 -11.77 21.32
C SER A 3 11.42 -10.77 20.74
N GLY A 4 11.14 -9.49 20.94
CA GLY A 4 12.02 -8.44 20.43
C GLY A 4 11.82 -8.19 18.95
N SER A 5 10.56 -8.13 18.53
CA SER A 5 10.25 -7.90 17.12
C SER A 5 10.56 -6.46 16.72
N SER A 6 10.65 -6.22 15.42
CA SER A 6 10.95 -4.89 14.91
C SER A 6 9.90 -4.46 13.88
N GLY A 7 9.64 -5.32 12.91
CA GLY A 7 8.67 -5.02 11.87
C GLY A 7 7.33 -4.59 12.45
N PRO A 8 6.50 -3.98 11.60
CA PRO A 8 5.17 -3.49 12.01
C PRO A 8 4.20 -4.64 12.30
N LYS A 9 3.24 -4.38 13.18
CA LYS A 9 2.24 -5.39 13.53
C LYS A 9 1.36 -5.73 12.34
N ILE A 10 1.13 -4.75 11.47
CA ILE A 10 0.31 -4.96 10.29
C ILE A 10 1.16 -5.30 9.07
N HIS A 11 0.69 -6.25 8.27
CA HIS A 11 1.41 -6.68 7.08
C HIS A 11 0.45 -6.90 5.92
N PHE A 12 0.94 -6.67 4.70
CA PHE A 12 0.12 -6.85 3.51
C PHE A 12 0.20 -8.28 3.00
N ASN A 13 -0.89 -8.75 2.41
CA ASN A 13 -0.96 -10.12 1.88
C ASN A 13 0.30 -10.45 1.08
N PHE A 14 0.89 -9.41 0.48
CA PHE A 14 2.11 -9.60 -0.31
C PHE A 14 3.09 -8.47 -0.06
N GLU A 15 4.38 -8.74 -0.31
CA GLU A 15 5.42 -7.74 -0.11
C GLU A 15 5.51 -6.80 -1.29
N LEU A 16 5.31 -7.35 -2.49
CA LEU A 16 5.36 -6.55 -3.71
C LEU A 16 4.12 -6.78 -4.57
N LEU A 17 3.62 -5.70 -5.17
CA LEU A 17 2.44 -5.78 -6.01
C LEU A 17 2.75 -5.31 -7.44
N ASP A 18 2.96 -6.28 -8.34
CA ASP A 18 3.26 -5.97 -9.72
C ASP A 18 1.98 -5.77 -10.54
N ILE A 19 1.58 -4.51 -10.71
CA ILE A 19 0.38 -4.20 -11.46
C ILE A 19 0.53 -4.56 -12.93
N GLY A 20 1.76 -4.89 -13.34
CA GLY A 20 2.02 -5.25 -14.71
C GLY A 20 1.82 -4.09 -15.67
N LYS A 21 1.87 -4.38 -16.96
CA LYS A 21 1.70 -3.35 -17.98
C LYS A 21 0.30 -2.75 -17.91
N VAL A 22 0.22 -1.42 -17.93
CA VAL A 22 -1.05 -0.73 -17.87
C VAL A 22 -1.20 0.25 -19.04
N PHE A 23 -2.44 0.65 -19.32
CA PHE A 23 -2.72 1.58 -20.40
C PHE A 23 -2.67 3.03 -19.91
N THR A 24 -2.06 3.90 -20.71
CA THR A 24 -1.94 5.30 -20.36
C THR A 24 -3.31 5.98 -20.32
N GLY A 25 -3.46 6.95 -19.43
CA GLY A 25 -4.72 7.66 -19.32
C GLY A 25 -5.87 6.74 -19.00
N SER A 26 -5.70 5.89 -18.00
CA SER A 26 -6.73 4.94 -17.59
C SER A 26 -6.72 4.73 -16.08
N ALA A 27 -7.87 4.38 -15.54
CA ALA A 27 -7.99 4.14 -14.11
C ALA A 27 -8.17 2.65 -13.80
N HIS A 28 -7.16 2.05 -13.19
CA HIS A 28 -7.20 0.63 -12.86
C HIS A 28 -7.73 0.43 -11.44
N CYS A 29 -8.14 -0.79 -11.13
CA CYS A 29 -8.67 -1.12 -9.81
C CYS A 29 -7.87 -2.26 -9.18
N TYR A 30 -7.22 -1.97 -8.06
CA TYR A 30 -6.43 -2.97 -7.37
C TYR A 30 -6.87 -3.08 -5.90
N GLU A 31 -6.61 -4.25 -5.32
CA GLU A 31 -6.97 -4.49 -3.91
C GLU A 31 -5.76 -4.93 -3.10
N ALA A 32 -5.62 -4.36 -1.91
CA ALA A 32 -4.51 -4.68 -1.03
C ALA A 32 -4.99 -5.00 0.38
N ILE A 33 -4.85 -6.26 0.77
CA ILE A 33 -5.28 -6.69 2.11
C ILE A 33 -4.16 -6.51 3.13
N LEU A 34 -4.53 -6.08 4.33
CA LEU A 34 -3.56 -5.86 5.39
C LEU A 34 -3.96 -6.62 6.66
N TYR A 35 -3.19 -7.64 7.00
CA TYR A 35 -3.46 -8.44 8.19
C TYR A 35 -2.83 -7.82 9.43
N ASN A 36 -3.67 -7.49 10.40
CA ASN A 36 -3.20 -6.88 11.64
C ASN A 36 -2.74 -7.95 12.62
N LYS A 37 -1.46 -7.89 12.99
CA LYS A 37 -0.89 -8.85 13.93
C LYS A 37 -0.76 -8.23 15.33
N GLY A 38 -1.77 -7.47 15.72
CA GLY A 38 -1.74 -6.84 17.03
C GLY A 38 -2.72 -7.49 18.00
N SER A 39 -2.43 -7.35 19.29
CA SER A 39 -3.29 -7.93 20.33
C SER A 39 -4.61 -7.16 20.43
N ILE A 40 -4.55 -5.87 20.12
CA ILE A 40 -5.75 -5.03 20.17
C ILE A 40 -5.84 -4.13 18.95
N ASP A 41 -6.97 -3.44 18.81
CA ASP A 41 -7.18 -2.54 17.69
C ASP A 41 -5.90 -1.79 17.33
N ALA A 42 -5.64 -1.64 16.04
CA ALA A 42 -4.44 -0.95 15.57
C ALA A 42 -4.80 0.21 14.65
N LEU A 43 -4.26 1.38 14.94
CA LEU A 43 -4.53 2.57 14.13
C LEU A 43 -3.54 2.67 12.97
N PHE A 44 -4.05 2.50 11.75
CA PHE A 44 -3.22 2.58 10.57
C PHE A 44 -3.58 3.80 9.72
N ASN A 45 -2.59 4.35 9.03
CA ASN A 45 -2.81 5.52 8.18
C ASN A 45 -1.86 5.51 6.99
N MET A 46 -2.33 6.06 5.86
CA MET A 46 -1.52 6.11 4.65
C MET A 46 -0.92 7.51 4.46
N THR A 47 0.36 7.54 4.09
CA THR A 47 1.05 8.80 3.87
C THR A 47 1.19 9.10 2.38
N PRO A 48 0.99 10.37 2.01
CA PRO A 48 1.10 10.82 0.61
C PRO A 48 2.53 10.80 0.10
N PRO A 49 2.72 10.28 -1.11
CA PRO A 49 4.04 10.18 -1.75
C PRO A 49 4.59 11.55 -2.13
N THR A 50 5.78 11.56 -2.74
CA THR A 50 6.42 12.80 -3.16
C THR A 50 6.65 12.81 -4.67
N SER A 51 6.78 11.63 -5.26
CA SER A 51 7.01 11.51 -6.69
C SER A 51 5.72 11.76 -7.47
N ALA A 52 5.85 12.00 -8.77
CA ALA A 52 4.70 12.25 -9.61
C ALA A 52 3.83 11.00 -9.76
N LEU A 53 4.47 9.86 -9.99
CA LEU A 53 3.76 8.59 -10.13
C LEU A 53 3.07 8.21 -8.83
N GLY A 54 3.81 8.26 -7.73
CA GLY A 54 3.25 7.92 -6.44
C GLY A 54 1.94 8.63 -6.16
N ALA A 55 1.95 9.95 -6.30
CA ALA A 55 0.76 10.76 -6.07
C ALA A 55 -0.46 10.13 -6.74
N CYS A 56 -0.34 9.85 -8.04
CA CYS A 56 -1.43 9.25 -8.79
C CYS A 56 -2.16 8.21 -7.97
N PHE A 57 -1.43 7.20 -7.50
CA PHE A 57 -2.02 6.14 -6.70
C PHE A 57 -2.88 6.71 -5.58
N VAL A 58 -4.04 6.09 -5.35
CA VAL A 58 -4.95 6.53 -4.31
C VAL A 58 -5.24 5.42 -3.32
N PHE A 59 -4.70 5.54 -2.11
CA PHE A 59 -4.91 4.55 -1.07
C PHE A 59 -5.99 4.99 -0.09
N SER A 60 -6.96 4.12 0.15
CA SER A 60 -8.06 4.43 1.06
C SER A 60 -8.56 3.16 1.75
N PRO A 61 -9.25 3.34 2.89
CA PRO A 61 -9.51 4.67 3.45
C PRO A 61 -8.25 5.33 4.00
N LYS A 62 -8.10 6.62 3.72
CA LYS A 62 -6.94 7.37 4.19
C LYS A 62 -6.47 6.88 5.55
N GLU A 63 -7.42 6.43 6.37
CA GLU A 63 -7.12 5.93 7.70
C GLU A 63 -8.20 4.96 8.18
N GLY A 64 -7.98 4.38 9.36
CA GLY A 64 -8.95 3.45 9.91
C GLY A 64 -8.32 2.50 10.92
N ILE A 65 -9.13 1.58 11.43
CA ILE A 65 -8.65 0.60 12.40
C ILE A 65 -8.78 -0.82 11.88
N ILE A 66 -7.81 -1.67 12.21
CA ILE A 66 -7.83 -3.05 11.78
C ILE A 66 -7.94 -4.01 12.96
N GLU A 67 -9.14 -4.53 13.18
CA GLU A 67 -9.38 -5.46 14.29
C GLU A 67 -8.23 -6.44 14.43
N PRO A 68 -7.98 -6.90 15.67
CA PRO A 68 -6.90 -7.85 15.97
C PRO A 68 -7.20 -9.24 15.40
N SER A 69 -6.16 -9.90 14.90
CA SER A 69 -6.30 -11.23 14.32
C SER A 69 -7.27 -11.22 13.15
N GLY A 70 -7.37 -10.07 12.49
CA GLY A 70 -8.28 -9.95 11.35
C GLY A 70 -7.58 -9.41 10.12
N VAL A 71 -8.32 -8.67 9.29
CA VAL A 71 -7.76 -8.11 8.07
C VAL A 71 -8.53 -6.85 7.65
N GLN A 72 -7.94 -6.06 6.77
CA GLN A 72 -8.57 -4.85 6.28
C GLN A 72 -8.30 -4.64 4.79
N ALA A 73 -9.35 -4.45 4.02
CA ALA A 73 -9.22 -4.25 2.58
C ALA A 73 -8.81 -2.81 2.28
N ILE A 74 -7.84 -2.65 1.39
CA ILE A 74 -7.36 -1.33 1.01
C ILE A 74 -7.55 -1.08 -0.48
N GLN A 75 -8.25 -0.01 -0.82
CA GLN A 75 -8.51 0.33 -2.21
C GLN A 75 -7.33 1.11 -2.80
N ILE A 76 -6.91 0.71 -4.00
CA ILE A 76 -5.80 1.36 -4.68
C ILE A 76 -6.17 1.77 -6.10
N SER A 77 -6.18 3.08 -6.36
CA SER A 77 -6.52 3.58 -7.68
C SER A 77 -5.37 4.40 -8.27
N PHE A 78 -4.76 3.87 -9.33
CA PHE A 78 -3.66 4.56 -9.98
C PHE A 78 -4.03 4.98 -11.40
N SER A 79 -3.51 6.14 -11.82
CA SER A 79 -3.80 6.66 -13.15
C SER A 79 -2.82 7.77 -13.52
N SER A 80 -2.04 7.54 -14.57
CA SER A 80 -1.07 8.52 -15.03
C SER A 80 -0.87 8.43 -16.54
N ILE A 81 -0.05 9.33 -17.08
CA ILE A 81 0.23 9.35 -18.51
C ILE A 81 1.73 9.30 -18.77
N ILE A 82 2.51 9.11 -17.73
CA ILE A 82 3.96 9.04 -17.84
C ILE A 82 4.41 7.63 -18.24
N LEU A 83 4.56 7.41 -19.55
CA LEU A 83 4.99 6.11 -20.04
C LEU A 83 6.32 5.70 -19.43
N GLY A 84 6.65 4.42 -19.55
CA GLY A 84 7.89 3.92 -19.00
C GLY A 84 7.71 3.26 -17.64
N ASN A 85 8.64 2.41 -17.26
CA ASN A 85 8.57 1.71 -15.97
C ASN A 85 8.70 2.70 -14.83
N PHE A 86 8.19 2.31 -13.65
CA PHE A 86 8.24 3.16 -12.48
C PHE A 86 8.22 2.32 -11.21
N GLU A 87 8.99 2.75 -10.20
CA GLU A 87 9.06 2.04 -8.94
C GLU A 87 8.75 2.96 -7.76
N GLU A 88 7.51 2.89 -7.27
CA GLU A 88 7.09 3.73 -6.16
C GLU A 88 7.02 2.93 -4.87
N GLU A 89 7.17 3.63 -3.74
CA GLU A 89 7.13 2.97 -2.43
C GLU A 89 6.22 3.74 -1.48
N PHE A 90 5.18 3.06 -1.00
CA PHE A 90 4.24 3.67 -0.06
C PHE A 90 4.49 3.21 1.36
N LEU A 91 4.15 4.06 2.32
CA LEU A 91 4.35 3.73 3.73
C LEU A 91 3.08 3.98 4.53
N VAL A 92 2.88 3.22 5.60
CA VAL A 92 1.71 3.35 6.45
C VAL A 92 2.10 3.61 7.90
N ASN A 93 1.86 4.82 8.37
CA ASN A 93 2.18 5.19 9.74
C ASN A 93 1.20 4.56 10.73
N VAL A 94 1.71 3.67 11.58
CA VAL A 94 0.88 3.00 12.58
C VAL A 94 1.23 3.46 13.98
N ASN A 95 0.22 3.89 14.73
CA ASN A 95 0.41 4.36 16.10
C ASN A 95 0.99 3.26 16.98
N GLY A 96 2.04 3.59 17.71
CA GLY A 96 2.68 2.61 18.58
C GLY A 96 3.90 1.98 17.96
N SER A 97 3.76 1.53 16.71
CA SER A 97 4.86 0.89 15.99
C SER A 97 5.91 1.93 15.60
N PRO A 98 7.18 1.55 15.75
CA PRO A 98 8.31 2.43 15.41
C PRO A 98 8.45 2.63 13.91
N GLU A 99 8.46 1.53 13.15
CA GLU A 99 8.58 1.60 11.71
C GLU A 99 7.23 1.33 11.03
N PRO A 100 6.90 2.16 10.03
CA PRO A 100 5.64 2.03 9.29
C PRO A 100 5.62 0.80 8.40
N VAL A 101 4.56 0.67 7.59
CA VAL A 101 4.43 -0.47 6.69
C VAL A 101 4.76 -0.07 5.26
N LYS A 102 5.97 -0.40 4.82
CA LYS A 102 6.42 -0.08 3.47
C LYS A 102 5.85 -1.07 2.47
N LEU A 103 5.46 -0.57 1.30
CA LEU A 103 4.90 -1.41 0.24
C LEU A 103 5.43 -1.00 -1.12
N THR A 104 6.04 -1.95 -1.82
CA THR A 104 6.60 -1.69 -3.14
C THR A 104 5.58 -1.99 -4.24
N ILE A 105 5.59 -1.19 -5.29
CA ILE A 105 4.67 -1.37 -6.41
C ILE A 105 5.33 -1.03 -7.73
N ARG A 106 5.66 -2.05 -8.52
CA ARG A 106 6.29 -1.85 -9.80
C ARG A 106 5.29 -2.08 -10.94
N GLY A 107 5.44 -1.30 -12.01
CA GLY A 107 4.54 -1.43 -13.14
C GLY A 107 5.08 -0.75 -14.39
N CYS A 108 4.57 -1.15 -15.54
CA CYS A 108 5.00 -0.57 -16.81
C CYS A 108 3.87 0.18 -17.49
N VAL A 109 4.02 1.49 -17.62
CA VAL A 109 3.01 2.32 -18.26
C VAL A 109 3.18 2.35 -19.77
N ILE A 110 2.14 1.94 -20.49
CA ILE A 110 2.18 1.93 -21.95
C ILE A 110 0.95 2.61 -22.54
N GLY A 111 1.07 3.03 -23.79
CA GLY A 111 -0.04 3.69 -24.46
C GLY A 111 -0.06 3.44 -25.95
N PRO A 112 -0.90 4.19 -26.67
CA PRO A 112 -1.03 4.07 -28.14
C PRO A 112 0.21 4.57 -28.86
N GLY A 1 13.86 -23.78 19.48
CA GLY A 1 14.65 -22.67 19.99
C GLY A 1 14.38 -21.37 19.26
N SER A 2 13.27 -20.73 19.60
CA SER A 2 12.89 -19.47 18.96
C SER A 2 12.32 -18.49 19.99
N SER A 3 12.25 -17.22 19.61
CA SER A 3 11.73 -16.18 20.50
C SER A 3 10.61 -15.40 19.82
N GLY A 4 10.94 -14.78 18.69
CA GLY A 4 9.95 -14.01 17.96
C GLY A 4 10.58 -12.94 17.08
N SER A 5 9.76 -12.29 16.27
CA SER A 5 10.24 -11.23 15.37
C SER A 5 9.68 -9.87 15.78
N SER A 6 10.15 -8.82 15.11
CA SER A 6 9.70 -7.47 15.40
C SER A 6 9.20 -6.79 14.13
N GLY A 7 8.66 -5.58 14.29
CA GLY A 7 8.13 -4.84 13.16
C GLY A 7 6.67 -4.48 13.32
N PRO A 8 6.05 -4.04 12.22
CA PRO A 8 4.63 -3.65 12.23
C PRO A 8 3.70 -4.85 12.39
N LYS A 9 2.73 -4.73 13.29
CA LYS A 9 1.77 -5.79 13.54
C LYS A 9 0.95 -6.09 12.28
N ILE A 10 0.79 -5.08 11.43
CA ILE A 10 0.03 -5.24 10.20
C ILE A 10 0.94 -5.61 9.03
N HIS A 11 0.50 -6.58 8.23
CA HIS A 11 1.28 -7.02 7.08
C HIS A 11 0.37 -7.26 5.88
N PHE A 12 0.87 -6.94 4.69
CA PHE A 12 0.11 -7.12 3.46
C PHE A 12 0.14 -8.57 3.01
N ASN A 13 -0.97 -9.05 2.45
CA ASN A 13 -1.06 -10.42 1.98
C ASN A 13 0.22 -10.83 1.24
N PHE A 14 0.84 -9.86 0.58
CA PHE A 14 2.07 -10.12 -0.16
C PHE A 14 3.14 -9.07 0.16
N GLU A 15 4.37 -9.35 -0.24
CA GLU A 15 5.47 -8.43 0.00
C GLU A 15 5.48 -7.30 -1.03
N LEU A 16 5.25 -7.64 -2.28
CA LEU A 16 5.23 -6.66 -3.36
C LEU A 16 4.07 -6.91 -4.31
N LEU A 17 3.53 -5.85 -4.89
CA LEU A 17 2.42 -5.97 -5.82
C LEU A 17 2.85 -5.57 -7.23
N ASP A 18 2.98 -6.55 -8.12
CA ASP A 18 3.38 -6.30 -9.49
C ASP A 18 2.17 -6.22 -10.40
N ILE A 19 1.89 -5.01 -10.89
CA ILE A 19 0.75 -4.79 -11.77
C ILE A 19 1.16 -4.92 -13.24
N GLY A 20 2.38 -5.40 -13.47
CA GLY A 20 2.87 -5.56 -14.82
C GLY A 20 2.60 -4.34 -15.68
N LYS A 21 1.97 -4.56 -16.84
CA LYS A 21 1.66 -3.47 -17.75
C LYS A 21 0.24 -2.96 -17.53
N VAL A 22 0.00 -1.69 -17.86
CA VAL A 22 -1.31 -1.09 -17.69
C VAL A 22 -1.53 0.04 -18.70
N PHE A 23 -2.49 -0.15 -19.59
CA PHE A 23 -2.79 0.85 -20.60
C PHE A 23 -2.77 2.25 -20.01
N THR A 24 -2.46 3.24 -20.84
CA THR A 24 -2.40 4.62 -20.40
C THR A 24 -3.72 5.34 -20.68
N GLY A 25 -4.04 6.31 -19.83
CA GLY A 25 -5.27 7.06 -20.00
C GLY A 25 -6.33 6.68 -18.98
N SER A 26 -6.84 5.45 -19.08
CA SER A 26 -7.86 4.97 -18.17
C SER A 26 -7.28 4.74 -16.77
N ALA A 27 -8.11 4.24 -15.87
CA ALA A 27 -7.68 3.96 -14.50
C ALA A 27 -7.84 2.49 -14.15
N HIS A 28 -6.96 1.99 -13.29
CA HIS A 28 -7.00 0.59 -12.88
C HIS A 28 -7.52 0.47 -11.45
N CYS A 29 -8.21 -0.64 -11.17
CA CYS A 29 -8.76 -0.88 -9.84
C CYS A 29 -8.05 -2.04 -9.16
N TYR A 30 -7.31 -1.73 -8.10
CA TYR A 30 -6.57 -2.75 -7.36
C TYR A 30 -7.08 -2.85 -5.93
N GLU A 31 -6.54 -3.82 -5.19
CA GLU A 31 -6.94 -4.02 -3.80
C GLU A 31 -5.83 -4.72 -3.01
N ALA A 32 -5.49 -4.17 -1.86
CA ALA A 32 -4.45 -4.74 -1.01
C ALA A 32 -5.00 -5.11 0.35
N ILE A 33 -4.84 -6.38 0.73
CA ILE A 33 -5.32 -6.87 2.01
C ILE A 33 -4.25 -6.73 3.09
N LEU A 34 -4.65 -6.21 4.24
CA LEU A 34 -3.73 -6.02 5.36
C LEU A 34 -4.24 -6.73 6.61
N TYR A 35 -3.46 -7.70 7.08
CA TYR A 35 -3.83 -8.47 8.27
C TYR A 35 -3.23 -7.84 9.52
N ASN A 36 -4.08 -7.53 10.50
CA ASN A 36 -3.64 -6.92 11.74
C ASN A 36 -3.32 -8.00 12.78
N LYS A 37 -2.03 -8.17 13.06
CA LYS A 37 -1.59 -9.16 14.04
C LYS A 37 -1.43 -8.54 15.41
N GLY A 38 -2.40 -7.73 15.81
CA GLY A 38 -2.36 -7.08 17.10
C GLY A 38 -3.31 -7.70 18.10
N SER A 39 -3.52 -7.02 19.22
CA SER A 39 -4.42 -7.52 20.27
C SER A 39 -5.72 -6.73 20.27
N ILE A 40 -5.64 -5.46 19.87
CA ILE A 40 -6.82 -4.59 19.84
C ILE A 40 -6.80 -3.69 18.61
N ASP A 41 -7.82 -2.86 18.49
CA ASP A 41 -7.92 -1.94 17.35
C ASP A 41 -6.57 -1.29 17.05
N ALA A 42 -6.02 -1.61 15.89
CA ALA A 42 -4.74 -1.06 15.48
C ALA A 42 -4.91 0.15 14.57
N LEU A 43 -4.45 1.31 15.03
CA LEU A 43 -4.57 2.54 14.25
C LEU A 43 -3.49 2.60 13.16
N PHE A 44 -3.93 2.80 11.92
CA PHE A 44 -3.01 2.88 10.79
C PHE A 44 -3.29 4.12 9.94
N ASN A 45 -2.46 4.34 8.94
CA ASN A 45 -2.61 5.49 8.05
C ASN A 45 -1.62 5.42 6.89
N MET A 46 -1.99 6.04 5.78
CA MET A 46 -1.13 6.06 4.59
C MET A 46 -0.35 7.37 4.51
N THR A 47 0.93 7.26 4.16
CA THR A 47 1.79 8.44 4.03
C THR A 47 1.68 9.06 2.65
N PRO A 48 1.62 10.40 2.61
CA PRO A 48 1.51 11.15 1.35
C PRO A 48 2.79 11.08 0.52
N PRO A 49 2.65 10.66 -0.74
CA PRO A 49 3.79 10.55 -1.67
C PRO A 49 4.36 11.90 -2.07
N THR A 50 5.64 11.92 -2.40
CA THR A 50 6.32 13.16 -2.79
C THR A 50 6.77 13.10 -4.25
N SER A 51 5.99 12.40 -5.07
CA SER A 51 6.31 12.27 -6.49
C SER A 51 5.07 12.46 -7.35
N ALA A 52 5.23 13.15 -8.48
CA ALA A 52 4.13 13.40 -9.39
C ALA A 52 3.40 12.11 -9.74
N LEU A 53 4.15 11.03 -9.86
CA LEU A 53 3.57 9.73 -10.19
C LEU A 53 2.93 9.09 -8.97
N GLY A 54 3.65 9.08 -7.86
CA GLY A 54 3.12 8.50 -6.63
C GLY A 54 1.85 9.19 -6.16
N ALA A 55 1.71 10.47 -6.51
CA ALA A 55 0.54 11.24 -6.12
C ALA A 55 -0.71 10.73 -6.83
N CYS A 56 -0.54 10.24 -8.06
CA CYS A 56 -1.65 9.73 -8.85
C CYS A 56 -2.35 8.59 -8.11
N PHE A 57 -1.57 7.79 -7.40
CA PHE A 57 -2.11 6.65 -6.65
C PHE A 57 -3.07 7.13 -5.57
N VAL A 58 -4.16 6.39 -5.38
CA VAL A 58 -5.16 6.72 -4.38
C VAL A 58 -5.40 5.56 -3.42
N PHE A 59 -4.73 5.61 -2.26
CA PHE A 59 -4.87 4.56 -1.26
C PHE A 59 -5.94 4.92 -0.25
N SER A 60 -6.85 3.98 0.01
CA SER A 60 -7.93 4.20 0.96
C SER A 60 -8.29 2.90 1.69
N PRO A 61 -8.96 3.05 2.85
CA PRO A 61 -9.33 4.35 3.40
C PRO A 61 -8.13 5.15 3.88
N LYS A 62 -8.11 6.44 3.60
CA LYS A 62 -7.02 7.31 4.01
C LYS A 62 -6.50 6.91 5.39
N GLU A 63 -7.40 6.41 6.23
CA GLU A 63 -7.03 5.98 7.58
C GLU A 63 -8.10 5.08 8.18
N GLY A 64 -7.83 4.56 9.38
CA GLY A 64 -8.77 3.68 10.04
C GLY A 64 -8.10 2.65 10.91
N ILE A 65 -8.90 1.76 11.50
CA ILE A 65 -8.37 0.72 12.37
C ILE A 65 -8.70 -0.66 11.82
N ILE A 66 -7.78 -1.61 11.98
CA ILE A 66 -7.98 -2.97 11.51
C ILE A 66 -8.26 -3.92 12.68
N GLU A 67 -9.52 -4.32 12.82
CA GLU A 67 -9.91 -5.22 13.89
C GLU A 67 -8.81 -6.24 14.18
N PRO A 68 -8.70 -6.64 15.45
CA PRO A 68 -7.69 -7.61 15.90
C PRO A 68 -7.97 -9.01 15.38
N SER A 69 -6.92 -9.67 14.89
CA SER A 69 -7.05 -11.03 14.36
C SER A 69 -7.96 -11.04 13.13
N GLY A 70 -7.94 -9.96 12.37
CA GLY A 70 -8.76 -9.86 11.18
C GLY A 70 -8.00 -9.32 9.98
N VAL A 71 -8.70 -8.61 9.10
CA VAL A 71 -8.09 -8.04 7.91
C VAL A 71 -8.78 -6.73 7.52
N GLN A 72 -8.25 -6.09 6.48
CA GLN A 72 -8.81 -4.84 5.99
C GLN A 72 -8.48 -4.62 4.52
N ALA A 73 -9.51 -4.46 3.71
CA ALA A 73 -9.34 -4.25 2.28
C ALA A 73 -8.88 -2.82 1.99
N ILE A 74 -7.82 -2.70 1.18
CA ILE A 74 -7.29 -1.39 0.83
C ILE A 74 -7.52 -1.08 -0.64
N GLN A 75 -8.24 0.01 -0.90
CA GLN A 75 -8.54 0.41 -2.27
C GLN A 75 -7.37 1.19 -2.87
N ILE A 76 -6.78 0.64 -3.94
CA ILE A 76 -5.65 1.28 -4.60
C ILE A 76 -5.99 1.60 -6.06
N SER A 77 -6.17 2.88 -6.36
CA SER A 77 -6.49 3.32 -7.71
C SER A 77 -5.34 4.11 -8.32
N PHE A 78 -4.89 3.69 -9.49
CA PHE A 78 -3.79 4.35 -10.18
C PHE A 78 -4.24 4.89 -11.54
N SER A 79 -3.84 6.12 -11.85
CA SER A 79 -4.20 6.74 -13.12
C SER A 79 -3.20 7.82 -13.50
N SER A 80 -2.58 7.69 -14.66
CA SER A 80 -1.61 8.66 -15.13
C SER A 80 -1.39 8.52 -16.65
N ILE A 81 -0.65 9.46 -17.22
CA ILE A 81 -0.37 9.44 -18.65
C ILE A 81 1.14 9.47 -18.91
N ILE A 82 1.92 9.36 -17.84
CA ILE A 82 3.38 9.38 -17.96
C ILE A 82 3.91 7.99 -18.28
N LEU A 83 3.99 7.67 -19.56
CA LEU A 83 4.48 6.37 -20.01
C LEU A 83 5.88 6.11 -19.44
N GLY A 84 6.28 4.84 -19.45
CA GLY A 84 7.59 4.47 -18.95
C GLY A 84 7.52 3.84 -17.57
N ASN A 85 8.36 2.84 -17.33
CA ASN A 85 8.38 2.15 -16.04
C ASN A 85 8.42 3.15 -14.89
N PHE A 86 7.94 2.73 -13.73
CA PHE A 86 7.92 3.59 -12.55
C PHE A 86 7.94 2.75 -11.27
N GLU A 87 8.79 3.14 -10.33
CA GLU A 87 8.90 2.43 -9.06
C GLU A 87 8.74 3.39 -7.88
N GLU A 88 7.74 3.12 -7.05
CA GLU A 88 7.47 3.97 -5.89
C GLU A 88 7.37 3.12 -4.62
N GLU A 89 7.68 3.74 -3.48
CA GLU A 89 7.63 3.05 -2.20
C GLU A 89 6.69 3.75 -1.23
N PHE A 90 5.57 3.11 -0.93
CA PHE A 90 4.58 3.69 -0.03
C PHE A 90 4.78 3.16 1.40
N LEU A 91 4.41 3.98 2.38
CA LEU A 91 4.56 3.60 3.78
C LEU A 91 3.24 3.78 4.53
N VAL A 92 3.04 2.97 5.57
CA VAL A 92 1.84 3.04 6.37
C VAL A 92 2.15 3.34 7.83
N ASN A 93 1.67 4.49 8.31
CA ASN A 93 1.91 4.89 9.70
C ASN A 93 1.10 4.04 10.66
N VAL A 94 1.69 3.70 11.80
CA VAL A 94 1.03 2.88 12.80
C VAL A 94 1.28 3.42 14.21
N ASN A 95 0.28 3.33 15.07
CA ASN A 95 0.39 3.81 16.43
C ASN A 95 1.16 2.81 17.29
N GLY A 96 2.39 3.17 17.66
CA GLY A 96 3.21 2.29 18.48
C GLY A 96 4.51 1.91 17.79
N SER A 97 4.39 1.29 16.63
CA SER A 97 5.58 0.86 15.88
C SER A 97 6.33 2.07 15.32
N PRO A 98 7.66 2.07 15.50
CA PRO A 98 8.52 3.16 15.03
C PRO A 98 8.63 3.18 13.50
N GLU A 99 8.69 2.00 12.90
CA GLU A 99 8.80 1.89 11.44
C GLU A 99 7.45 1.50 10.83
N PRO A 100 7.07 2.20 9.75
CA PRO A 100 5.81 1.94 9.04
C PRO A 100 5.82 0.60 8.30
N VAL A 101 4.88 0.43 7.38
CA VAL A 101 4.79 -0.80 6.60
C VAL A 101 5.18 -0.56 5.15
N LYS A 102 6.47 -0.71 4.87
CA LYS A 102 6.98 -0.52 3.51
C LYS A 102 6.19 -1.34 2.51
N LEU A 103 5.86 -0.73 1.38
CA LEU A 103 5.10 -1.41 0.33
C LEU A 103 5.60 -1.01 -1.05
N THR A 104 6.28 -1.92 -1.73
CA THR A 104 6.80 -1.66 -3.06
C THR A 104 5.79 -2.03 -4.14
N ILE A 105 5.68 -1.18 -5.15
CA ILE A 105 4.75 -1.42 -6.24
C ILE A 105 5.37 -1.08 -7.59
N ARG A 106 5.72 -2.11 -8.35
CA ARG A 106 6.33 -1.93 -9.66
C ARG A 106 5.33 -2.21 -10.77
N GLY A 107 5.25 -1.30 -11.74
CA GLY A 107 4.33 -1.46 -12.85
C GLY A 107 4.92 -1.02 -14.17
N CYS A 108 4.06 -0.64 -15.11
CA CYS A 108 4.51 -0.19 -16.42
C CYS A 108 3.35 0.42 -17.21
N VAL A 109 3.46 1.73 -17.46
CA VAL A 109 2.41 2.44 -18.20
C VAL A 109 2.73 2.47 -19.70
N ILE A 110 1.84 1.88 -20.49
CA ILE A 110 2.02 1.83 -21.93
C ILE A 110 0.82 2.45 -22.66
N GLY A 111 0.94 2.58 -23.97
CA GLY A 111 -0.14 3.17 -24.76
C GLY A 111 -0.14 2.67 -26.20
N PRO A 112 -0.96 3.31 -27.04
CA PRO A 112 -1.07 2.95 -28.46
C PRO A 112 0.19 3.29 -29.25
N GLY A 1 15.82 -12.34 13.90
CA GLY A 1 15.82 -13.70 14.42
C GLY A 1 14.89 -13.87 15.59
N SER A 2 15.41 -14.41 16.69
CA SER A 2 14.61 -14.63 17.89
C SER A 2 14.41 -13.33 18.66
N SER A 3 13.30 -12.64 18.35
CA SER A 3 12.99 -11.39 19.01
C SER A 3 13.98 -10.30 18.60
N GLY A 4 14.50 -10.40 17.38
CA GLY A 4 15.46 -9.43 16.89
C GLY A 4 14.80 -8.34 16.05
N SER A 5 14.61 -8.63 14.78
CA SER A 5 14.01 -7.67 13.86
C SER A 5 12.54 -7.42 14.22
N SER A 6 12.33 -6.55 15.21
CA SER A 6 10.98 -6.23 15.66
C SER A 6 10.37 -5.13 14.79
N GLY A 7 9.45 -5.52 13.90
CA GLY A 7 8.80 -4.56 13.03
C GLY A 7 7.37 -4.27 13.44
N PRO A 8 6.58 -3.75 12.50
CA PRO A 8 5.17 -3.42 12.75
C PRO A 8 4.31 -4.65 12.91
N LYS A 9 3.06 -4.46 13.35
CA LYS A 9 2.14 -5.56 13.55
C LYS A 9 1.34 -5.85 12.28
N ILE A 10 0.89 -4.78 11.63
CA ILE A 10 0.11 -4.91 10.40
C ILE A 10 1.01 -5.21 9.21
N HIS A 11 0.58 -6.14 8.37
CA HIS A 11 1.35 -6.52 7.19
C HIS A 11 0.43 -6.80 6.01
N PHE A 12 0.89 -6.45 4.81
CA PHE A 12 0.10 -6.66 3.60
C PHE A 12 0.19 -8.12 3.15
N ASN A 13 -0.85 -8.57 2.45
CA ASN A 13 -0.90 -9.94 1.96
C ASN A 13 0.36 -10.29 1.17
N PHE A 14 0.90 -9.30 0.47
CA PHE A 14 2.11 -9.50 -0.33
C PHE A 14 3.17 -8.45 0.02
N GLU A 15 4.38 -8.65 -0.49
CA GLU A 15 5.47 -7.73 -0.23
C GLU A 15 5.62 -6.72 -1.37
N LEU A 16 5.07 -7.06 -2.53
CA LEU A 16 5.15 -6.18 -3.69
C LEU A 16 3.98 -6.44 -4.63
N LEU A 17 3.41 -5.35 -5.17
CA LEU A 17 2.28 -5.46 -6.09
C LEU A 17 2.73 -5.24 -7.53
N ASP A 18 2.61 -6.28 -8.34
CA ASP A 18 3.00 -6.20 -9.75
C ASP A 18 1.77 -6.00 -10.64
N ILE A 19 1.53 -4.75 -11.04
CA ILE A 19 0.40 -4.43 -11.89
C ILE A 19 0.71 -4.72 -13.36
N GLY A 20 1.89 -5.27 -13.61
CA GLY A 20 2.30 -5.59 -14.97
C GLY A 20 2.08 -4.43 -15.92
N LYS A 21 1.58 -4.73 -17.11
CA LYS A 21 1.33 -3.71 -18.11
C LYS A 21 -0.02 -3.04 -17.88
N VAL A 22 0.00 -1.71 -17.79
CA VAL A 22 -1.22 -0.94 -17.56
C VAL A 22 -1.28 0.28 -18.48
N PHE A 23 -2.27 0.29 -19.37
CA PHE A 23 -2.44 1.39 -20.31
C PHE A 23 -2.42 2.74 -19.57
N THR A 24 -2.03 3.79 -20.29
CA THR A 24 -1.95 5.12 -19.71
C THR A 24 -3.30 5.84 -19.83
N GLY A 25 -3.58 6.72 -18.88
CA GLY A 25 -4.83 7.46 -18.89
C GLY A 25 -5.95 6.72 -18.22
N SER A 26 -6.18 5.48 -18.64
CA SER A 26 -7.25 4.65 -18.07
C SER A 26 -7.00 4.41 -16.58
N ALA A 27 -8.09 4.31 -15.83
CA ALA A 27 -8.01 4.08 -14.39
C ALA A 27 -7.94 2.58 -14.09
N HIS A 28 -7.00 2.19 -13.23
CA HIS A 28 -6.84 0.80 -12.86
C HIS A 28 -7.55 0.50 -11.53
N CYS A 29 -7.75 -0.78 -11.25
CA CYS A 29 -8.42 -1.20 -10.02
C CYS A 29 -7.66 -2.34 -9.35
N TYR A 30 -7.32 -2.15 -8.09
CA TYR A 30 -6.59 -3.16 -7.33
C TYR A 30 -7.10 -3.23 -5.89
N GLU A 31 -6.55 -4.18 -5.12
CA GLU A 31 -6.94 -4.35 -3.73
C GLU A 31 -5.79 -4.89 -2.90
N ALA A 32 -5.59 -4.33 -1.72
CA ALA A 32 -4.51 -4.75 -0.83
C ALA A 32 -5.06 -5.09 0.56
N ILE A 33 -4.83 -6.32 1.00
CA ILE A 33 -5.29 -6.76 2.31
C ILE A 33 -4.18 -6.63 3.35
N LEU A 34 -4.52 -6.01 4.47
CA LEU A 34 -3.55 -5.81 5.55
C LEU A 34 -3.97 -6.59 6.80
N TYR A 35 -3.16 -7.57 7.19
CA TYR A 35 -3.44 -8.38 8.36
C TYR A 35 -2.89 -7.73 9.63
N ASN A 36 -3.77 -7.46 10.58
CA ASN A 36 -3.36 -6.84 11.84
C ASN A 36 -2.95 -7.90 12.87
N LYS A 37 -1.67 -7.90 13.22
CA LYS A 37 -1.16 -8.87 14.19
C LYS A 37 -1.17 -8.28 15.59
N GLY A 38 -2.07 -7.33 15.83
CA GLY A 38 -2.17 -6.70 17.13
C GLY A 38 -3.25 -7.34 18.00
N SER A 39 -3.08 -7.22 19.31
CA SER A 39 -4.04 -7.81 20.25
C SER A 39 -5.34 -7.01 20.25
N ILE A 40 -5.24 -5.72 19.97
CA ILE A 40 -6.40 -4.84 19.94
C ILE A 40 -6.40 -3.97 18.69
N ASP A 41 -7.40 -3.10 18.59
CA ASP A 41 -7.52 -2.20 17.44
C ASP A 41 -6.17 -1.57 17.11
N ALA A 42 -5.79 -1.63 15.84
CA ALA A 42 -4.52 -1.08 15.38
C ALA A 42 -4.74 0.07 14.42
N LEU A 43 -4.17 1.24 14.74
CA LEU A 43 -4.31 2.41 13.90
C LEU A 43 -3.38 2.34 12.70
N PHE A 44 -3.82 2.90 11.57
CA PHE A 44 -3.03 2.90 10.35
C PHE A 44 -3.40 4.09 9.46
N ASN A 45 -2.43 4.55 8.67
CA ASN A 45 -2.65 5.68 7.78
C ASN A 45 -1.56 5.76 6.72
N MET A 46 -1.97 5.82 5.45
CA MET A 46 -1.03 5.90 4.35
C MET A 46 -0.37 7.28 4.29
N THR A 47 0.93 7.30 4.00
CA THR A 47 1.67 8.55 3.92
C THR A 47 1.61 9.14 2.51
N PRO A 48 1.49 10.46 2.43
CA PRO A 48 1.42 11.17 1.14
C PRO A 48 2.75 11.15 0.39
N PRO A 49 2.70 10.72 -0.88
CA PRO A 49 3.89 10.65 -1.73
C PRO A 49 4.43 12.02 -2.10
N THR A 50 5.62 12.04 -2.69
CA THR A 50 6.25 13.29 -3.09
C THR A 50 6.46 13.33 -4.60
N SER A 51 6.32 12.19 -5.25
CA SER A 51 6.48 12.10 -6.70
C SER A 51 5.14 12.00 -7.41
N ALA A 52 4.92 12.88 -8.38
CA ALA A 52 3.68 12.90 -9.13
C ALA A 52 3.16 11.48 -9.37
N LEU A 53 4.08 10.57 -9.67
CA LEU A 53 3.72 9.17 -9.91
C LEU A 53 3.01 8.57 -8.71
N GLY A 54 3.57 8.80 -7.52
CA GLY A 54 2.98 8.26 -6.31
C GLY A 54 1.67 8.95 -5.95
N ALA A 55 1.61 10.26 -6.19
CA ALA A 55 0.41 11.03 -5.90
C ALA A 55 -0.79 10.49 -6.67
N CYS A 56 -0.56 10.02 -7.88
CA CYS A 56 -1.62 9.48 -8.72
C CYS A 56 -2.35 8.35 -8.00
N PHE A 57 -1.61 7.55 -7.25
CA PHE A 57 -2.19 6.43 -6.52
C PHE A 57 -3.08 6.93 -5.39
N VAL A 58 -4.30 6.40 -5.34
CA VAL A 58 -5.26 6.80 -4.31
C VAL A 58 -5.55 5.63 -3.35
N PHE A 59 -4.84 5.62 -2.23
CA PHE A 59 -5.02 4.57 -1.23
C PHE A 59 -6.12 4.94 -0.25
N SER A 60 -6.99 3.98 0.05
CA SER A 60 -8.10 4.20 0.98
C SER A 60 -8.46 2.91 1.71
N PRO A 61 -9.09 3.06 2.88
CA PRO A 61 -9.42 4.38 3.45
C PRO A 61 -8.18 5.14 3.91
N LYS A 62 -8.12 6.42 3.55
CA LYS A 62 -6.99 7.26 3.94
C LYS A 62 -6.45 6.87 5.30
N GLU A 63 -7.34 6.41 6.18
CA GLU A 63 -6.95 6.00 7.52
C GLU A 63 -8.12 5.33 8.24
N GLY A 64 -7.79 4.42 9.15
CA GLY A 64 -8.82 3.72 9.90
C GLY A 64 -8.24 2.76 10.92
N ILE A 65 -9.05 1.78 11.32
CA ILE A 65 -8.60 0.78 12.30
C ILE A 65 -8.74 -0.63 11.74
N ILE A 66 -7.86 -1.52 12.20
CA ILE A 66 -7.88 -2.91 11.75
C ILE A 66 -7.99 -3.87 12.92
N GLU A 67 -9.17 -4.43 13.14
CA GLU A 67 -9.39 -5.36 14.23
C GLU A 67 -8.22 -6.32 14.38
N PRO A 68 -7.99 -6.79 15.62
CA PRO A 68 -6.89 -7.72 15.92
C PRO A 68 -7.13 -9.10 15.32
N SER A 69 -6.06 -9.70 14.79
CA SER A 69 -6.15 -11.02 14.19
C SER A 69 -7.13 -11.02 13.02
N GLY A 70 -7.24 -9.88 12.36
CA GLY A 70 -8.15 -9.77 11.23
C GLY A 70 -7.48 -9.18 10.00
N VAL A 71 -8.28 -8.67 9.08
CA VAL A 71 -7.76 -8.07 7.86
C VAL A 71 -8.53 -6.82 7.47
N GLN A 72 -7.98 -6.03 6.55
CA GLN A 72 -8.62 -4.80 6.11
C GLN A 72 -8.39 -4.59 4.61
N ALA A 73 -9.49 -4.57 3.86
CA ALA A 73 -9.41 -4.37 2.41
C ALA A 73 -9.01 -2.93 2.08
N ILE A 74 -7.91 -2.78 1.33
CA ILE A 74 -7.43 -1.46 0.94
C ILE A 74 -7.66 -1.22 -0.54
N GLN A 75 -8.49 -0.22 -0.84
CA GLN A 75 -8.80 0.13 -2.23
C GLN A 75 -7.69 0.98 -2.82
N ILE A 76 -7.03 0.46 -3.85
CA ILE A 76 -5.95 1.17 -4.52
C ILE A 76 -6.34 1.55 -5.95
N SER A 77 -6.25 2.85 -6.26
CA SER A 77 -6.59 3.34 -7.58
C SER A 77 -5.41 4.05 -8.22
N PHE A 78 -4.82 3.43 -9.23
CA PHE A 78 -3.68 4.00 -9.93
C PHE A 78 -4.10 4.59 -11.28
N SER A 79 -3.57 5.77 -11.59
CA SER A 79 -3.89 6.44 -12.84
C SER A 79 -2.96 7.62 -13.08
N SER A 80 -2.07 7.47 -14.06
CA SER A 80 -1.11 8.53 -14.39
C SER A 80 -0.98 8.69 -15.89
N ILE A 81 -0.22 9.68 -16.32
CA ILE A 81 -0.01 9.94 -17.74
C ILE A 81 1.47 9.83 -18.11
N ILE A 82 2.31 9.64 -17.10
CA ILE A 82 3.75 9.52 -17.32
C ILE A 82 4.12 8.09 -17.72
N LEU A 83 4.44 7.90 -18.99
CA LEU A 83 4.81 6.59 -19.50
C LEU A 83 6.20 6.19 -19.00
N GLY A 84 6.55 4.92 -19.23
CA GLY A 84 7.86 4.43 -18.80
C GLY A 84 7.80 3.72 -17.46
N ASN A 85 8.73 2.80 -17.25
CA ASN A 85 8.78 2.03 -16.00
C ASN A 85 8.86 2.97 -14.80
N PHE A 86 8.23 2.57 -13.70
CA PHE A 86 8.23 3.36 -12.48
C PHE A 86 8.24 2.47 -11.25
N GLU A 87 9.03 2.85 -10.25
CA GLU A 87 9.14 2.08 -9.02
C GLU A 87 8.91 2.97 -7.80
N GLU A 88 7.74 2.87 -7.19
CA GLU A 88 7.40 3.67 -6.02
C GLU A 88 7.23 2.79 -4.79
N GLU A 89 7.32 3.40 -3.61
CA GLU A 89 7.17 2.67 -2.36
C GLU A 89 6.40 3.50 -1.33
N PHE A 90 5.20 3.03 -0.99
CA PHE A 90 4.36 3.73 -0.03
C PHE A 90 4.65 3.24 1.39
N LEU A 91 4.41 4.10 2.37
CA LEU A 91 4.64 3.77 3.77
C LEU A 91 3.38 3.99 4.60
N VAL A 92 3.02 2.99 5.40
CA VAL A 92 1.83 3.08 6.25
C VAL A 92 2.22 3.35 7.69
N ASN A 93 1.89 4.55 8.18
CA ASN A 93 2.20 4.94 9.55
C ASN A 93 1.28 4.23 10.54
N VAL A 94 1.80 3.95 11.73
CA VAL A 94 1.02 3.27 12.75
C VAL A 94 1.29 3.89 14.13
N ASN A 95 0.24 4.05 14.92
CA ASN A 95 0.36 4.62 16.25
C ASN A 95 1.05 3.64 17.20
N GLY A 96 2.31 3.95 17.54
CA GLY A 96 3.06 3.09 18.43
C GLY A 96 4.18 2.36 17.71
N SER A 97 3.82 1.53 16.75
CA SER A 97 4.80 0.76 15.99
C SER A 97 6.07 1.59 15.75
N PRO A 98 7.23 0.92 15.80
CA PRO A 98 8.53 1.57 15.59
C PRO A 98 8.73 2.01 14.15
N GLU A 99 8.20 1.23 13.21
CA GLU A 99 8.33 1.54 11.79
C GLU A 99 7.04 1.20 11.05
N PRO A 100 6.76 1.96 9.98
CA PRO A 100 5.57 1.77 9.16
C PRO A 100 5.62 0.48 8.35
N VAL A 101 4.69 0.33 7.41
CA VAL A 101 4.62 -0.86 6.57
C VAL A 101 5.11 -0.55 5.16
N LYS A 102 6.28 -1.07 4.81
CA LYS A 102 6.84 -0.86 3.48
C LYS A 102 6.03 -1.59 2.42
N LEU A 103 5.71 -0.87 1.34
CA LEU A 103 4.93 -1.46 0.25
C LEU A 103 5.48 -1.00 -1.10
N THR A 104 6.16 -1.92 -1.79
CA THR A 104 6.74 -1.62 -3.10
C THR A 104 5.79 -2.01 -4.22
N ILE A 105 5.48 -1.06 -5.10
CA ILE A 105 4.58 -1.30 -6.22
C ILE A 105 5.27 -1.01 -7.54
N ARG A 106 5.51 -2.05 -8.33
CA ARG A 106 6.16 -1.90 -9.63
C ARG A 106 5.15 -2.06 -10.76
N GLY A 107 5.25 -1.19 -11.76
CA GLY A 107 4.34 -1.25 -12.89
C GLY A 107 4.90 -0.57 -14.12
N CYS A 108 4.43 -0.98 -15.29
CA CYS A 108 4.89 -0.40 -16.55
C CYS A 108 3.76 0.32 -17.26
N VAL A 109 3.97 1.61 -17.55
CA VAL A 109 2.97 2.42 -18.24
C VAL A 109 3.31 2.58 -19.71
N ILE A 110 2.42 2.10 -20.57
CA ILE A 110 2.61 2.21 -22.01
C ILE A 110 1.57 3.11 -22.66
N GLY A 111 1.75 3.41 -23.94
CA GLY A 111 0.81 4.25 -24.65
C GLY A 111 0.52 3.76 -26.05
N PRO A 112 -0.39 4.45 -26.75
CA PRO A 112 -0.78 4.08 -28.11
C PRO A 112 0.33 4.33 -29.13
N GLY A 1 8.38 -23.14 20.21
CA GLY A 1 7.88 -21.95 19.55
C GLY A 1 8.97 -21.17 18.84
N SER A 2 8.58 -20.39 17.84
CA SER A 2 9.53 -19.59 17.07
C SER A 2 8.90 -18.29 16.59
N SER A 3 9.64 -17.20 16.71
CA SER A 3 9.15 -15.90 16.29
C SER A 3 10.29 -15.04 15.76
N GLY A 4 10.16 -14.59 14.51
CA GLY A 4 11.18 -13.76 13.90
C GLY A 4 10.63 -12.46 13.34
N SER A 5 9.65 -11.89 14.05
CA SER A 5 9.04 -10.64 13.62
C SER A 5 9.85 -9.43 14.08
N SER A 6 9.68 -8.31 13.40
CA SER A 6 10.40 -7.09 13.73
C SER A 6 9.79 -5.89 13.02
N GLY A 7 9.46 -4.85 13.80
CA GLY A 7 8.88 -3.66 13.23
C GLY A 7 7.39 -3.56 13.49
N PRO A 8 6.65 -3.05 12.51
CA PRO A 8 5.19 -2.89 12.62
C PRO A 8 4.45 -4.23 12.62
N LYS A 9 3.31 -4.26 13.28
CA LYS A 9 2.50 -5.48 13.36
C LYS A 9 1.84 -5.79 12.02
N ILE A 10 0.85 -4.98 11.66
CA ILE A 10 0.15 -5.18 10.39
C ILE A 10 1.11 -5.60 9.29
N HIS A 11 0.58 -6.28 8.28
CA HIS A 11 1.38 -6.74 7.16
C HIS A 11 0.51 -6.96 5.91
N PHE A 12 1.02 -6.52 4.76
CA PHE A 12 0.29 -6.66 3.51
C PHE A 12 0.36 -8.09 3.00
N ASN A 13 -0.78 -8.62 2.56
CA ASN A 13 -0.85 -9.98 2.04
C ASN A 13 0.44 -10.34 1.29
N PHE A 14 1.02 -9.35 0.63
CA PHE A 14 2.25 -9.56 -0.13
C PHE A 14 3.26 -8.47 0.16
N GLU A 15 4.46 -8.61 -0.39
CA GLU A 15 5.53 -7.63 -0.19
C GLU A 15 5.54 -6.59 -1.31
N LEU A 16 5.37 -7.06 -2.54
CA LEU A 16 5.36 -6.19 -3.71
C LEU A 16 4.16 -6.49 -4.60
N LEU A 17 3.50 -5.44 -5.09
CA LEU A 17 2.35 -5.59 -5.96
C LEU A 17 2.69 -5.19 -7.39
N ASP A 18 2.91 -6.18 -8.25
CA ASP A 18 3.25 -5.93 -9.65
C ASP A 18 1.98 -5.66 -10.47
N ILE A 19 1.73 -4.39 -10.75
CA ILE A 19 0.56 -3.99 -11.52
C ILE A 19 0.72 -4.36 -12.99
N GLY A 20 1.85 -5.00 -13.32
CA GLY A 20 2.11 -5.40 -14.68
C GLY A 20 1.96 -4.25 -15.66
N LYS A 21 1.44 -4.54 -16.85
CA LYS A 21 1.25 -3.54 -17.88
C LYS A 21 -0.13 -2.89 -17.75
N VAL A 22 -0.16 -1.57 -17.74
CA VAL A 22 -1.41 -0.83 -17.63
C VAL A 22 -1.52 0.25 -18.70
N PHE A 23 -2.61 0.21 -19.46
CA PHE A 23 -2.83 1.19 -20.53
C PHE A 23 -2.61 2.61 -20.02
N THR A 24 -2.30 3.52 -20.93
CA THR A 24 -2.06 4.92 -20.58
C THR A 24 -3.37 5.66 -20.39
N GLY A 25 -3.45 6.46 -19.33
CA GLY A 25 -4.65 7.22 -19.06
C GLY A 25 -5.70 6.41 -18.31
N SER A 26 -6.05 5.26 -18.88
CA SER A 26 -7.05 4.39 -18.27
C SER A 26 -6.69 4.07 -16.81
N ALA A 27 -7.69 4.07 -15.94
CA ALA A 27 -7.48 3.80 -14.53
C ALA A 27 -7.72 2.32 -14.22
N HIS A 28 -6.83 1.72 -13.46
CA HIS A 28 -6.94 0.32 -13.09
C HIS A 28 -7.40 0.17 -11.63
N CYS A 29 -8.16 -0.88 -11.35
CA CYS A 29 -8.65 -1.13 -10.01
C CYS A 29 -7.87 -2.26 -9.33
N TYR A 30 -7.27 -1.94 -8.19
CA TYR A 30 -6.48 -2.93 -7.45
C TYR A 30 -6.97 -3.05 -6.02
N GLU A 31 -6.57 -4.13 -5.35
CA GLU A 31 -6.98 -4.37 -3.97
C GLU A 31 -5.81 -4.91 -3.16
N ALA A 32 -5.61 -4.36 -1.96
CA ALA A 32 -4.53 -4.79 -1.08
C ALA A 32 -5.05 -5.11 0.31
N ILE A 33 -4.87 -6.35 0.75
CA ILE A 33 -5.32 -6.77 2.06
C ILE A 33 -4.22 -6.59 3.11
N LEU A 34 -4.61 -6.20 4.31
CA LEU A 34 -3.66 -6.00 5.40
C LEU A 34 -4.10 -6.75 6.65
N TYR A 35 -3.26 -7.69 7.08
CA TYR A 35 -3.56 -8.49 8.27
C TYR A 35 -3.02 -7.80 9.53
N ASN A 36 -3.93 -7.52 10.47
CA ASN A 36 -3.56 -6.88 11.72
C ASN A 36 -3.20 -7.91 12.79
N LYS A 37 -1.91 -7.99 13.09
CA LYS A 37 -1.43 -8.94 14.11
C LYS A 37 -1.32 -8.26 15.47
N GLY A 38 -2.36 -7.53 15.84
CA GLY A 38 -2.37 -6.85 17.13
C GLY A 38 -3.33 -7.49 18.11
N SER A 39 -3.08 -7.28 19.41
CA SER A 39 -3.92 -7.84 20.45
C SER A 39 -5.28 -7.17 20.47
N ILE A 40 -5.32 -5.90 20.05
CA ILE A 40 -6.56 -5.15 20.02
C ILE A 40 -6.61 -4.23 18.80
N ASP A 41 -7.68 -3.43 18.71
CA ASP A 41 -7.85 -2.51 17.59
C ASP A 41 -6.55 -1.78 17.29
N ALA A 42 -5.98 -2.04 16.11
CA ALA A 42 -4.73 -1.41 15.70
C ALA A 42 -5.00 -0.29 14.70
N LEU A 43 -4.57 0.93 15.05
CA LEU A 43 -4.75 2.08 14.19
C LEU A 43 -3.69 2.11 13.09
N PHE A 44 -4.01 2.77 11.98
CA PHE A 44 -3.08 2.88 10.86
C PHE A 44 -3.35 4.15 10.06
N ASN A 45 -2.52 4.39 9.04
CA ASN A 45 -2.67 5.57 8.20
C ASN A 45 -1.69 5.52 7.03
N MET A 46 -2.08 6.14 5.91
CA MET A 46 -1.24 6.17 4.73
C MET A 46 -0.47 7.49 4.64
N THR A 47 0.75 7.42 4.12
CA THR A 47 1.59 8.61 3.98
C THR A 47 1.59 9.12 2.55
N PRO A 48 1.41 10.44 2.39
CA PRO A 48 1.38 11.08 1.08
C PRO A 48 2.76 11.09 0.41
N PRO A 49 2.80 10.60 -0.84
CA PRO A 49 4.05 10.53 -1.62
C PRO A 49 4.54 11.92 -2.04
N THR A 50 5.80 11.99 -2.46
CA THR A 50 6.38 13.25 -2.90
C THR A 50 6.75 13.20 -4.38
N SER A 51 6.33 12.15 -5.06
CA SER A 51 6.62 11.98 -6.48
C SER A 51 5.34 12.00 -7.30
N ALA A 52 5.49 12.31 -8.59
CA ALA A 52 4.34 12.37 -9.49
C ALA A 52 3.59 11.04 -9.51
N LEU A 53 4.32 9.96 -9.78
CA LEU A 53 3.73 8.62 -9.84
C LEU A 53 3.09 8.26 -8.49
N GLY A 54 3.90 8.29 -7.44
CA GLY A 54 3.40 7.96 -6.12
C GLY A 54 2.06 8.61 -5.83
N ALA A 55 1.95 9.90 -6.14
CA ALA A 55 0.72 10.64 -5.90
C ALA A 55 -0.43 10.06 -6.73
N CYS A 56 -0.21 9.94 -8.03
CA CYS A 56 -1.22 9.41 -8.93
C CYS A 56 -2.03 8.30 -8.26
N PHE A 57 -1.35 7.50 -7.45
CA PHE A 57 -2.00 6.41 -6.74
C PHE A 57 -2.91 6.94 -5.63
N VAL A 58 -4.04 6.28 -5.44
CA VAL A 58 -5.00 6.68 -4.41
C VAL A 58 -5.26 5.54 -3.43
N PHE A 59 -4.61 5.59 -2.28
CA PHE A 59 -4.78 4.57 -1.26
C PHE A 59 -5.83 4.98 -0.24
N SER A 60 -6.78 4.09 0.01
CA SER A 60 -7.86 4.37 0.97
C SER A 60 -8.29 3.09 1.69
N PRO A 61 -8.95 3.26 2.83
CA PRO A 61 -9.26 4.57 3.39
C PRO A 61 -8.02 5.30 3.89
N LYS A 62 -7.97 6.61 3.67
CA LYS A 62 -6.83 7.41 4.10
C LYS A 62 -6.44 7.09 5.54
N GLU A 63 -7.40 6.59 6.32
CA GLU A 63 -7.16 6.23 7.71
C GLU A 63 -8.29 5.35 8.25
N GLY A 64 -7.97 4.56 9.26
CA GLY A 64 -8.96 3.68 9.85
C GLY A 64 -8.38 2.78 10.92
N ILE A 65 -9.19 1.83 11.39
CA ILE A 65 -8.74 0.90 12.42
C ILE A 65 -8.98 -0.56 12.00
N ILE A 66 -7.97 -1.39 12.16
CA ILE A 66 -8.06 -2.79 11.80
C ILE A 66 -8.26 -3.67 13.03
N GLU A 67 -9.34 -4.44 13.04
CA GLU A 67 -9.65 -5.32 14.15
C GLU A 67 -8.48 -6.28 14.42
N PRO A 68 -8.37 -6.73 15.68
CA PRO A 68 -7.31 -7.65 16.10
C PRO A 68 -7.49 -9.04 15.52
N SER A 69 -6.41 -9.61 14.99
CA SER A 69 -6.45 -10.93 14.39
C SER A 69 -7.35 -10.96 13.16
N GLY A 70 -7.42 -9.82 12.48
CA GLY A 70 -8.26 -9.72 11.29
C GLY A 70 -7.51 -9.11 10.11
N VAL A 71 -8.27 -8.69 9.10
CA VAL A 71 -7.68 -8.08 7.91
C VAL A 71 -8.46 -6.86 7.46
N GLN A 72 -7.85 -6.05 6.61
CA GLN A 72 -8.50 -4.84 6.12
C GLN A 72 -8.21 -4.65 4.62
N ALA A 73 -9.28 -4.46 3.85
CA ALA A 73 -9.15 -4.26 2.41
C ALA A 73 -8.69 -2.85 2.09
N ILE A 74 -7.70 -2.74 1.21
CA ILE A 74 -7.17 -1.44 0.82
C ILE A 74 -7.46 -1.14 -0.65
N GLN A 75 -8.25 -0.10 -0.89
CA GLN A 75 -8.61 0.29 -2.25
C GLN A 75 -7.52 1.15 -2.87
N ILE A 76 -6.97 0.68 -3.99
CA ILE A 76 -5.92 1.42 -4.69
C ILE A 76 -6.36 1.81 -6.10
N SER A 77 -6.08 3.05 -6.48
CA SER A 77 -6.44 3.54 -7.80
C SER A 77 -5.32 4.38 -8.40
N PHE A 78 -4.72 3.87 -9.48
CA PHE A 78 -3.63 4.57 -10.14
C PHE A 78 -3.99 4.88 -11.59
N SER A 79 -3.53 6.03 -12.08
CA SER A 79 -3.81 6.45 -13.45
C SER A 79 -2.93 7.62 -13.85
N SER A 80 -1.99 7.37 -14.76
CA SER A 80 -1.07 8.40 -15.23
C SER A 80 -0.74 8.20 -16.70
N ILE A 81 -0.19 9.25 -17.32
CA ILE A 81 0.18 9.19 -18.73
C ILE A 81 1.67 8.92 -18.89
N ILE A 82 2.45 9.32 -17.89
CA ILE A 82 3.89 9.12 -17.92
C ILE A 82 4.24 7.69 -18.31
N LEU A 83 4.42 7.46 -19.60
CA LEU A 83 4.76 6.13 -20.10
C LEU A 83 6.04 5.62 -19.46
N GLY A 84 6.29 4.31 -19.59
CA GLY A 84 7.48 3.72 -19.01
C GLY A 84 7.23 3.13 -17.65
N ASN A 85 8.19 2.36 -17.14
CA ASN A 85 8.06 1.72 -15.84
C ASN A 85 8.43 2.70 -14.73
N PHE A 86 7.85 2.50 -13.54
CA PHE A 86 8.12 3.36 -12.40
C PHE A 86 8.23 2.54 -11.11
N GLU A 87 9.00 3.05 -10.16
CA GLU A 87 9.18 2.36 -8.89
C GLU A 87 8.87 3.29 -7.72
N GLU A 88 7.63 3.20 -7.21
CA GLU A 88 7.20 4.02 -6.10
C GLU A 88 7.06 3.19 -4.82
N GLU A 89 7.26 3.85 -3.68
CA GLU A 89 7.15 3.17 -2.39
C GLU A 89 6.14 3.87 -1.49
N PHE A 90 5.32 3.08 -0.80
CA PHE A 90 4.32 3.62 0.11
C PHE A 90 4.51 3.09 1.52
N LEU A 91 4.37 3.98 2.50
CA LEU A 91 4.52 3.61 3.90
C LEU A 91 3.22 3.77 4.67
N VAL A 92 3.03 2.96 5.70
CA VAL A 92 1.82 3.02 6.51
C VAL A 92 2.15 3.36 7.96
N ASN A 93 1.69 4.53 8.40
CA ASN A 93 1.93 4.98 9.76
C ASN A 93 1.03 4.23 10.75
N VAL A 94 1.53 4.03 11.96
CA VAL A 94 0.77 3.33 13.00
C VAL A 94 0.93 4.02 14.35
N ASN A 95 0.02 3.72 15.27
CA ASN A 95 0.06 4.31 16.60
C ASN A 95 0.92 3.48 17.53
N GLY A 96 2.10 3.98 17.87
CA GLY A 96 2.99 3.26 18.76
C GLY A 96 3.79 2.20 18.03
N SER A 97 4.25 2.52 16.83
CA SER A 97 5.03 1.58 16.03
C SER A 97 6.42 2.14 15.72
N PRO A 98 7.42 1.26 15.71
CA PRO A 98 8.81 1.64 15.42
C PRO A 98 9.02 2.04 13.98
N GLU A 99 8.51 1.22 13.06
CA GLU A 99 8.64 1.52 11.63
C GLU A 99 7.34 1.20 10.89
N PRO A 100 7.04 2.01 9.87
CA PRO A 100 5.83 1.84 9.05
C PRO A 100 5.88 0.59 8.18
N VAL A 101 4.76 0.30 7.53
CA VAL A 101 4.68 -0.88 6.65
C VAL A 101 5.08 -0.53 5.22
N LYS A 102 6.34 -0.78 4.88
CA LYS A 102 6.83 -0.50 3.55
C LYS A 102 6.10 -1.33 2.50
N LEU A 103 5.78 -0.71 1.36
CA LEU A 103 5.09 -1.39 0.29
C LEU A 103 5.55 -0.89 -1.07
N THR A 104 6.26 -1.75 -1.81
CA THR A 104 6.76 -1.39 -3.12
C THR A 104 5.80 -1.83 -4.21
N ILE A 105 5.60 -0.96 -5.21
CA ILE A 105 4.70 -1.26 -6.32
C ILE A 105 5.34 -0.92 -7.66
N ARG A 106 5.75 -1.95 -8.40
CA ARG A 106 6.38 -1.76 -9.69
C ARG A 106 5.41 -2.09 -10.83
N GLY A 107 5.52 -1.37 -11.94
CA GLY A 107 4.65 -1.61 -13.07
C GLY A 107 5.21 -1.01 -14.35
N CYS A 108 4.37 -0.96 -15.38
CA CYS A 108 4.78 -0.42 -16.68
C CYS A 108 3.59 0.15 -17.43
N VAL A 109 3.65 1.45 -17.72
CA VAL A 109 2.57 2.13 -18.44
C VAL A 109 2.84 2.15 -19.93
N ILE A 110 1.87 1.66 -20.71
CA ILE A 110 2.00 1.62 -22.15
C ILE A 110 0.90 2.44 -22.83
N GLY A 111 1.09 2.73 -24.11
CA GLY A 111 0.11 3.51 -24.85
C GLY A 111 -0.35 2.80 -26.10
N PRO A 112 -1.23 3.46 -26.87
CA PRO A 112 -1.78 2.91 -28.11
C PRO A 112 -0.73 2.84 -29.22
N GLY A 1 1.69 -15.88 21.54
CA GLY A 1 2.19 -17.18 21.96
C GLY A 1 3.45 -17.57 21.21
N SER A 2 3.27 -18.02 19.97
CA SER A 2 4.40 -18.45 19.16
C SER A 2 4.56 -17.54 17.94
N SER A 3 5.22 -16.40 18.14
CA SER A 3 5.43 -15.45 17.06
C SER A 3 6.38 -14.34 17.49
N GLY A 4 7.26 -13.93 16.59
CA GLY A 4 8.21 -12.88 16.90
C GLY A 4 8.55 -12.02 15.70
N SER A 5 7.69 -11.04 15.42
CA SER A 5 7.88 -10.16 14.28
C SER A 5 8.32 -8.77 14.75
N SER A 6 9.53 -8.37 14.35
CA SER A 6 10.07 -7.07 14.74
C SER A 6 9.66 -6.00 13.73
N GLY A 7 8.66 -5.21 14.09
CA GLY A 7 8.19 -4.16 13.21
C GLY A 7 6.71 -3.85 13.40
N PRO A 8 6.07 -3.34 12.34
CA PRO A 8 4.64 -3.00 12.36
C PRO A 8 3.75 -4.24 12.44
N LYS A 9 2.98 -4.34 13.51
CA LYS A 9 2.08 -5.47 13.69
C LYS A 9 1.43 -5.88 12.37
N ILE A 10 0.65 -4.95 11.79
CA ILE A 10 -0.02 -5.21 10.53
C ILE A 10 0.97 -5.56 9.43
N HIS A 11 0.53 -6.37 8.48
CA HIS A 11 1.39 -6.77 7.37
C HIS A 11 0.58 -6.90 6.08
N PHE A 12 1.19 -6.50 4.97
CA PHE A 12 0.52 -6.57 3.68
C PHE A 12 0.52 -8.00 3.14
N ASN A 13 -0.63 -8.45 2.67
CA ASN A 13 -0.76 -9.80 2.13
C ASN A 13 0.47 -10.18 1.30
N PHE A 14 1.07 -9.19 0.66
CA PHE A 14 2.25 -9.41 -0.16
C PHE A 14 3.29 -8.31 0.06
N GLU A 15 4.55 -8.63 -0.24
CA GLU A 15 5.63 -7.67 -0.07
C GLU A 15 5.70 -6.70 -1.25
N LEU A 16 5.63 -7.25 -2.46
CA LEU A 16 5.69 -6.45 -3.67
C LEU A 16 4.53 -6.78 -4.60
N LEU A 17 3.86 -5.75 -5.10
CA LEU A 17 2.72 -5.94 -6.00
C LEU A 17 3.08 -5.47 -7.42
N ASP A 18 3.34 -6.44 -8.29
CA ASP A 18 3.68 -6.13 -9.68
C ASP A 18 2.43 -6.02 -10.54
N ILE A 19 2.07 -4.79 -10.89
CA ILE A 19 0.88 -4.54 -11.70
C ILE A 19 1.19 -4.73 -13.19
N GLY A 20 2.37 -5.26 -13.47
CA GLY A 20 2.78 -5.48 -14.85
C GLY A 20 2.50 -4.29 -15.74
N LYS A 21 2.14 -4.55 -16.99
CA LYS A 21 1.84 -3.49 -17.94
C LYS A 21 0.39 -3.01 -17.77
N VAL A 22 0.17 -1.72 -18.06
CA VAL A 22 -1.16 -1.14 -17.94
C VAL A 22 -1.39 -0.09 -19.01
N PHE A 23 -2.65 0.11 -19.39
CA PHE A 23 -3.01 1.08 -20.41
C PHE A 23 -2.98 2.50 -19.84
N THR A 24 -2.21 3.38 -20.49
CA THR A 24 -2.09 4.76 -20.05
C THR A 24 -3.45 5.43 -19.97
N GLY A 25 -3.59 6.37 -19.04
CA GLY A 25 -4.85 7.07 -18.88
C GLY A 25 -5.89 6.24 -18.16
N SER A 26 -6.28 5.12 -18.78
CA SER A 26 -7.29 4.24 -18.20
C SER A 26 -7.00 3.99 -16.72
N ALA A 27 -8.06 3.91 -15.93
CA ALA A 27 -7.93 3.68 -14.50
C ALA A 27 -8.13 2.20 -14.16
N HIS A 28 -7.23 1.66 -13.32
CA HIS A 28 -7.31 0.26 -12.92
C HIS A 28 -7.89 0.13 -11.52
N CYS A 29 -8.29 -1.09 -11.17
CA CYS A 29 -8.86 -1.35 -9.85
C CYS A 29 -8.02 -2.38 -9.09
N TYR A 30 -7.41 -1.94 -8.00
CA TYR A 30 -6.57 -2.82 -7.19
C TYR A 30 -7.13 -2.93 -5.77
N GLU A 31 -6.51 -3.81 -4.98
CA GLU A 31 -6.94 -4.01 -3.60
C GLU A 31 -5.81 -4.59 -2.76
N ALA A 32 -5.54 -3.96 -1.62
CA ALA A 32 -4.49 -4.40 -0.72
C ALA A 32 -5.05 -4.79 0.64
N ILE A 33 -4.88 -6.07 1.00
CA ILE A 33 -5.38 -6.57 2.28
C ILE A 33 -4.31 -6.45 3.36
N LEU A 34 -4.70 -5.91 4.50
CA LEU A 34 -3.79 -5.74 5.62
C LEU A 34 -4.21 -6.58 6.82
N TYR A 35 -3.43 -7.60 7.15
CA TYR A 35 -3.73 -8.48 8.27
C TYR A 35 -3.21 -7.89 9.58
N ASN A 36 -4.11 -7.65 10.52
CA ASN A 36 -3.74 -7.09 11.82
C ASN A 36 -3.32 -8.20 12.78
N LYS A 37 -2.02 -8.26 13.07
CA LYS A 37 -1.49 -9.27 13.98
C LYS A 37 -1.50 -8.76 15.42
N GLY A 38 -2.29 -7.73 15.67
CA GLY A 38 -2.38 -7.17 17.01
C GLY A 38 -3.41 -7.88 17.87
N SER A 39 -3.26 -7.76 19.19
CA SER A 39 -4.18 -8.40 20.11
C SER A 39 -5.48 -7.61 20.22
N ILE A 40 -5.38 -6.29 20.07
CA ILE A 40 -6.55 -5.42 20.15
C ILE A 40 -6.63 -4.49 18.94
N ASP A 41 -7.66 -3.66 18.91
CA ASP A 41 -7.85 -2.73 17.80
C ASP A 41 -6.55 -2.02 17.46
N ALA A 42 -6.13 -2.13 16.20
CA ALA A 42 -4.89 -1.51 15.75
C ALA A 42 -5.18 -0.37 14.77
N LEU A 43 -4.51 0.76 14.98
CA LEU A 43 -4.70 1.92 14.12
C LEU A 43 -3.64 1.96 13.02
N PHE A 44 -3.99 2.58 11.89
CA PHE A 44 -3.07 2.70 10.76
C PHE A 44 -3.43 3.88 9.88
N ASN A 45 -2.46 4.35 9.10
CA ASN A 45 -2.68 5.48 8.21
C ASN A 45 -1.72 5.43 7.02
N MET A 46 -2.15 6.01 5.91
CA MET A 46 -1.33 6.02 4.70
C MET A 46 -0.53 7.32 4.60
N THR A 47 0.67 7.23 4.03
CA THR A 47 1.54 8.39 3.88
C THR A 47 1.47 8.94 2.46
N PRO A 48 1.29 10.27 2.35
CA PRO A 48 1.21 10.95 1.05
C PRO A 48 2.55 10.98 0.33
N PRO A 49 2.54 10.58 -0.95
CA PRO A 49 3.75 10.54 -1.78
C PRO A 49 4.26 11.94 -2.13
N THR A 50 5.48 12.01 -2.65
CA THR A 50 6.08 13.28 -3.02
C THR A 50 6.60 13.24 -4.45
N SER A 51 6.00 12.40 -5.28
CA SER A 51 6.42 12.26 -6.67
C SER A 51 5.21 12.31 -7.61
N ALA A 52 5.37 12.99 -8.73
CA ALA A 52 4.30 13.12 -9.70
C ALA A 52 3.55 11.79 -9.87
N LEU A 53 4.30 10.74 -10.15
CA LEU A 53 3.71 9.41 -10.33
C LEU A 53 2.98 8.97 -9.07
N GLY A 54 3.73 8.78 -7.99
CA GLY A 54 3.14 8.34 -6.74
C GLY A 54 1.84 9.06 -6.44
N ALA A 55 1.83 10.38 -6.66
CA ALA A 55 0.65 11.20 -6.40
C ALA A 55 -0.57 10.62 -7.10
N CYS A 56 -0.40 10.22 -8.36
CA CYS A 56 -1.49 9.66 -9.15
C CYS A 56 -2.23 8.59 -8.35
N PHE A 57 -1.47 7.71 -7.69
CA PHE A 57 -2.05 6.64 -6.89
C PHE A 57 -2.96 7.20 -5.80
N VAL A 58 -3.90 6.39 -5.34
CA VAL A 58 -4.83 6.81 -4.30
C VAL A 58 -5.13 5.65 -3.35
N PHE A 59 -4.57 5.72 -2.14
CA PHE A 59 -4.77 4.69 -1.14
C PHE A 59 -5.82 5.12 -0.12
N SER A 60 -6.76 4.22 0.18
CA SER A 60 -7.82 4.51 1.14
C SER A 60 -8.32 3.24 1.80
N PRO A 61 -8.95 3.39 2.97
CA PRO A 61 -9.18 4.70 3.59
C PRO A 61 -7.89 5.31 4.11
N LYS A 62 -7.76 6.63 3.94
CA LYS A 62 -6.57 7.35 4.40
C LYS A 62 -6.09 6.80 5.74
N GLU A 63 -7.03 6.37 6.57
CA GLU A 63 -6.71 5.83 7.88
C GLU A 63 -7.92 5.15 8.51
N GLY A 64 -7.67 4.25 9.45
CA GLY A 64 -8.75 3.54 10.11
C GLY A 64 -8.25 2.50 11.10
N ILE A 65 -9.17 1.74 11.67
CA ILE A 65 -8.82 0.71 12.64
C ILE A 65 -9.00 -0.68 12.05
N ILE A 66 -8.08 -1.58 12.37
CA ILE A 66 -8.13 -2.94 11.88
C ILE A 66 -8.32 -3.95 13.01
N GLU A 67 -9.53 -4.47 13.14
CA GLU A 67 -9.84 -5.44 14.19
C GLU A 67 -8.68 -6.40 14.39
N PRO A 68 -8.55 -6.92 15.63
CA PRO A 68 -7.49 -7.87 15.97
C PRO A 68 -7.69 -9.23 15.32
N SER A 69 -6.60 -9.81 14.83
CA SER A 69 -6.65 -11.12 14.18
C SER A 69 -7.62 -11.09 13.00
N GLY A 70 -7.59 -10.00 12.25
CA GLY A 70 -8.48 -9.87 11.09
C GLY A 70 -7.77 -9.30 9.88
N VAL A 71 -8.54 -8.70 8.98
CA VAL A 71 -7.97 -8.11 7.77
C VAL A 71 -8.70 -6.83 7.39
N GLN A 72 -8.05 -6.00 6.60
CA GLN A 72 -8.64 -4.73 6.16
C GLN A 72 -8.36 -4.49 4.68
N ALA A 73 -9.44 -4.37 3.90
CA ALA A 73 -9.32 -4.13 2.47
C ALA A 73 -8.92 -2.69 2.18
N ILE A 74 -7.93 -2.51 1.30
CA ILE A 74 -7.47 -1.17 0.94
C ILE A 74 -7.75 -0.87 -0.52
N GLN A 75 -8.44 0.24 -0.77
CA GLN A 75 -8.78 0.65 -2.12
C GLN A 75 -7.65 1.45 -2.75
N ILE A 76 -7.03 0.89 -3.78
CA ILE A 76 -5.93 1.56 -4.46
C ILE A 76 -6.28 1.84 -5.92
N SER A 77 -6.40 3.12 -6.26
CA SER A 77 -6.73 3.52 -7.62
C SER A 77 -5.55 4.25 -8.28
N PHE A 78 -4.99 3.63 -9.30
CA PHE A 78 -3.86 4.21 -10.02
C PHE A 78 -4.29 4.75 -11.37
N SER A 79 -3.70 5.86 -11.78
CA SER A 79 -4.02 6.49 -13.05
C SER A 79 -3.07 7.65 -13.35
N SER A 80 -2.18 7.43 -14.31
CA SER A 80 -1.21 8.45 -14.70
C SER A 80 -1.13 8.59 -16.21
N ILE A 81 -0.25 9.46 -16.68
CA ILE A 81 -0.08 9.70 -18.11
C ILE A 81 1.38 9.55 -18.52
N ILE A 82 2.25 9.35 -17.53
CA ILE A 82 3.68 9.20 -17.78
C ILE A 82 4.02 7.77 -18.18
N LEU A 83 4.52 7.60 -19.40
CA LEU A 83 4.89 6.28 -19.91
C LEU A 83 6.26 5.87 -19.39
N GLY A 84 6.59 4.59 -19.57
CA GLY A 84 7.88 4.09 -19.12
C GLY A 84 7.81 3.43 -17.77
N ASN A 85 8.83 2.64 -17.44
CA ASN A 85 8.87 1.95 -16.16
C ASN A 85 8.90 2.93 -15.00
N PHE A 86 8.15 2.61 -13.94
CA PHE A 86 8.09 3.47 -12.76
C PHE A 86 8.11 2.64 -11.48
N GLU A 87 8.95 3.05 -10.54
CA GLU A 87 9.08 2.34 -9.27
C GLU A 87 8.77 3.27 -8.10
N GLU A 88 7.59 3.09 -7.50
CA GLU A 88 7.18 3.91 -6.37
C GLU A 88 6.64 3.04 -5.24
N GLU A 89 7.06 3.34 -4.02
CA GLU A 89 6.62 2.60 -2.85
C GLU A 89 5.85 3.49 -1.87
N PHE A 90 5.03 2.88 -1.03
CA PHE A 90 4.24 3.61 -0.05
C PHE A 90 4.48 3.08 1.36
N LEU A 91 4.29 3.94 2.34
CA LEU A 91 4.48 3.57 3.74
C LEU A 91 3.20 3.76 4.54
N VAL A 92 3.05 2.96 5.60
CA VAL A 92 1.86 3.04 6.44
C VAL A 92 2.24 3.36 7.89
N ASN A 93 1.71 4.47 8.39
CA ASN A 93 2.00 4.89 9.77
C ASN A 93 1.06 4.20 10.74
N VAL A 94 1.61 3.75 11.87
CA VAL A 94 0.82 3.09 12.89
C VAL A 94 1.00 3.75 14.25
N ASN A 95 -0.08 3.80 15.03
CA ASN A 95 -0.04 4.41 16.35
C ASN A 95 1.00 3.73 17.23
N GLY A 96 2.12 4.41 17.47
CA GLY A 96 3.17 3.86 18.30
C GLY A 96 3.90 2.73 17.62
N SER A 97 4.43 3.00 16.43
CA SER A 97 5.17 1.98 15.67
C SER A 97 6.55 2.50 15.28
N PRO A 98 7.54 1.59 15.29
CA PRO A 98 8.92 1.91 14.95
C PRO A 98 9.09 2.24 13.47
N GLU A 99 8.54 1.38 12.61
CA GLU A 99 8.64 1.58 11.17
C GLU A 99 7.32 1.24 10.49
N PRO A 100 6.92 2.07 9.51
CA PRO A 100 5.68 1.86 8.76
C PRO A 100 5.74 0.65 7.83
N VAL A 101 4.58 0.07 7.54
CA VAL A 101 4.51 -1.10 6.68
C VAL A 101 4.89 -0.74 5.24
N LYS A 102 6.15 -1.00 4.90
CA LYS A 102 6.65 -0.70 3.56
C LYS A 102 5.89 -1.51 2.51
N LEU A 103 5.51 -0.84 1.42
CA LEU A 103 4.78 -1.49 0.34
C LEU A 103 5.24 -0.98 -1.01
N THR A 104 6.02 -1.81 -1.72
CA THR A 104 6.53 -1.45 -3.04
C THR A 104 5.59 -1.91 -4.14
N ILE A 105 5.49 -1.13 -5.20
CA ILE A 105 4.63 -1.46 -6.33
C ILE A 105 5.26 -1.03 -7.65
N ARG A 106 5.76 -2.00 -8.40
CA ARG A 106 6.39 -1.72 -9.69
C ARG A 106 5.47 -2.11 -10.84
N GLY A 107 5.70 -1.52 -12.01
CA GLY A 107 4.88 -1.81 -13.17
C GLY A 107 5.44 -1.21 -14.44
N CYS A 108 4.56 -0.79 -15.34
CA CYS A 108 4.98 -0.20 -16.60
C CYS A 108 3.78 0.38 -17.35
N VAL A 109 3.82 1.67 -17.61
CA VAL A 109 2.74 2.36 -18.33
C VAL A 109 3.03 2.42 -19.82
N ILE A 110 2.01 2.14 -20.63
CA ILE A 110 2.14 2.17 -22.07
C ILE A 110 0.93 2.83 -22.73
N GLY A 111 1.03 3.08 -24.03
CA GLY A 111 -0.06 3.70 -24.75
C GLY A 111 -0.19 3.17 -26.17
N PRO A 112 -1.38 3.38 -26.78
CA PRO A 112 -1.64 2.93 -28.14
C PRO A 112 -0.86 3.72 -29.18
N GLY A 1 1.47 -11.23 28.02
CA GLY A 1 2.49 -12.25 27.83
C GLY A 1 3.83 -11.66 27.45
N SER A 2 4.24 -11.86 26.21
CA SER A 2 5.52 -11.35 25.73
C SER A 2 5.44 -10.98 24.25
N SER A 3 6.21 -9.97 23.85
CA SER A 3 6.22 -9.51 22.47
C SER A 3 7.64 -9.42 21.94
N GLY A 4 7.89 -10.06 20.80
CA GLY A 4 9.22 -10.04 20.21
C GLY A 4 9.18 -10.14 18.70
N SER A 5 8.45 -9.23 18.06
CA SER A 5 8.33 -9.22 16.61
C SER A 5 8.84 -7.91 16.03
N SER A 6 9.99 -7.97 15.37
CA SER A 6 10.59 -6.79 14.77
C SER A 6 9.72 -6.26 13.63
N GLY A 7 9.61 -4.94 13.54
CA GLY A 7 8.81 -4.33 12.50
C GLY A 7 7.37 -4.09 12.93
N PRO A 8 6.60 -3.44 12.06
CA PRO A 8 5.19 -3.14 12.33
C PRO A 8 4.32 -4.40 12.33
N LYS A 9 3.32 -4.42 13.22
CA LYS A 9 2.41 -5.56 13.31
C LYS A 9 1.75 -5.84 11.98
N ILE A 10 0.80 -4.98 11.59
CA ILE A 10 0.08 -5.14 10.34
C ILE A 10 1.06 -5.45 9.19
N HIS A 11 0.58 -6.21 8.21
CA HIS A 11 1.40 -6.57 7.06
C HIS A 11 0.52 -6.88 5.84
N PHE A 12 0.91 -6.35 4.69
CA PHE A 12 0.17 -6.57 3.46
C PHE A 12 0.33 -8.00 2.97
N ASN A 13 -0.75 -8.56 2.44
CA ASN A 13 -0.73 -9.93 1.93
C ASN A 13 0.54 -10.20 1.14
N PHE A 14 1.06 -9.16 0.49
CA PHE A 14 2.28 -9.27 -0.30
C PHE A 14 3.20 -8.08 -0.08
N GLU A 15 4.49 -8.28 -0.29
CA GLU A 15 5.47 -7.21 -0.11
C GLU A 15 5.63 -6.40 -1.39
N LEU A 16 5.45 -7.05 -2.53
CA LEU A 16 5.56 -6.39 -3.82
C LEU A 16 4.27 -6.55 -4.63
N LEU A 17 3.87 -5.46 -5.30
CA LEU A 17 2.66 -5.49 -6.12
C LEU A 17 2.99 -5.29 -7.60
N ASP A 18 3.02 -6.40 -8.34
CA ASP A 18 3.32 -6.35 -9.76
C ASP A 18 2.04 -6.32 -10.59
N ILE A 19 1.67 -5.14 -11.08
CA ILE A 19 0.48 -4.98 -11.88
C ILE A 19 0.80 -5.06 -13.37
N GLY A 20 2.02 -5.50 -13.69
CA GLY A 20 2.42 -5.61 -15.07
C GLY A 20 2.08 -4.38 -15.89
N LYS A 21 1.90 -4.57 -17.19
CA LYS A 21 1.57 -3.46 -18.08
C LYS A 21 0.20 -2.89 -17.75
N VAL A 22 0.05 -1.58 -17.94
CA VAL A 22 -1.21 -0.90 -17.66
C VAL A 22 -1.45 0.25 -18.63
N PHE A 23 -2.50 0.13 -19.44
CA PHE A 23 -2.84 1.16 -20.41
C PHE A 23 -2.75 2.55 -19.78
N THR A 24 -2.31 3.52 -20.57
CA THR A 24 -2.19 4.89 -20.09
C THR A 24 -3.48 5.67 -20.32
N GLY A 25 -3.75 6.63 -19.45
CA GLY A 25 -4.95 7.44 -19.57
C GLY A 25 -6.07 6.95 -18.67
N SER A 26 -6.65 5.81 -19.01
CA SER A 26 -7.74 5.24 -18.22
C SER A 26 -7.32 5.06 -16.77
N ALA A 27 -8.25 4.56 -15.96
CA ALA A 27 -7.99 4.33 -14.54
C ALA A 27 -8.06 2.85 -14.20
N HIS A 28 -7.11 2.37 -13.41
CA HIS A 28 -7.07 0.97 -13.01
C HIS A 28 -7.52 0.81 -11.55
N CYS A 29 -7.93 -0.40 -11.21
CA CYS A 29 -8.39 -0.69 -9.85
C CYS A 29 -7.57 -1.80 -9.22
N TYR A 30 -7.25 -1.64 -7.94
CA TYR A 30 -6.45 -2.64 -7.23
C TYR A 30 -6.91 -2.76 -5.78
N GLU A 31 -6.43 -3.79 -5.09
CA GLU A 31 -6.80 -4.03 -3.70
C GLU A 31 -5.61 -4.58 -2.91
N ALA A 32 -5.49 -4.14 -1.66
CA ALA A 32 -4.41 -4.59 -0.80
C ALA A 32 -4.93 -5.03 0.56
N ILE A 33 -4.84 -6.33 0.83
CA ILE A 33 -5.30 -6.87 2.11
C ILE A 33 -4.22 -6.78 3.18
N LEU A 34 -4.54 -6.08 4.26
CA LEU A 34 -3.60 -5.91 5.36
C LEU A 34 -4.01 -6.74 6.57
N TYR A 35 -3.16 -7.68 6.96
CA TYR A 35 -3.43 -8.54 8.10
C TYR A 35 -2.89 -7.93 9.39
N ASN A 36 -3.77 -7.76 10.37
CA ASN A 36 -3.38 -7.19 11.66
C ASN A 36 -2.89 -8.27 12.61
N LYS A 37 -1.58 -8.28 12.86
CA LYS A 37 -0.98 -9.26 13.75
C LYS A 37 -0.66 -8.63 15.11
N GLY A 38 -1.59 -7.83 15.62
CA GLY A 38 -1.39 -7.19 16.90
C GLY A 38 -2.32 -7.73 17.98
N SER A 39 -2.21 -7.18 19.18
CA SER A 39 -3.04 -7.63 20.30
C SER A 39 -4.39 -6.92 20.28
N ILE A 40 -4.36 -5.60 20.17
CA ILE A 40 -5.58 -4.79 20.14
C ILE A 40 -5.66 -3.95 18.88
N ASP A 41 -6.83 -3.37 18.63
CA ASP A 41 -7.04 -2.53 17.46
C ASP A 41 -5.76 -1.76 17.11
N ALA A 42 -5.42 -1.74 15.83
CA ALA A 42 -4.22 -1.04 15.37
C ALA A 42 -4.59 0.10 14.42
N LEU A 43 -4.12 1.30 14.75
CA LEU A 43 -4.40 2.48 13.94
C LEU A 43 -3.49 2.52 12.71
N PHE A 44 -4.09 2.62 11.53
CA PHE A 44 -3.32 2.66 10.30
C PHE A 44 -3.63 3.95 9.53
N ASN A 45 -2.72 4.32 8.63
CA ASN A 45 -2.89 5.53 7.82
C ASN A 45 -1.91 5.56 6.66
N MET A 46 -2.27 6.27 5.60
CA MET A 46 -1.41 6.37 4.42
C MET A 46 -0.77 7.75 4.34
N THR A 47 0.54 7.78 4.10
CA THR A 47 1.27 9.04 4.00
C THR A 47 1.24 9.58 2.58
N PRO A 48 1.06 10.90 2.44
CA PRO A 48 1.01 11.57 1.14
C PRO A 48 2.36 11.59 0.45
N PRO A 49 2.41 11.06 -0.78
CA PRO A 49 3.64 11.01 -1.58
C PRO A 49 4.09 12.39 -2.05
N THR A 50 5.38 12.52 -2.35
CA THR A 50 5.93 13.79 -2.81
C THR A 50 6.47 13.67 -4.23
N SER A 51 5.73 12.99 -5.09
CA SER A 51 6.15 12.81 -6.48
C SER A 51 4.93 12.82 -7.42
N ALA A 52 5.09 13.52 -8.54
CA ALA A 52 4.01 13.61 -9.52
C ALA A 52 3.41 12.24 -9.82
N LEU A 53 4.26 11.22 -9.79
CA LEU A 53 3.81 9.85 -10.06
C LEU A 53 3.06 9.28 -8.86
N GLY A 54 3.72 9.27 -7.71
CA GLY A 54 3.10 8.75 -6.50
C GLY A 54 1.75 9.37 -6.23
N ALA A 55 1.66 10.69 -6.40
CA ALA A 55 0.42 11.41 -6.17
C ALA A 55 -0.74 10.76 -6.92
N CYS A 56 -0.49 10.41 -8.18
CA CYS A 56 -1.51 9.78 -9.01
C CYS A 56 -2.26 8.70 -8.25
N PHE A 57 -1.50 7.80 -7.61
CA PHE A 57 -2.09 6.71 -6.84
C PHE A 57 -3.06 7.25 -5.80
N VAL A 58 -3.99 6.39 -5.37
CA VAL A 58 -4.98 6.78 -4.37
C VAL A 58 -5.30 5.63 -3.44
N PHE A 59 -4.82 5.72 -2.20
CA PHE A 59 -5.05 4.68 -1.21
C PHE A 59 -6.15 5.09 -0.23
N SER A 60 -7.08 4.17 0.02
CA SER A 60 -8.19 4.44 0.94
C SER A 60 -8.64 3.17 1.64
N PRO A 61 -9.32 3.32 2.77
CA PRO A 61 -9.61 4.64 3.34
C PRO A 61 -8.36 5.34 3.87
N LYS A 62 -8.25 6.64 3.61
CA LYS A 62 -7.11 7.42 4.05
C LYS A 62 -6.61 6.92 5.41
N GLU A 63 -7.53 6.44 6.23
CA GLU A 63 -7.17 5.93 7.55
C GLU A 63 -8.30 5.09 8.13
N GLY A 64 -7.96 4.23 9.08
CA GLY A 64 -8.96 3.37 9.70
C GLY A 64 -8.38 2.49 10.79
N ILE A 65 -9.16 1.54 11.27
CA ILE A 65 -8.71 0.64 12.33
C ILE A 65 -8.82 -0.82 11.88
N ILE A 66 -7.75 -1.58 12.10
CA ILE A 66 -7.72 -2.98 11.72
C ILE A 66 -7.83 -3.88 12.96
N GLU A 67 -9.04 -4.35 13.24
CA GLU A 67 -9.26 -5.21 14.39
C GLU A 67 -8.18 -6.26 14.51
N PRO A 68 -7.87 -6.67 15.75
CA PRO A 68 -6.84 -7.67 16.03
C PRO A 68 -7.24 -9.07 15.58
N SER A 69 -6.28 -9.82 15.07
CA SER A 69 -6.54 -11.18 14.59
C SER A 69 -7.53 -11.17 13.43
N GLY A 70 -7.36 -10.19 12.54
CA GLY A 70 -8.24 -10.09 11.39
C GLY A 70 -7.53 -9.53 10.17
N VAL A 71 -8.28 -8.84 9.31
CA VAL A 71 -7.71 -8.26 8.10
C VAL A 71 -8.50 -7.02 7.67
N GLN A 72 -7.92 -6.25 6.77
CA GLN A 72 -8.56 -5.03 6.27
C GLN A 72 -8.24 -4.81 4.79
N ALA A 73 -9.27 -4.61 3.99
CA ALA A 73 -9.09 -4.39 2.56
C ALA A 73 -8.69 -2.95 2.27
N ILE A 74 -7.74 -2.77 1.37
CA ILE A 74 -7.27 -1.44 1.01
C ILE A 74 -7.49 -1.16 -0.48
N GLN A 75 -8.27 -0.12 -0.76
CA GLN A 75 -8.56 0.25 -2.14
C GLN A 75 -7.43 1.09 -2.72
N ILE A 76 -6.95 0.68 -3.90
CA ILE A 76 -5.86 1.40 -4.56
C ILE A 76 -6.19 1.65 -6.03
N SER A 77 -6.06 2.89 -6.45
CA SER A 77 -6.35 3.27 -7.83
C SER A 77 -5.20 4.09 -8.43
N PHE A 78 -4.57 3.54 -9.45
CA PHE A 78 -3.45 4.22 -10.12
C PHE A 78 -3.84 4.66 -11.52
N SER A 79 -3.48 5.90 -11.87
CA SER A 79 -3.79 6.44 -13.18
C SER A 79 -2.88 7.62 -13.51
N SER A 80 -2.05 7.44 -14.53
CA SER A 80 -1.12 8.50 -14.94
C SER A 80 -0.91 8.47 -16.46
N ILE A 81 -0.55 9.62 -17.02
CA ILE A 81 -0.32 9.73 -18.45
C ILE A 81 1.17 9.60 -18.78
N ILE A 82 1.96 9.29 -17.76
CA ILE A 82 3.40 9.14 -17.95
C ILE A 82 3.76 7.70 -18.28
N LEU A 83 4.36 7.50 -19.46
CA LEU A 83 4.76 6.18 -19.90
C LEU A 83 6.09 5.77 -19.28
N GLY A 84 6.41 4.48 -19.36
CA GLY A 84 7.65 3.99 -18.80
C GLY A 84 7.47 3.31 -17.46
N ASN A 85 8.41 2.44 -17.10
CA ASN A 85 8.34 1.72 -15.84
C ASN A 85 8.34 2.69 -14.66
N PHE A 86 7.98 2.18 -13.48
CA PHE A 86 7.94 3.01 -12.28
C PHE A 86 8.08 2.15 -11.03
N GLU A 87 8.94 2.59 -10.11
CA GLU A 87 9.17 1.86 -8.86
C GLU A 87 9.03 2.79 -7.66
N GLU A 88 7.84 2.78 -7.05
CA GLU A 88 7.58 3.63 -5.90
C GLU A 88 7.25 2.78 -4.67
N GLU A 89 7.53 3.31 -3.49
CA GLU A 89 7.27 2.60 -2.24
C GLU A 89 6.47 3.46 -1.28
N PHE A 90 5.27 2.99 -0.92
CA PHE A 90 4.40 3.71 -0.01
C PHE A 90 4.62 3.27 1.43
N LEU A 91 4.26 4.14 2.37
CA LEU A 91 4.41 3.83 3.79
C LEU A 91 3.10 4.01 4.53
N VAL A 92 2.89 3.20 5.57
CA VAL A 92 1.68 3.28 6.37
C VAL A 92 1.99 3.60 7.83
N ASN A 93 1.49 4.75 8.28
CA ASN A 93 1.72 5.19 9.67
C ASN A 93 0.90 4.35 10.64
N VAL A 94 1.56 3.84 11.67
CA VAL A 94 0.89 3.03 12.68
C VAL A 94 1.23 3.51 14.08
N ASN A 95 0.22 3.98 14.80
CA ASN A 95 0.40 4.47 16.16
C ASN A 95 0.94 3.37 17.07
N GLY A 96 2.16 3.56 17.56
CA GLY A 96 2.77 2.59 18.43
C GLY A 96 3.98 1.92 17.81
N SER A 97 3.84 1.50 16.55
CA SER A 97 4.93 0.84 15.84
C SER A 97 6.03 1.84 15.48
N PRO A 98 7.28 1.39 15.54
CA PRO A 98 8.44 2.23 15.22
C PRO A 98 8.53 2.55 13.73
N GLU A 99 8.45 1.51 12.90
CA GLU A 99 8.52 1.69 11.46
C GLU A 99 7.20 1.30 10.79
N PRO A 100 6.79 2.07 9.78
CA PRO A 100 5.55 1.83 9.04
C PRO A 100 5.62 0.56 8.19
N VAL A 101 4.49 0.18 7.59
CA VAL A 101 4.43 -1.00 6.75
C VAL A 101 4.91 -0.69 5.33
N LYS A 102 6.19 -0.94 5.07
CA LYS A 102 6.76 -0.68 3.76
C LYS A 102 6.00 -1.44 2.67
N LEU A 103 5.70 -0.75 1.58
CA LEU A 103 4.98 -1.36 0.47
C LEU A 103 5.62 -0.98 -0.86
N THR A 104 5.88 -2.00 -1.69
CA THR A 104 6.49 -1.76 -3.00
C THR A 104 5.50 -2.08 -4.13
N ILE A 105 5.31 -1.13 -5.02
CA ILE A 105 4.39 -1.31 -6.15
C ILE A 105 5.11 -1.09 -7.47
N ARG A 106 5.22 -2.16 -8.26
CA ARG A 106 5.88 -2.08 -9.55
C ARG A 106 4.86 -2.15 -10.69
N GLY A 107 5.08 -1.33 -11.71
CA GLY A 107 4.18 -1.31 -12.85
C GLY A 107 4.74 -0.57 -14.03
N CYS A 108 4.37 -0.99 -15.24
CA CYS A 108 4.84 -0.36 -16.46
C CYS A 108 3.70 0.29 -17.23
N VAL A 109 3.75 1.60 -17.38
CA VAL A 109 2.72 2.34 -18.10
C VAL A 109 3.00 2.37 -19.59
N ILE A 110 1.99 1.98 -20.38
CA ILE A 110 2.13 1.95 -21.83
C ILE A 110 0.89 2.54 -22.51
N GLY A 111 1.02 2.86 -23.79
CA GLY A 111 -0.09 3.41 -24.54
C GLY A 111 -0.23 2.81 -25.92
N PRO A 112 -1.09 3.42 -26.74
CA PRO A 112 -1.33 2.95 -28.12
C PRO A 112 -0.13 3.18 -29.03
N GLY A 1 5.93 -14.32 28.64
CA GLY A 1 6.38 -13.15 27.93
C GLY A 1 7.45 -13.46 26.90
N SER A 2 8.63 -12.89 27.09
CA SER A 2 9.75 -13.10 26.17
C SER A 2 9.27 -13.09 24.73
N SER A 3 8.45 -12.10 24.40
CA SER A 3 7.91 -11.98 23.04
C SER A 3 8.32 -10.64 22.42
N GLY A 4 9.32 -10.67 21.55
CA GLY A 4 9.78 -9.46 20.90
C GLY A 4 9.07 -9.19 19.59
N SER A 5 8.36 -8.08 19.52
CA SER A 5 7.62 -7.72 18.31
C SER A 5 8.46 -6.81 17.41
N SER A 6 8.88 -7.35 16.27
CA SER A 6 9.70 -6.60 15.32
C SER A 6 8.83 -5.97 14.24
N GLY A 7 9.27 -4.83 13.73
CA GLY A 7 8.52 -4.14 12.69
C GLY A 7 7.07 -3.96 13.05
N PRO A 8 6.29 -3.38 12.12
CA PRO A 8 4.86 -3.13 12.32
C PRO A 8 4.04 -4.43 12.32
N LYS A 9 3.14 -4.55 13.30
CA LYS A 9 2.30 -5.74 13.41
C LYS A 9 1.57 -6.01 12.10
N ILE A 10 0.77 -5.04 11.66
CA ILE A 10 0.01 -5.18 10.42
C ILE A 10 0.94 -5.52 9.25
N HIS A 11 0.48 -6.41 8.38
CA HIS A 11 1.25 -6.81 7.22
C HIS A 11 0.34 -7.10 6.03
N PHE A 12 0.77 -6.65 4.84
CA PHE A 12 -0.01 -6.85 3.63
C PHE A 12 0.07 -8.30 3.17
N ASN A 13 -1.01 -8.80 2.58
CA ASN A 13 -1.07 -10.17 2.10
C ASN A 13 0.20 -10.51 1.30
N PHE A 14 0.85 -9.48 0.78
CA PHE A 14 2.08 -9.67 0.00
C PHE A 14 3.09 -8.56 0.29
N GLU A 15 4.33 -8.80 -0.10
CA GLU A 15 5.40 -7.83 0.13
C GLU A 15 5.47 -6.83 -1.03
N LEU A 16 5.10 -7.28 -2.21
CA LEU A 16 5.13 -6.44 -3.40
C LEU A 16 3.85 -6.62 -4.23
N LEU A 17 3.53 -5.61 -5.03
CA LEU A 17 2.34 -5.66 -5.87
C LEU A 17 2.67 -5.25 -7.30
N ASP A 18 2.89 -6.24 -8.15
CA ASP A 18 3.22 -5.97 -9.56
C ASP A 18 1.95 -5.85 -10.40
N ILE A 19 1.73 -4.67 -10.95
CA ILE A 19 0.55 -4.42 -11.78
C ILE A 19 0.86 -4.63 -13.25
N GLY A 20 2.06 -5.15 -13.54
CA GLY A 20 2.44 -5.38 -14.91
C GLY A 20 2.28 -4.16 -15.79
N LYS A 21 1.67 -4.36 -16.96
CA LYS A 21 1.43 -3.27 -17.90
C LYS A 21 0.05 -2.65 -17.69
N VAL A 22 -0.06 -1.37 -17.96
CA VAL A 22 -1.34 -0.66 -17.81
C VAL A 22 -1.53 0.38 -18.91
N PHE A 23 -2.63 0.26 -19.64
CA PHE A 23 -2.93 1.18 -20.73
C PHE A 23 -2.89 2.63 -20.24
N THR A 24 -2.29 3.50 -21.04
CA THR A 24 -2.18 4.91 -20.69
C THR A 24 -3.55 5.57 -20.63
N GLY A 25 -3.67 6.60 -19.81
CA GLY A 25 -4.94 7.31 -19.67
C GLY A 25 -6.08 6.38 -19.30
N SER A 26 -5.78 5.38 -18.48
CA SER A 26 -6.79 4.42 -18.06
C SER A 26 -6.69 4.14 -16.56
N ALA A 27 -7.84 3.96 -15.91
CA ALA A 27 -7.88 3.69 -14.48
C ALA A 27 -8.07 2.21 -14.21
N HIS A 28 -7.19 1.64 -13.39
CA HIS A 28 -7.27 0.22 -13.06
C HIS A 28 -7.86 0.03 -11.66
N CYS A 29 -8.18 -1.22 -11.33
CA CYS A 29 -8.76 -1.53 -10.03
C CYS A 29 -7.93 -2.58 -9.30
N TYR A 30 -7.33 -2.18 -8.17
CA TYR A 30 -6.50 -3.08 -7.39
C TYR A 30 -7.05 -3.23 -5.97
N GLU A 31 -6.47 -4.16 -5.21
CA GLU A 31 -6.90 -4.41 -3.84
C GLU A 31 -5.74 -4.90 -2.99
N ALA A 32 -5.66 -4.40 -1.76
CA ALA A 32 -4.61 -4.80 -0.84
C ALA A 32 -5.17 -5.18 0.53
N ILE A 33 -4.95 -6.42 0.93
CA ILE A 33 -5.44 -6.91 2.22
C ILE A 33 -4.37 -6.79 3.28
N LEU A 34 -4.70 -6.09 4.37
CA LEU A 34 -3.77 -5.90 5.48
C LEU A 34 -4.18 -6.73 6.69
N TYR A 35 -3.33 -7.67 7.08
CA TYR A 35 -3.60 -8.52 8.23
C TYR A 35 -3.07 -7.90 9.52
N ASN A 36 -3.97 -7.66 10.46
CA ASN A 36 -3.59 -7.07 11.74
C ASN A 36 -3.02 -8.13 12.68
N LYS A 37 -1.72 -8.04 12.94
CA LYS A 37 -1.05 -8.99 13.83
C LYS A 37 -0.72 -8.34 15.16
N GLY A 38 -1.68 -7.60 15.71
CA GLY A 38 -1.46 -6.95 16.99
C GLY A 38 -2.32 -7.55 18.10
N SER A 39 -2.54 -6.78 19.15
CA SER A 39 -3.33 -7.23 20.29
C SER A 39 -4.67 -6.51 20.34
N ILE A 40 -4.69 -5.28 19.86
CA ILE A 40 -5.91 -4.47 19.85
C ILE A 40 -6.00 -3.63 18.59
N ASP A 41 -7.09 -2.88 18.46
CA ASP A 41 -7.30 -2.02 17.30
C ASP A 41 -6.01 -1.34 16.89
N ALA A 42 -5.65 -1.48 15.62
CA ALA A 42 -4.42 -0.88 15.10
C ALA A 42 -4.74 0.32 14.20
N LEU A 43 -4.22 1.48 14.58
CA LEU A 43 -4.46 2.70 13.81
C LEU A 43 -3.44 2.83 12.67
N PHE A 44 -3.92 2.60 11.45
CA PHE A 44 -3.05 2.69 10.27
C PHE A 44 -3.40 3.91 9.42
N ASN A 45 -2.41 4.43 8.70
CA ASN A 45 -2.61 5.59 7.86
C ASN A 45 -1.55 5.66 6.77
N MET A 46 -1.99 5.89 5.54
CA MET A 46 -1.07 5.98 4.40
C MET A 46 -0.34 7.32 4.41
N THR A 47 0.94 7.31 4.03
CA THR A 47 1.75 8.51 3.99
C THR A 47 1.72 9.15 2.61
N PRO A 48 1.59 10.49 2.57
CA PRO A 48 1.56 11.25 1.33
C PRO A 48 2.90 11.24 0.60
N PRO A 49 2.91 10.70 -0.63
CA PRO A 49 4.12 10.63 -1.45
C PRO A 49 4.57 12.00 -1.95
N THR A 50 5.79 12.07 -2.47
CA THR A 50 6.34 13.32 -2.97
C THR A 50 6.84 13.15 -4.41
N SER A 51 6.20 12.26 -5.15
CA SER A 51 6.58 12.00 -6.54
C SER A 51 5.38 12.11 -7.47
N ALA A 52 5.63 12.44 -8.72
CA ALA A 52 4.56 12.57 -9.71
C ALA A 52 3.71 11.31 -9.76
N LEU A 53 4.36 10.16 -9.86
CA LEU A 53 3.66 8.87 -9.91
C LEU A 53 3.03 8.55 -8.57
N GLY A 54 3.87 8.37 -7.55
CA GLY A 54 3.37 8.05 -6.22
C GLY A 54 2.07 8.76 -5.91
N ALA A 55 2.05 10.07 -6.14
CA ALA A 55 0.86 10.87 -5.88
C ALA A 55 -0.35 10.32 -6.62
N CYS A 56 -0.22 10.20 -7.94
CA CYS A 56 -1.29 9.70 -8.77
C CYS A 56 -2.06 8.59 -8.05
N PHE A 57 -1.34 7.72 -7.36
CA PHE A 57 -1.95 6.63 -6.63
C PHE A 57 -2.81 7.14 -5.47
N VAL A 58 -3.95 6.49 -5.24
CA VAL A 58 -4.84 6.89 -4.17
C VAL A 58 -5.21 5.69 -3.29
N PHE A 59 -4.60 5.63 -2.11
CA PHE A 59 -4.86 4.54 -1.18
C PHE A 59 -5.96 4.92 -0.19
N SER A 60 -6.87 3.98 0.06
CA SER A 60 -7.97 4.22 0.98
C SER A 60 -8.37 2.93 1.71
N PRO A 61 -9.00 3.08 2.88
CA PRO A 61 -9.32 4.40 3.44
C PRO A 61 -8.07 5.14 3.91
N LYS A 62 -8.00 6.42 3.58
CA LYS A 62 -6.86 7.25 3.98
C LYS A 62 -6.37 6.88 5.38
N GLU A 63 -7.29 6.38 6.21
CA GLU A 63 -6.95 5.98 7.56
C GLU A 63 -8.13 5.28 8.24
N GLY A 64 -7.82 4.27 9.05
CA GLY A 64 -8.86 3.54 9.74
C GLY A 64 -8.32 2.67 10.86
N ILE A 65 -9.07 1.64 11.23
CA ILE A 65 -8.66 0.74 12.30
C ILE A 65 -8.90 -0.71 11.92
N ILE A 66 -7.90 -1.56 12.16
CA ILE A 66 -8.00 -2.98 11.85
C ILE A 66 -8.06 -3.82 13.10
N GLU A 67 -9.22 -4.41 13.37
CA GLU A 67 -9.41 -5.26 14.55
C GLU A 67 -8.28 -6.28 14.66
N PRO A 68 -7.99 -6.69 15.90
CA PRO A 68 -6.93 -7.67 16.19
C PRO A 68 -7.30 -9.07 15.70
N SER A 69 -6.32 -9.77 15.15
CA SER A 69 -6.53 -11.12 14.65
C SER A 69 -7.50 -11.12 13.47
N GLY A 70 -7.36 -10.10 12.61
CA GLY A 70 -8.22 -10.00 11.45
C GLY A 70 -7.53 -9.39 10.25
N VAL A 71 -8.30 -8.90 9.29
CA VAL A 71 -7.74 -8.29 8.09
C VAL A 71 -8.52 -7.04 7.70
N GLN A 72 -7.96 -6.27 6.77
CA GLN A 72 -8.61 -5.05 6.30
C GLN A 72 -8.30 -4.81 4.83
N ALA A 73 -9.36 -4.70 4.02
CA ALA A 73 -9.21 -4.46 2.60
C ALA A 73 -8.75 -3.04 2.32
N ILE A 74 -7.91 -2.87 1.30
CA ILE A 74 -7.40 -1.55 0.95
C ILE A 74 -7.63 -1.27 -0.55
N GLN A 75 -8.37 -0.19 -0.82
CA GLN A 75 -8.66 0.19 -2.20
C GLN A 75 -7.54 1.05 -2.77
N ILE A 76 -7.01 0.65 -3.92
CA ILE A 76 -5.93 1.37 -4.57
C ILE A 76 -6.32 1.79 -5.99
N SER A 77 -6.28 3.08 -6.26
CA SER A 77 -6.63 3.61 -7.57
C SER A 77 -5.45 4.34 -8.20
N PHE A 78 -5.13 3.99 -9.44
CA PHE A 78 -4.03 4.63 -10.15
C PHE A 78 -4.43 4.99 -11.57
N SER A 79 -3.89 6.10 -12.06
CA SER A 79 -4.19 6.57 -13.41
C SER A 79 -3.29 7.72 -13.81
N SER A 80 -2.45 7.51 -14.82
CA SER A 80 -1.53 8.53 -15.30
C SER A 80 -1.31 8.41 -16.80
N ILE A 81 -0.45 9.27 -17.33
CA ILE A 81 -0.15 9.26 -18.77
C ILE A 81 1.35 9.24 -19.01
N ILE A 82 2.12 9.20 -17.93
CA ILE A 82 3.58 9.18 -18.03
C ILE A 82 4.08 7.79 -18.38
N LEU A 83 4.26 7.53 -19.67
CA LEU A 83 4.75 6.24 -20.14
C LEU A 83 6.14 5.94 -19.57
N GLY A 84 6.52 4.66 -19.59
CA GLY A 84 7.82 4.27 -19.08
C GLY A 84 7.72 3.57 -17.74
N ASN A 85 8.77 2.83 -17.38
CA ASN A 85 8.79 2.11 -16.11
C ASN A 85 8.77 3.08 -14.93
N PHE A 86 8.28 2.60 -13.79
CA PHE A 86 8.21 3.42 -12.59
C PHE A 86 8.15 2.56 -11.34
N GLU A 87 8.99 2.88 -10.36
CA GLU A 87 9.04 2.13 -9.11
C GLU A 87 8.90 3.06 -7.91
N GLU A 88 7.80 2.93 -7.18
CA GLU A 88 7.55 3.75 -6.01
C GLU A 88 7.35 2.90 -4.76
N GLU A 89 7.46 3.52 -3.60
CA GLU A 89 7.29 2.80 -2.33
C GLU A 89 6.45 3.63 -1.36
N PHE A 90 5.29 3.09 -0.99
CA PHE A 90 4.40 3.78 -0.06
C PHE A 90 4.61 3.28 1.36
N LEU A 91 4.39 4.16 2.33
CA LEU A 91 4.55 3.81 3.74
C LEU A 91 3.23 3.95 4.49
N VAL A 92 3.12 3.24 5.62
CA VAL A 92 1.92 3.29 6.44
C VAL A 92 2.24 3.66 7.88
N ASN A 93 1.83 4.86 8.27
CA ASN A 93 2.09 5.34 9.64
C ASN A 93 1.19 4.61 10.64
N VAL A 94 1.79 4.16 11.73
CA VAL A 94 1.05 3.45 12.78
C VAL A 94 1.35 4.02 14.15
N ASN A 95 0.35 4.00 15.03
CA ASN A 95 0.50 4.52 16.38
C ASN A 95 1.16 3.49 17.29
N GLY A 96 2.45 3.69 17.57
CA GLY A 96 3.17 2.76 18.42
C GLY A 96 4.23 1.99 17.67
N SER A 97 3.84 1.32 16.59
CA SER A 97 4.76 0.54 15.79
C SER A 97 6.10 1.27 15.63
N PRO A 98 7.19 0.50 15.61
CA PRO A 98 8.54 1.05 15.46
C PRO A 98 8.79 1.60 14.05
N GLU A 99 8.17 0.97 13.06
CA GLU A 99 8.33 1.39 11.68
C GLU A 99 7.06 1.13 10.88
N PRO A 100 6.79 2.00 9.89
CA PRO A 100 5.61 1.88 9.03
C PRO A 100 5.68 0.67 8.10
N VAL A 101 4.52 0.20 7.65
CA VAL A 101 4.46 -0.94 6.75
C VAL A 101 4.90 -0.57 5.35
N LYS A 102 6.18 -0.75 5.06
CA LYS A 102 6.73 -0.44 3.74
C LYS A 102 6.03 -1.24 2.66
N LEU A 103 5.63 -0.56 1.59
CA LEU A 103 4.95 -1.20 0.47
C LEU A 103 5.55 -0.77 -0.86
N THR A 104 5.99 -1.75 -1.65
CA THR A 104 6.58 -1.47 -2.94
C THR A 104 5.66 -1.90 -4.08
N ILE A 105 5.60 -1.08 -5.12
CA ILE A 105 4.74 -1.38 -6.27
C ILE A 105 5.50 -1.14 -7.58
N ARG A 106 5.49 -2.14 -8.45
CA ARG A 106 6.17 -2.04 -9.74
C ARG A 106 5.17 -2.15 -10.89
N GLY A 107 5.34 -1.31 -11.90
CA GLY A 107 4.45 -1.33 -13.05
C GLY A 107 5.02 -0.59 -14.24
N CYS A 108 4.51 -0.89 -15.42
CA CYS A 108 4.97 -0.25 -16.65
C CYS A 108 3.80 0.35 -17.42
N VAL A 109 3.84 1.67 -17.60
CA VAL A 109 2.77 2.37 -18.32
C VAL A 109 3.05 2.37 -19.82
N ILE A 110 2.04 1.98 -20.59
CA ILE A 110 2.17 1.94 -22.05
C ILE A 110 0.98 2.62 -22.72
N GLY A 111 1.12 2.90 -24.01
CA GLY A 111 0.07 3.55 -24.76
C GLY A 111 -0.02 3.08 -26.19
N PRO A 112 -1.02 3.58 -26.93
CA PRO A 112 -1.23 3.22 -28.33
C PRO A 112 -0.15 3.78 -29.24
N GLY A 1 0.57 -16.85 19.24
CA GLY A 1 1.65 -16.21 19.94
C GLY A 1 3.02 -16.70 19.48
N SER A 2 3.62 -15.97 18.55
CA SER A 2 4.93 -16.34 18.02
C SER A 2 5.76 -15.10 17.73
N SER A 3 7.03 -15.32 17.36
CA SER A 3 7.93 -14.22 17.05
C SER A 3 8.38 -14.27 15.59
N GLY A 4 7.75 -13.47 14.75
CA GLY A 4 8.10 -13.44 13.34
C GLY A 4 9.19 -12.44 13.04
N SER A 5 9.12 -11.83 11.85
CA SER A 5 10.12 -10.85 11.43
C SER A 5 9.82 -9.49 12.04
N SER A 6 10.75 -9.00 12.86
CA SER A 6 10.59 -7.70 13.51
C SER A 6 9.99 -6.68 12.55
N GLY A 7 9.11 -5.82 13.08
CA GLY A 7 8.49 -4.80 12.26
C GLY A 7 7.12 -4.41 12.78
N PRO A 8 6.35 -3.70 11.93
CA PRO A 8 5.00 -3.24 12.30
C PRO A 8 4.01 -4.40 12.40
N LYS A 9 3.08 -4.29 13.35
CA LYS A 9 2.07 -5.32 13.54
C LYS A 9 1.40 -5.69 12.22
N ILE A 10 0.65 -4.75 11.66
CA ILE A 10 -0.04 -4.99 10.39
C ILE A 10 0.94 -5.40 9.30
N HIS A 11 0.46 -6.15 8.33
CA HIS A 11 1.29 -6.62 7.22
C HIS A 11 0.44 -6.92 5.99
N PHE A 12 0.92 -6.47 4.83
CA PHE A 12 0.20 -6.69 3.58
C PHE A 12 0.33 -8.14 3.13
N ASN A 13 -0.78 -8.71 2.65
CA ASN A 13 -0.79 -10.09 2.18
C ASN A 13 0.51 -10.42 1.46
N PHE A 14 1.10 -9.43 0.80
CA PHE A 14 2.35 -9.61 0.07
C PHE A 14 3.31 -8.46 0.32
N GLU A 15 4.56 -8.64 -0.10
CA GLU A 15 5.58 -7.60 0.08
C GLU A 15 5.59 -6.64 -1.10
N LEU A 16 5.47 -7.19 -2.31
CA LEU A 16 5.47 -6.38 -3.52
C LEU A 16 4.30 -6.76 -4.42
N LEU A 17 3.67 -5.76 -5.03
CA LEU A 17 2.54 -5.98 -5.92
C LEU A 17 2.89 -5.56 -7.35
N ASP A 18 3.08 -6.56 -8.22
CA ASP A 18 3.42 -6.29 -9.61
C ASP A 18 2.15 -6.10 -10.45
N ILE A 19 1.85 -4.86 -10.78
CA ILE A 19 0.67 -4.54 -11.58
C ILE A 19 0.98 -4.64 -13.07
N GLY A 20 2.01 -5.39 -13.41
CA GLY A 20 2.38 -5.55 -14.81
C GLY A 20 2.23 -4.26 -15.59
N LYS A 21 1.72 -4.38 -16.82
CA LYS A 21 1.53 -3.21 -17.68
C LYS A 21 0.15 -2.61 -17.46
N VAL A 22 0.01 -1.32 -17.80
CA VAL A 22 -1.25 -0.63 -17.65
C VAL A 22 -1.43 0.44 -18.73
N PHE A 23 -2.62 0.49 -19.32
CA PHE A 23 -2.91 1.46 -20.37
C PHE A 23 -2.86 2.89 -19.81
N THR A 24 -2.31 3.80 -20.60
CA THR A 24 -2.20 5.19 -20.19
C THR A 24 -3.57 5.86 -20.15
N GLY A 25 -3.71 6.86 -19.28
CA GLY A 25 -4.97 7.57 -19.14
C GLY A 25 -5.98 6.80 -18.32
N SER A 26 -6.39 5.64 -18.82
CA SER A 26 -7.37 4.81 -18.13
C SER A 26 -6.92 4.53 -16.70
N ALA A 27 -7.83 3.97 -15.91
CA ALA A 27 -7.54 3.65 -14.51
C ALA A 27 -7.78 2.17 -14.23
N HIS A 28 -6.91 1.58 -13.40
CA HIS A 28 -7.03 0.17 -13.05
C HIS A 28 -7.41 0.01 -11.58
N CYS A 29 -8.23 -0.99 -11.31
CA CYS A 29 -8.68 -1.26 -9.94
C CYS A 29 -7.85 -2.37 -9.30
N TYR A 30 -7.36 -2.10 -8.09
CA TYR A 30 -6.54 -3.07 -7.37
C TYR A 30 -7.10 -3.32 -5.97
N GLU A 31 -6.55 -4.32 -5.29
CA GLU A 31 -6.99 -4.66 -3.95
C GLU A 31 -5.83 -5.19 -3.11
N ALA A 32 -5.62 -4.60 -1.94
CA ALA A 32 -4.56 -5.02 -1.04
C ALA A 32 -5.08 -5.30 0.36
N ILE A 33 -4.98 -6.54 0.80
CA ILE A 33 -5.44 -6.93 2.13
C ILE A 33 -4.36 -6.70 3.18
N LEU A 34 -4.76 -6.19 4.34
CA LEU A 34 -3.83 -5.93 5.43
C LEU A 34 -4.26 -6.66 6.70
N TYR A 35 -3.49 -7.66 7.08
CA TYR A 35 -3.78 -8.44 8.28
C TYR A 35 -3.17 -7.78 9.52
N ASN A 36 -4.03 -7.43 10.47
CA ASN A 36 -3.57 -6.80 11.71
C ASN A 36 -3.17 -7.84 12.73
N LYS A 37 -1.87 -7.94 12.99
CA LYS A 37 -1.35 -8.90 13.96
C LYS A 37 -1.14 -8.25 15.32
N GLY A 38 -2.11 -7.44 15.74
CA GLY A 38 -2.01 -6.77 17.02
C GLY A 38 -3.02 -7.27 18.02
N SER A 39 -2.63 -7.29 19.30
CA SER A 39 -3.51 -7.77 20.37
C SER A 39 -4.81 -6.97 20.38
N ILE A 40 -4.69 -5.65 20.36
CA ILE A 40 -5.86 -4.77 20.37
C ILE A 40 -5.95 -3.95 19.10
N ASP A 41 -7.09 -3.31 18.89
CA ASP A 41 -7.30 -2.48 17.71
C ASP A 41 -6.04 -1.70 17.36
N ALA A 42 -5.72 -1.64 16.07
CA ALA A 42 -4.55 -0.91 15.61
C ALA A 42 -4.94 0.26 14.72
N LEU A 43 -4.25 1.38 14.90
CA LEU A 43 -4.53 2.58 14.12
C LEU A 43 -3.52 2.74 12.99
N PHE A 44 -3.94 2.42 11.77
CA PHE A 44 -3.08 2.52 10.60
C PHE A 44 -3.40 3.79 9.81
N ASN A 45 -2.47 4.18 8.94
CA ASN A 45 -2.64 5.38 8.12
C ASN A 45 -1.63 5.39 6.97
N MET A 46 -2.07 5.90 5.82
CA MET A 46 -1.21 5.98 4.64
C MET A 46 -0.49 7.32 4.58
N THR A 47 0.76 7.29 4.14
CA THR A 47 1.57 8.50 4.04
C THR A 47 1.49 9.10 2.64
N PRO A 48 1.36 10.44 2.57
CA PRO A 48 1.27 11.16 1.31
C PRO A 48 2.58 11.15 0.54
N PRO A 49 2.53 10.70 -0.73
CA PRO A 49 3.70 10.64 -1.59
C PRO A 49 4.21 12.02 -2.00
N THR A 50 5.49 12.10 -2.34
CA THR A 50 6.09 13.37 -2.74
C THR A 50 6.69 13.27 -4.14
N SER A 51 6.06 12.47 -4.99
CA SER A 51 6.53 12.29 -6.36
C SER A 51 5.38 12.41 -7.36
N ALA A 52 5.72 12.52 -8.64
CA ALA A 52 4.71 12.63 -9.68
C ALA A 52 3.84 11.39 -9.75
N LEU A 53 4.46 10.24 -9.98
CA LEU A 53 3.73 8.99 -10.08
C LEU A 53 2.95 8.72 -8.80
N GLY A 54 3.67 8.51 -7.70
CA GLY A 54 3.03 8.25 -6.42
C GLY A 54 1.77 9.06 -6.23
N ALA A 55 1.89 10.38 -6.36
CA ALA A 55 0.74 11.27 -6.20
C ALA A 55 -0.51 10.67 -6.83
N CYS A 56 -0.42 10.36 -8.12
CA CYS A 56 -1.56 9.79 -8.83
C CYS A 56 -2.22 8.69 -8.02
N PHE A 57 -1.44 7.70 -7.60
CA PHE A 57 -1.97 6.60 -6.81
C PHE A 57 -2.88 7.10 -5.70
N VAL A 58 -3.92 6.33 -5.40
CA VAL A 58 -4.87 6.71 -4.35
C VAL A 58 -5.17 5.52 -3.43
N PHE A 59 -4.63 5.58 -2.22
CA PHE A 59 -4.84 4.52 -1.24
C PHE A 59 -5.90 4.93 -0.22
N SER A 60 -6.84 4.01 0.05
CA SER A 60 -7.91 4.27 1.00
C SER A 60 -8.35 2.98 1.68
N PRO A 61 -9.01 3.12 2.83
CA PRO A 61 -9.32 4.44 3.42
C PRO A 61 -8.07 5.13 3.94
N LYS A 62 -7.96 6.43 3.68
CA LYS A 62 -6.82 7.21 4.13
C LYS A 62 -6.31 6.71 5.48
N GLU A 63 -7.24 6.24 6.31
CA GLU A 63 -6.89 5.73 7.63
C GLU A 63 -8.09 5.11 8.33
N GLY A 64 -7.86 4.41 9.42
CA GLY A 64 -8.94 3.78 10.16
C GLY A 64 -8.44 2.83 11.23
N ILE A 65 -9.25 1.84 11.57
CA ILE A 65 -8.89 0.85 12.58
C ILE A 65 -9.05 -0.57 12.06
N ILE A 66 -8.03 -1.39 12.26
CA ILE A 66 -8.06 -2.78 11.81
C ILE A 66 -8.17 -3.73 12.99
N GLU A 67 -9.40 -4.12 13.31
CA GLU A 67 -9.64 -5.03 14.43
C GLU A 67 -8.52 -6.07 14.53
N PRO A 68 -8.26 -6.54 15.76
CA PRO A 68 -7.22 -7.54 16.02
C PRO A 68 -7.58 -8.91 15.46
N SER A 69 -6.58 -9.64 14.99
CA SER A 69 -6.79 -10.97 14.43
C SER A 69 -7.78 -10.92 13.26
N GLY A 70 -7.79 -9.79 12.57
CA GLY A 70 -8.69 -9.62 11.44
C GLY A 70 -7.96 -9.17 10.19
N VAL A 71 -8.67 -8.45 9.32
CA VAL A 71 -8.09 -7.95 8.08
C VAL A 71 -8.81 -6.69 7.61
N GLN A 72 -8.15 -5.93 6.74
CA GLN A 72 -8.72 -4.70 6.21
C GLN A 72 -8.39 -4.54 4.73
N ALA A 73 -9.43 -4.52 3.90
CA ALA A 73 -9.24 -4.37 2.45
C ALA A 73 -8.90 -2.93 2.09
N ILE A 74 -7.78 -2.75 1.38
CA ILE A 74 -7.34 -1.43 0.97
C ILE A 74 -7.60 -1.20 -0.51
N GLN A 75 -8.36 -0.16 -0.83
CA GLN A 75 -8.67 0.17 -2.22
C GLN A 75 -7.59 1.04 -2.82
N ILE A 76 -6.90 0.51 -3.83
CA ILE A 76 -5.83 1.24 -4.50
C ILE A 76 -6.24 1.62 -5.92
N SER A 77 -5.99 2.87 -6.29
CA SER A 77 -6.32 3.36 -7.61
C SER A 77 -5.17 4.16 -8.21
N PHE A 78 -4.71 3.74 -9.39
CA PHE A 78 -3.61 4.42 -10.06
C PHE A 78 -4.00 4.81 -11.48
N SER A 79 -3.47 5.93 -11.94
CA SER A 79 -3.77 6.43 -13.28
C SER A 79 -2.90 7.64 -13.62
N SER A 80 -1.93 7.45 -14.50
CA SER A 80 -1.04 8.53 -14.90
C SER A 80 -0.86 8.55 -16.42
N ILE A 81 -0.08 9.51 -16.90
CA ILE A 81 0.18 9.63 -18.33
C ILE A 81 1.65 9.38 -18.65
N ILE A 82 2.51 9.56 -17.65
CA ILE A 82 3.93 9.34 -17.82
C ILE A 82 4.23 7.90 -18.25
N LEU A 83 4.61 7.73 -19.50
CA LEU A 83 4.92 6.40 -20.03
C LEU A 83 6.26 5.91 -19.50
N GLY A 84 6.49 4.60 -19.60
CA GLY A 84 7.73 4.03 -19.12
C GLY A 84 7.58 3.32 -17.79
N ASN A 85 8.63 2.64 -17.35
CA ASN A 85 8.60 1.93 -16.08
C ASN A 85 8.77 2.89 -14.91
N PHE A 86 8.04 2.62 -13.83
CA PHE A 86 8.10 3.46 -12.64
C PHE A 86 8.17 2.61 -11.37
N GLU A 87 9.00 3.02 -10.42
CA GLU A 87 9.15 2.29 -9.17
C GLU A 87 8.97 3.23 -7.98
N GLU A 88 7.90 3.02 -7.23
CA GLU A 88 7.60 3.84 -6.06
C GLU A 88 7.40 2.97 -4.82
N GLU A 89 7.51 3.60 -3.65
CA GLU A 89 7.34 2.88 -2.40
C GLU A 89 6.40 3.64 -1.45
N PHE A 90 5.36 2.95 -0.99
CA PHE A 90 4.39 3.56 -0.10
C PHE A 90 4.60 3.09 1.35
N LEU A 91 4.33 3.96 2.30
CA LEU A 91 4.49 3.63 3.71
C LEU A 91 3.18 3.84 4.47
N VAL A 92 2.98 3.04 5.51
CA VAL A 92 1.77 3.14 6.33
C VAL A 92 2.11 3.49 7.77
N ASN A 93 1.70 4.69 8.18
CA ASN A 93 1.96 5.16 9.54
C ASN A 93 1.10 4.40 10.55
N VAL A 94 1.71 3.98 11.65
CA VAL A 94 1.00 3.24 12.69
C VAL A 94 1.39 3.75 14.08
N ASN A 95 0.38 4.01 14.91
CA ASN A 95 0.61 4.50 16.26
C ASN A 95 1.46 3.51 17.06
N GLY A 96 2.63 3.96 17.48
CA GLY A 96 3.52 3.10 18.25
C GLY A 96 4.67 2.57 17.43
N SER A 97 4.37 1.73 16.44
CA SER A 97 5.39 1.16 15.58
C SER A 97 6.39 2.22 15.14
N PRO A 98 7.68 1.92 15.31
CA PRO A 98 8.76 2.82 14.92
C PRO A 98 8.89 2.98 13.41
N GLU A 99 8.56 1.91 12.69
CA GLU A 99 8.64 1.92 11.23
C GLU A 99 7.31 1.51 10.61
N PRO A 100 6.88 2.26 9.59
CA PRO A 100 5.61 1.99 8.89
C PRO A 100 5.67 0.72 8.05
N VAL A 101 4.54 0.36 7.46
CA VAL A 101 4.46 -0.84 6.63
C VAL A 101 4.93 -0.56 5.21
N LYS A 102 6.19 -0.86 4.94
CA LYS A 102 6.78 -0.65 3.62
C LYS A 102 6.05 -1.49 2.57
N LEU A 103 5.82 -0.89 1.41
CA LEU A 103 5.14 -1.58 0.32
C LEU A 103 5.63 -1.09 -1.03
N THR A 104 6.17 -2.01 -1.83
CA THR A 104 6.69 -1.67 -3.15
C THR A 104 5.67 -1.98 -4.25
N ILE A 105 5.63 -1.14 -5.27
CA ILE A 105 4.70 -1.33 -6.37
C ILE A 105 5.33 -0.91 -7.70
N ARG A 106 5.59 -1.90 -8.55
CA ARG A 106 6.19 -1.63 -9.87
C ARG A 106 5.16 -1.80 -10.98
N GLY A 107 5.17 -0.88 -11.93
CA GLY A 107 4.23 -0.93 -13.03
C GLY A 107 4.78 -0.30 -14.29
N CYS A 108 4.36 -0.81 -15.45
CA CYS A 108 4.82 -0.29 -16.73
C CYS A 108 3.67 0.35 -17.50
N VAL A 109 3.75 1.66 -17.70
CA VAL A 109 2.71 2.37 -18.42
C VAL A 109 2.97 2.37 -19.92
N ILE A 110 1.98 1.92 -20.68
CA ILE A 110 2.11 1.86 -22.13
C ILE A 110 0.93 2.55 -22.82
N GLY A 111 1.07 2.82 -24.11
CA GLY A 111 0.01 3.46 -24.86
C GLY A 111 -0.27 2.77 -26.18
N PRO A 112 -1.22 3.32 -26.95
CA PRO A 112 -1.61 2.77 -28.25
C PRO A 112 -0.51 2.93 -29.30
N GLY A 1 10.18 -20.46 16.68
CA GLY A 1 9.56 -19.62 15.67
C GLY A 1 10.15 -18.22 15.64
N SER A 2 9.29 -17.22 15.90
CA SER A 2 9.73 -15.83 15.89
C SER A 2 10.62 -15.55 14.68
N SER A 3 10.20 -16.03 13.51
CA SER A 3 10.96 -15.82 12.29
C SER A 3 10.11 -15.08 11.25
N GLY A 4 10.65 -13.99 10.72
CA GLY A 4 9.94 -13.21 9.73
C GLY A 4 10.06 -11.72 9.96
N SER A 5 9.62 -10.93 8.98
CA SER A 5 9.69 -9.48 9.08
C SER A 5 9.46 -9.02 10.52
N SER A 6 10.04 -7.88 10.87
CA SER A 6 9.90 -7.33 12.22
C SER A 6 9.60 -5.84 12.17
N GLY A 7 9.15 -5.29 13.30
CA GLY A 7 8.84 -3.87 13.36
C GLY A 7 7.35 -3.61 13.47
N PRO A 8 6.71 -3.31 12.35
CA PRO A 8 5.27 -3.02 12.30
C PRO A 8 4.43 -4.27 12.56
N LYS A 9 3.29 -4.09 13.22
CA LYS A 9 2.39 -5.19 13.53
C LYS A 9 1.70 -5.69 12.28
N ILE A 10 0.85 -4.84 11.70
CA ILE A 10 0.12 -5.20 10.49
C ILE A 10 1.07 -5.68 9.40
N HIS A 11 0.51 -6.39 8.41
CA HIS A 11 1.31 -6.91 7.31
C HIS A 11 0.44 -7.14 6.07
N PHE A 12 0.94 -6.73 4.92
CA PHE A 12 0.21 -6.89 3.66
C PHE A 12 0.25 -8.34 3.20
N ASN A 13 -0.86 -8.80 2.61
CA ASN A 13 -0.93 -10.17 2.11
C ASN A 13 0.26 -10.51 1.24
N PHE A 14 0.89 -9.48 0.68
CA PHE A 14 2.04 -9.68 -0.19
C PHE A 14 3.07 -8.57 0.03
N GLU A 15 4.33 -8.87 -0.25
CA GLU A 15 5.41 -7.90 -0.09
C GLU A 15 5.37 -6.85 -1.19
N LEU A 16 5.34 -7.31 -2.44
CA LEU A 16 5.31 -6.42 -3.59
C LEU A 16 4.07 -6.68 -4.44
N LEU A 17 3.54 -5.63 -5.06
CA LEU A 17 2.36 -5.74 -5.91
C LEU A 17 2.73 -5.49 -7.37
N ASP A 18 2.72 -6.56 -8.17
CA ASP A 18 3.04 -6.44 -9.59
C ASP A 18 1.79 -6.12 -10.40
N ILE A 19 1.58 -4.83 -10.66
CA ILE A 19 0.43 -4.38 -11.42
C ILE A 19 0.62 -4.64 -12.91
N GLY A 20 1.75 -5.26 -13.26
CA GLY A 20 2.03 -5.56 -14.64
C GLY A 20 1.91 -4.33 -15.55
N LYS A 21 1.67 -4.56 -16.82
CA LYS A 21 1.54 -3.47 -17.79
C LYS A 21 0.13 -2.91 -17.77
N VAL A 22 0.03 -1.59 -17.89
CA VAL A 22 -1.27 -0.91 -17.89
C VAL A 22 -1.36 0.11 -19.02
N PHE A 23 -2.58 0.42 -19.43
CA PHE A 23 -2.80 1.38 -20.50
C PHE A 23 -2.89 2.80 -19.95
N THR A 24 -2.35 3.76 -20.70
CA THR A 24 -2.37 5.16 -20.28
C THR A 24 -3.79 5.68 -20.20
N GLY A 25 -3.94 6.88 -19.64
CA GLY A 25 -5.26 7.48 -19.52
C GLY A 25 -6.32 6.48 -19.14
N SER A 26 -5.97 5.55 -18.24
CA SER A 26 -6.91 4.53 -17.79
C SER A 26 -6.86 4.38 -16.27
N ALA A 27 -8.03 4.17 -15.67
CA ALA A 27 -8.14 4.01 -14.24
C ALA A 27 -8.26 2.54 -13.86
N HIS A 28 -7.20 1.98 -13.27
CA HIS A 28 -7.19 0.59 -12.86
C HIS A 28 -7.61 0.45 -11.40
N CYS A 29 -8.24 -0.67 -11.08
CA CYS A 29 -8.70 -0.92 -9.72
C CYS A 29 -7.90 -2.05 -9.08
N TYR A 30 -7.13 -1.72 -8.05
CA TYR A 30 -6.31 -2.70 -7.36
C TYR A 30 -6.79 -2.89 -5.93
N GLU A 31 -6.44 -4.05 -5.34
CA GLU A 31 -6.84 -4.35 -3.98
C GLU A 31 -5.67 -4.92 -3.17
N ALA A 32 -5.65 -4.61 -1.87
CA ALA A 32 -4.59 -5.08 -1.00
C ALA A 32 -5.11 -5.36 0.40
N ILE A 33 -5.01 -6.62 0.82
CA ILE A 33 -5.48 -7.01 2.14
C ILE A 33 -4.38 -6.85 3.19
N LEU A 34 -4.69 -6.13 4.26
CA LEU A 34 -3.73 -5.90 5.34
C LEU A 34 -4.15 -6.62 6.61
N TYR A 35 -3.33 -7.57 7.04
CA TYR A 35 -3.62 -8.34 8.25
C TYR A 35 -3.05 -7.64 9.48
N ASN A 36 -3.89 -7.47 10.49
CA ASN A 36 -3.48 -6.82 11.73
C ASN A 36 -3.11 -7.86 12.79
N LYS A 37 -1.86 -7.82 13.24
CA LYS A 37 -1.37 -8.75 14.25
C LYS A 37 -1.34 -8.09 15.63
N GLY A 38 -2.25 -7.13 15.84
CA GLY A 38 -2.31 -6.44 17.12
C GLY A 38 -3.32 -7.05 18.07
N SER A 39 -3.05 -6.97 19.36
CA SER A 39 -3.95 -7.52 20.37
C SER A 39 -5.30 -6.82 20.34
N ILE A 40 -5.28 -5.51 20.10
CA ILE A 40 -6.50 -4.72 20.04
C ILE A 40 -6.51 -3.81 18.82
N ASP A 41 -7.63 -3.12 18.61
CA ASP A 41 -7.77 -2.21 17.47
C ASP A 41 -6.46 -1.46 17.22
N ALA A 42 -5.90 -1.66 16.03
CA ALA A 42 -4.67 -0.99 15.65
C ALA A 42 -4.91 0.12 14.63
N LEU A 43 -4.46 1.32 14.96
CA LEU A 43 -4.63 2.47 14.08
C LEU A 43 -3.55 2.49 12.99
N PHE A 44 -3.90 3.04 11.84
CA PHE A 44 -2.97 3.13 10.72
C PHE A 44 -3.32 4.30 9.81
N ASN A 45 -2.46 4.55 8.82
CA ASN A 45 -2.68 5.64 7.88
C ASN A 45 -1.65 5.60 6.75
N MET A 46 -2.01 6.17 5.61
CA MET A 46 -1.12 6.20 4.45
C MET A 46 -0.33 7.50 4.42
N THR A 47 0.84 7.47 3.78
CA THR A 47 1.69 8.64 3.67
C THR A 47 1.75 9.15 2.23
N PRO A 48 1.55 10.46 2.06
CA PRO A 48 1.58 11.11 0.74
C PRO A 48 2.97 11.15 0.15
N PRO A 49 3.14 10.56 -1.05
CA PRO A 49 4.42 10.52 -1.74
C PRO A 49 4.85 11.89 -2.27
N THR A 50 6.03 11.95 -2.86
CA THR A 50 6.56 13.21 -3.39
C THR A 50 6.67 13.15 -4.91
N SER A 51 6.93 11.96 -5.44
CA SER A 51 7.05 11.77 -6.88
C SER A 51 5.71 11.94 -7.58
N ALA A 52 5.74 12.17 -8.88
CA ALA A 52 4.53 12.35 -9.66
C ALA A 52 3.75 11.04 -9.78
N LEU A 53 4.46 9.98 -10.15
CA LEU A 53 3.84 8.66 -10.30
C LEU A 53 3.34 8.14 -8.96
N GLY A 54 4.02 8.51 -7.89
CA GLY A 54 3.61 8.08 -6.56
C GLY A 54 2.27 8.65 -6.15
N ALA A 55 2.09 9.95 -6.35
CA ALA A 55 0.84 10.61 -6.00
C ALA A 55 -0.30 10.13 -6.87
N CYS A 56 0.01 9.73 -8.09
CA CYS A 56 -1.00 9.24 -9.02
C CYS A 56 -1.83 8.13 -8.39
N PHE A 57 -1.20 7.37 -7.49
CA PHE A 57 -1.89 6.28 -6.82
C PHE A 57 -2.77 6.79 -5.69
N VAL A 58 -3.92 6.14 -5.51
CA VAL A 58 -4.86 6.54 -4.47
C VAL A 58 -5.15 5.38 -3.52
N PHE A 59 -4.46 5.37 -2.38
CA PHE A 59 -4.65 4.32 -1.38
C PHE A 59 -5.77 4.68 -0.42
N SER A 60 -6.59 3.68 -0.08
CA SER A 60 -7.71 3.89 0.83
C SER A 60 -8.03 2.59 1.58
N PRO A 61 -8.71 2.74 2.73
CA PRO A 61 -9.12 4.05 3.25
C PRO A 61 -7.94 4.88 3.74
N LYS A 62 -7.95 6.17 3.41
CA LYS A 62 -6.87 7.07 3.80
C LYS A 62 -6.48 6.84 5.25
N GLU A 63 -7.39 6.26 6.03
CA GLU A 63 -7.13 5.97 7.44
C GLU A 63 -8.26 5.15 8.05
N GLY A 64 -7.94 4.38 9.07
CA GLY A 64 -8.94 3.55 9.72
C GLY A 64 -8.35 2.68 10.83
N ILE A 65 -9.15 1.75 11.33
CA ILE A 65 -8.69 0.85 12.38
C ILE A 65 -8.94 -0.61 12.01
N ILE A 66 -7.88 -1.41 12.06
CA ILE A 66 -7.99 -2.83 11.73
C ILE A 66 -8.17 -3.67 12.99
N GLU A 67 -9.30 -4.37 13.06
CA GLU A 67 -9.60 -5.22 14.20
C GLU A 67 -8.48 -6.23 14.44
N PRO A 68 -8.33 -6.67 15.70
CA PRO A 68 -7.31 -7.64 16.09
C PRO A 68 -7.59 -9.04 15.53
N SER A 69 -6.53 -9.71 15.08
CA SER A 69 -6.67 -11.05 14.52
C SER A 69 -7.65 -11.06 13.35
N GLY A 70 -7.61 -9.99 12.55
CA GLY A 70 -8.50 -9.88 11.40
C GLY A 70 -7.79 -9.39 10.16
N VAL A 71 -8.51 -8.65 9.32
CA VAL A 71 -7.94 -8.12 8.09
C VAL A 71 -8.68 -6.85 7.65
N GLN A 72 -8.08 -6.13 6.71
CA GLN A 72 -8.69 -4.90 6.21
C GLN A 72 -8.35 -4.70 4.73
N ALA A 73 -9.37 -4.71 3.88
CA ALA A 73 -9.18 -4.53 2.45
C ALA A 73 -8.74 -3.10 2.13
N ILE A 74 -7.73 -2.98 1.28
CA ILE A 74 -7.21 -1.67 0.89
C ILE A 74 -7.46 -1.40 -0.59
N GLN A 75 -8.25 -0.36 -0.86
CA GLN A 75 -8.57 0.01 -2.23
C GLN A 75 -7.51 0.95 -2.80
N ILE A 76 -6.93 0.56 -3.93
CA ILE A 76 -5.90 1.37 -4.57
C ILE A 76 -6.25 1.64 -6.04
N SER A 77 -6.14 2.89 -6.44
CA SER A 77 -6.45 3.28 -7.82
C SER A 77 -5.37 4.22 -8.37
N PHE A 78 -4.91 3.93 -9.58
CA PHE A 78 -3.88 4.74 -10.22
C PHE A 78 -4.32 5.19 -11.61
N SER A 79 -3.76 6.29 -12.08
CA SER A 79 -4.11 6.82 -13.39
C SER A 79 -3.22 8.03 -13.74
N SER A 80 -2.41 7.87 -14.78
CA SER A 80 -1.52 8.93 -15.22
C SER A 80 -1.19 8.79 -16.70
N ILE A 81 -0.68 9.87 -17.29
CA ILE A 81 -0.32 9.87 -18.70
C ILE A 81 1.17 9.65 -18.89
N ILE A 82 1.92 9.65 -17.79
CA ILE A 82 3.35 9.45 -17.83
C ILE A 82 3.70 8.01 -18.19
N LEU A 83 4.16 7.81 -19.43
CA LEU A 83 4.52 6.48 -19.90
C LEU A 83 5.89 6.05 -19.34
N GLY A 84 6.22 4.77 -19.52
CA GLY A 84 7.49 4.27 -19.03
C GLY A 84 7.37 3.62 -17.66
N ASN A 85 8.38 2.85 -17.29
CA ASN A 85 8.39 2.17 -16.00
C ASN A 85 8.44 3.17 -14.86
N PHE A 86 7.94 2.76 -13.69
CA PHE A 86 7.92 3.63 -12.52
C PHE A 86 7.93 2.79 -11.24
N GLU A 87 8.86 3.10 -10.34
CA GLU A 87 8.97 2.38 -9.08
C GLU A 87 8.87 3.34 -7.89
N GLU A 88 7.84 3.16 -7.07
CA GLU A 88 7.63 4.01 -5.91
C GLU A 88 7.50 3.17 -4.64
N GLU A 89 7.64 3.83 -3.49
CA GLU A 89 7.55 3.14 -2.21
C GLU A 89 6.57 3.86 -1.28
N PHE A 90 5.55 3.14 -0.82
CA PHE A 90 4.55 3.70 0.07
C PHE A 90 4.73 3.19 1.50
N LEU A 91 4.42 4.04 2.47
CA LEU A 91 4.56 3.67 3.87
C LEU A 91 3.25 3.90 4.63
N VAL A 92 3.03 3.11 5.67
CA VAL A 92 1.82 3.22 6.47
C VAL A 92 2.14 3.68 7.89
N ASN A 93 1.68 4.88 8.24
CA ASN A 93 1.92 5.42 9.56
C ASN A 93 1.06 4.72 10.60
N VAL A 94 1.68 4.33 11.72
CA VAL A 94 0.97 3.66 12.80
C VAL A 94 1.13 4.40 14.12
N ASN A 95 0.20 4.17 15.04
CA ASN A 95 0.23 4.82 16.34
C ASN A 95 0.93 3.94 17.37
N GLY A 96 2.26 4.01 17.40
CA GLY A 96 3.03 3.21 18.34
C GLY A 96 3.85 2.15 17.65
N SER A 97 4.51 2.51 16.56
CA SER A 97 5.33 1.57 15.80
C SER A 97 6.65 2.22 15.38
N PRO A 98 7.73 1.43 15.42
CA PRO A 98 9.07 1.91 15.05
C PRO A 98 9.19 2.17 13.55
N GLU A 99 8.72 1.22 12.75
CA GLU A 99 8.78 1.36 11.30
C GLU A 99 7.42 1.05 10.67
N PRO A 100 7.00 1.90 9.72
CA PRO A 100 5.72 1.73 9.02
C PRO A 100 5.73 0.53 8.08
N VAL A 101 4.57 0.21 7.51
CA VAL A 101 4.44 -0.90 6.60
C VAL A 101 4.76 -0.48 5.17
N LYS A 102 6.03 -0.57 4.81
CA LYS A 102 6.48 -0.21 3.47
C LYS A 102 5.96 -1.19 2.44
N LEU A 103 5.50 -0.67 1.30
CA LEU A 103 4.98 -1.51 0.23
C LEU A 103 5.44 -1.00 -1.14
N THR A 104 6.25 -1.81 -1.82
CA THR A 104 6.76 -1.44 -3.13
C THR A 104 5.82 -1.89 -4.24
N ILE A 105 5.55 -1.00 -5.18
CA ILE A 105 4.65 -1.30 -6.29
C ILE A 105 5.32 -1.02 -7.63
N ARG A 106 5.54 -2.07 -8.42
CA ARG A 106 6.18 -1.93 -9.73
C ARG A 106 5.14 -2.03 -10.84
N GLY A 107 5.23 -1.12 -11.80
CA GLY A 107 4.30 -1.13 -12.92
C GLY A 107 4.82 -0.36 -14.11
N CYS A 108 4.40 -0.77 -15.31
CA CYS A 108 4.83 -0.11 -16.53
C CYS A 108 3.64 0.50 -17.26
N VAL A 109 3.70 1.83 -17.47
CA VAL A 109 2.63 2.54 -18.15
C VAL A 109 2.87 2.58 -19.65
N ILE A 110 1.90 2.09 -20.42
CA ILE A 110 2.01 2.07 -21.88
C ILE A 110 0.74 2.62 -22.52
N GLY A 111 0.88 3.10 -23.75
CA GLY A 111 -0.27 3.65 -24.47
C GLY A 111 -0.30 3.21 -25.91
N PRO A 112 -1.17 3.87 -26.71
CA PRO A 112 -1.32 3.55 -28.14
C PRO A 112 -0.10 3.95 -28.95
N GLY A 1 9.52 -20.02 22.08
CA GLY A 1 9.77 -19.44 20.77
C GLY A 1 9.28 -18.01 20.67
N SER A 2 10.15 -17.06 20.99
CA SER A 2 9.80 -15.65 20.92
C SER A 2 9.81 -15.14 19.49
N SER A 3 8.97 -14.15 19.21
CA SER A 3 8.89 -13.57 17.86
C SER A 3 10.12 -12.72 17.57
N GLY A 4 11.01 -13.27 16.74
CA GLY A 4 12.23 -12.54 16.38
C GLY A 4 11.94 -11.13 15.93
N SER A 5 11.86 -10.92 14.62
CA SER A 5 11.60 -9.60 14.07
C SER A 5 10.25 -9.07 14.55
N SER A 6 10.26 -8.42 15.70
CA SER A 6 9.05 -7.86 16.28
C SER A 6 8.33 -6.96 15.27
N GLY A 7 8.97 -5.83 14.93
CA GLY A 7 8.39 -4.90 13.98
C GLY A 7 6.94 -4.59 14.30
N PRO A 8 6.21 -4.12 13.27
CA PRO A 8 4.79 -3.78 13.42
C PRO A 8 3.91 -5.01 13.62
N LYS A 9 2.60 -4.83 13.46
CA LYS A 9 1.65 -5.92 13.62
C LYS A 9 0.89 -6.17 12.32
N ILE A 10 0.64 -5.10 11.57
CA ILE A 10 -0.08 -5.21 10.31
C ILE A 10 0.88 -5.52 9.15
N HIS A 11 0.47 -6.45 8.30
CA HIS A 11 1.30 -6.84 7.16
C HIS A 11 0.43 -7.06 5.92
N PHE A 12 0.88 -6.54 4.78
CA PHE A 12 0.14 -6.67 3.53
C PHE A 12 0.14 -8.13 3.07
N ASN A 13 -0.95 -8.54 2.43
CA ASN A 13 -1.10 -9.90 1.93
C ASN A 13 0.15 -10.31 1.15
N PHE A 14 0.88 -9.33 0.64
CA PHE A 14 2.10 -9.60 -0.13
C PHE A 14 3.19 -8.58 0.22
N GLU A 15 4.40 -8.83 -0.28
CA GLU A 15 5.53 -7.95 -0.02
C GLU A 15 5.68 -6.92 -1.14
N LEU A 16 5.18 -7.27 -2.32
CA LEU A 16 5.26 -6.38 -3.47
C LEU A 16 4.10 -6.61 -4.42
N LEU A 17 3.68 -5.56 -5.12
CA LEU A 17 2.58 -5.65 -6.07
C LEU A 17 3.04 -5.28 -7.47
N ASP A 18 3.10 -6.26 -8.35
CA ASP A 18 3.51 -6.05 -9.74
C ASP A 18 2.31 -5.97 -10.66
N ILE A 19 1.87 -4.75 -10.97
CA ILE A 19 0.72 -4.56 -11.84
C ILE A 19 1.07 -4.89 -13.29
N GLY A 20 2.36 -5.09 -13.55
CA GLY A 20 2.80 -5.43 -14.90
C GLY A 20 2.57 -4.30 -15.88
N LYS A 21 2.09 -4.64 -17.06
CA LYS A 21 1.83 -3.65 -18.10
C LYS A 21 0.36 -3.21 -18.08
N VAL A 22 0.13 -1.91 -18.02
CA VAL A 22 -1.22 -1.37 -18.00
C VAL A 22 -1.43 -0.34 -19.11
N PHE A 23 -2.67 0.02 -19.35
CA PHE A 23 -3.00 1.00 -20.38
C PHE A 23 -2.98 2.42 -19.82
N THR A 24 -2.34 3.32 -20.54
CA THR A 24 -2.23 4.72 -20.11
C THR A 24 -3.57 5.43 -20.28
N GLY A 25 -3.88 6.32 -19.33
CA GLY A 25 -5.12 7.06 -19.41
C GLY A 25 -6.23 6.41 -18.59
N SER A 26 -6.54 5.16 -18.93
CA SER A 26 -7.59 4.42 -18.24
C SER A 26 -7.25 4.23 -16.77
N ALA A 27 -8.27 4.20 -15.92
CA ALA A 27 -8.07 4.02 -14.48
C ALA A 27 -7.85 2.55 -14.14
N HIS A 28 -6.91 2.30 -13.24
CA HIS A 28 -6.60 0.93 -12.82
C HIS A 28 -7.32 0.59 -11.52
N CYS A 29 -7.45 -0.70 -11.24
CA CYS A 29 -8.12 -1.17 -10.03
C CYS A 29 -7.27 -2.23 -9.31
N TYR A 30 -7.02 -2.01 -8.03
CA TYR A 30 -6.23 -2.93 -7.24
C TYR A 30 -6.76 -3.01 -5.81
N GLU A 31 -6.44 -4.11 -5.13
CA GLU A 31 -6.89 -4.32 -3.76
C GLU A 31 -5.78 -4.94 -2.91
N ALA A 32 -5.59 -4.39 -1.72
CA ALA A 32 -4.56 -4.88 -0.81
C ALA A 32 -5.15 -5.21 0.57
N ILE A 33 -5.04 -6.47 0.97
CA ILE A 33 -5.56 -6.90 2.26
C ILE A 33 -4.48 -6.83 3.34
N LEU A 34 -4.71 -6.00 4.35
CA LEU A 34 -3.77 -5.84 5.44
C LEU A 34 -4.20 -6.65 6.66
N TYR A 35 -3.43 -7.66 7.01
CA TYR A 35 -3.73 -8.51 8.15
C TYR A 35 -3.11 -7.96 9.43
N ASN A 36 -3.95 -7.65 10.41
CA ASN A 36 -3.48 -7.11 11.68
C ASN A 36 -3.12 -8.23 12.65
N LYS A 37 -1.85 -8.26 13.06
CA LYS A 37 -1.39 -9.28 13.99
C LYS A 37 -1.32 -8.74 15.42
N GLY A 38 -2.12 -7.71 15.69
CA GLY A 38 -2.15 -7.11 17.01
C GLY A 38 -3.21 -7.71 17.90
N SER A 39 -2.99 -7.65 19.21
CA SER A 39 -3.95 -8.20 20.17
C SER A 39 -5.23 -7.38 20.19
N ILE A 40 -5.09 -6.06 20.08
CA ILE A 40 -6.24 -5.16 20.09
C ILE A 40 -6.25 -4.28 18.84
N ASP A 41 -7.31 -3.49 18.70
CA ASP A 41 -7.44 -2.59 17.56
C ASP A 41 -6.09 -2.04 17.14
N ALA A 42 -5.93 -1.80 15.84
CA ALA A 42 -4.67 -1.27 15.31
C ALA A 42 -4.93 -0.02 14.47
N LEU A 43 -4.35 1.10 14.91
CA LEU A 43 -4.50 2.37 14.20
C LEU A 43 -3.49 2.48 13.07
N PHE A 44 -3.98 2.46 11.84
CA PHE A 44 -3.11 2.56 10.67
C PHE A 44 -3.39 3.85 9.89
N ASN A 45 -2.41 4.29 9.11
CA ASN A 45 -2.55 5.51 8.33
C ASN A 45 -1.66 5.46 7.09
N MET A 46 -2.06 6.20 6.05
CA MET A 46 -1.29 6.24 4.81
C MET A 46 -0.55 7.57 4.68
N THR A 47 0.66 7.50 4.11
CA THR A 47 1.47 8.70 3.93
C THR A 47 1.32 9.25 2.52
N PRO A 48 1.00 10.54 2.42
CA PRO A 48 0.83 11.23 1.14
C PRO A 48 2.15 11.40 0.39
N PRO A 49 2.17 10.99 -0.88
CA PRO A 49 3.36 11.09 -1.73
C PRO A 49 3.68 12.54 -2.09
N THR A 50 4.91 12.76 -2.56
CA THR A 50 5.34 14.10 -2.94
C THR A 50 5.82 14.13 -4.39
N SER A 51 5.69 13.00 -5.08
CA SER A 51 6.11 12.89 -6.47
C SER A 51 4.90 12.90 -7.41
N ALA A 52 5.09 13.45 -8.60
CA ALA A 52 4.02 13.52 -9.59
C ALA A 52 3.47 12.12 -9.91
N LEU A 53 4.31 11.11 -9.72
CA LEU A 53 3.92 9.73 -9.98
C LEU A 53 3.14 9.15 -8.80
N GLY A 54 3.77 9.11 -7.64
CA GLY A 54 3.13 8.57 -6.45
C GLY A 54 1.76 9.18 -6.22
N ALA A 55 1.63 10.47 -6.48
CA ALA A 55 0.37 11.17 -6.30
C ALA A 55 -0.74 10.51 -7.10
N CYS A 56 -0.44 10.12 -8.34
CA CYS A 56 -1.41 9.47 -9.21
C CYS A 56 -2.11 8.34 -8.48
N PHE A 57 -1.45 7.81 -7.45
CA PHE A 57 -2.01 6.70 -6.67
C PHE A 57 -2.93 7.22 -5.57
N VAL A 58 -3.93 6.42 -5.21
CA VAL A 58 -4.88 6.80 -4.17
C VAL A 58 -5.18 5.63 -3.25
N PHE A 59 -4.70 5.71 -2.02
CA PHE A 59 -4.91 4.65 -1.04
C PHE A 59 -6.00 5.04 -0.05
N SER A 60 -6.97 4.15 0.14
CA SER A 60 -8.07 4.40 1.06
C SER A 60 -8.54 3.10 1.71
N PRO A 61 -9.13 3.22 2.92
CA PRO A 61 -9.31 4.52 3.58
C PRO A 61 -7.99 5.12 4.06
N LYS A 62 -7.80 6.41 3.80
CA LYS A 62 -6.58 7.09 4.19
C LYS A 62 -6.13 6.64 5.58
N GLU A 63 -7.10 6.31 6.44
CA GLU A 63 -6.80 5.86 7.79
C GLU A 63 -8.01 5.18 8.41
N GLY A 64 -7.76 4.37 9.44
CA GLY A 64 -8.84 3.67 10.11
C GLY A 64 -8.34 2.76 11.22
N ILE A 65 -9.02 1.63 11.40
CA ILE A 65 -8.64 0.68 12.44
C ILE A 65 -8.83 -0.76 11.95
N ILE A 66 -7.86 -1.61 12.26
CA ILE A 66 -7.93 -3.02 11.85
C ILE A 66 -8.04 -3.93 13.07
N GLU A 67 -9.24 -4.41 13.35
CA GLU A 67 -9.48 -5.29 14.48
C GLU A 67 -8.32 -6.27 14.66
N PRO A 68 -8.14 -6.75 15.89
CA PRO A 68 -7.07 -7.70 16.23
C PRO A 68 -7.29 -9.08 15.61
N SER A 69 -6.24 -9.64 15.03
CA SER A 69 -6.33 -10.95 14.40
C SER A 69 -7.35 -10.95 13.28
N GLY A 70 -7.50 -9.81 12.62
CA GLY A 70 -8.45 -9.69 11.53
C GLY A 70 -7.80 -9.21 10.25
N VAL A 71 -8.59 -8.56 9.39
CA VAL A 71 -8.09 -8.05 8.12
C VAL A 71 -8.82 -6.78 7.72
N GLN A 72 -8.25 -6.05 6.77
CA GLN A 72 -8.84 -4.81 6.29
C GLN A 72 -8.52 -4.58 4.81
N ALA A 73 -9.57 -4.48 4.00
CA ALA A 73 -9.40 -4.26 2.57
C ALA A 73 -8.92 -2.85 2.28
N ILE A 74 -8.03 -2.71 1.30
CA ILE A 74 -7.49 -1.41 0.92
C ILE A 74 -7.74 -1.12 -0.55
N GLN A 75 -8.53 -0.08 -0.81
CA GLN A 75 -8.86 0.31 -2.17
C GLN A 75 -7.76 1.20 -2.77
N ILE A 76 -7.08 0.69 -3.80
CA ILE A 76 -6.02 1.43 -4.44
C ILE A 76 -6.38 1.77 -5.89
N SER A 77 -6.11 3.01 -6.28
CA SER A 77 -6.41 3.47 -7.64
C SER A 77 -5.24 4.25 -8.22
N PHE A 78 -4.64 3.72 -9.27
CA PHE A 78 -3.51 4.36 -9.92
C PHE A 78 -3.85 4.73 -11.36
N SER A 79 -3.46 5.94 -11.77
CA SER A 79 -3.73 6.42 -13.11
C SER A 79 -2.80 7.57 -13.48
N SER A 80 -1.86 7.30 -14.38
CA SER A 80 -0.90 8.32 -14.81
C SER A 80 -0.71 8.28 -16.32
N ILE A 81 -0.35 9.42 -16.89
CA ILE A 81 -0.14 9.52 -18.33
C ILE A 81 1.35 9.57 -18.67
N ILE A 82 2.17 9.02 -17.78
CA ILE A 82 3.61 8.99 -17.97
C ILE A 82 4.08 7.60 -18.39
N LEU A 83 4.23 7.40 -19.70
CA LEU A 83 4.68 6.12 -20.24
C LEU A 83 6.04 5.74 -19.68
N GLY A 84 6.38 4.46 -19.78
CA GLY A 84 7.65 3.99 -19.27
C GLY A 84 7.53 3.29 -17.93
N ASN A 85 8.61 2.66 -17.50
CA ASN A 85 8.62 1.95 -16.22
C ASN A 85 8.70 2.92 -15.05
N PHE A 86 8.10 2.55 -13.94
CA PHE A 86 8.10 3.39 -12.74
C PHE A 86 8.09 2.53 -11.47
N GLU A 87 8.91 2.92 -10.50
CA GLU A 87 8.98 2.19 -9.24
C GLU A 87 8.79 3.13 -8.06
N GLU A 88 7.71 2.92 -7.31
CA GLU A 88 7.40 3.76 -6.16
C GLU A 88 7.02 2.89 -4.96
N GLU A 89 7.23 3.43 -3.75
CA GLU A 89 6.92 2.71 -2.53
C GLU A 89 6.21 3.62 -1.53
N PHE A 90 5.17 3.10 -0.89
CA PHE A 90 4.40 3.86 0.08
C PHE A 90 4.67 3.36 1.50
N LEU A 91 4.33 4.18 2.48
CA LEU A 91 4.53 3.81 3.88
C LEU A 91 3.24 3.98 4.67
N VAL A 92 3.05 3.12 5.67
CA VAL A 92 1.87 3.16 6.51
C VAL A 92 2.22 3.50 7.95
N ASN A 93 1.86 4.71 8.38
CA ASN A 93 2.14 5.16 9.73
C ASN A 93 1.24 4.44 10.75
N VAL A 94 1.86 3.67 11.63
CA VAL A 94 1.12 2.93 12.65
C VAL A 94 1.38 3.51 14.04
N ASN A 95 0.31 3.57 14.84
CA ASN A 95 0.42 4.10 16.20
C ASN A 95 1.10 3.11 17.12
N GLY A 96 2.38 3.35 17.40
CA GLY A 96 3.14 2.47 18.27
C GLY A 96 4.29 1.78 17.55
N SER A 97 3.96 1.00 16.52
CA SER A 97 4.97 0.29 15.76
C SER A 97 6.21 1.16 15.56
N PRO A 98 7.40 0.51 15.54
CA PRO A 98 8.67 1.19 15.35
C PRO A 98 8.84 1.74 13.94
N GLU A 99 8.48 0.94 12.95
CA GLU A 99 8.60 1.34 11.55
C GLU A 99 7.30 1.04 10.80
N PRO A 100 6.98 1.89 9.82
CA PRO A 100 5.77 1.74 9.00
C PRO A 100 5.86 0.54 8.06
N VAL A 101 4.71 0.06 7.61
CA VAL A 101 4.65 -1.08 6.71
C VAL A 101 5.00 -0.67 5.28
N LYS A 102 6.23 -0.95 4.88
CA LYS A 102 6.70 -0.61 3.54
C LYS A 102 5.86 -1.32 2.48
N LEU A 103 5.59 -0.62 1.38
CA LEU A 103 4.80 -1.18 0.29
C LEU A 103 5.35 -0.75 -1.07
N THR A 104 5.98 -1.67 -1.77
CA THR A 104 6.55 -1.38 -3.08
C THR A 104 5.62 -1.81 -4.20
N ILE A 105 5.45 -0.96 -5.20
CA ILE A 105 4.58 -1.27 -6.34
C ILE A 105 5.30 -1.04 -7.66
N ARG A 106 5.48 -2.12 -8.41
CA ARG A 106 6.16 -2.05 -9.70
C ARG A 106 5.17 -2.23 -10.84
N GLY A 107 5.39 -1.49 -11.93
CA GLY A 107 4.50 -1.58 -13.08
C GLY A 107 5.06 -0.86 -14.30
N CYS A 108 4.29 -0.87 -15.38
CA CYS A 108 4.71 -0.21 -16.62
C CYS A 108 3.53 0.49 -17.29
N VAL A 109 3.76 1.71 -17.75
CA VAL A 109 2.72 2.48 -18.42
C VAL A 109 2.95 2.52 -19.93
N ILE A 110 1.97 2.01 -20.68
CA ILE A 110 2.06 1.98 -22.14
C ILE A 110 0.82 2.58 -22.77
N GLY A 111 0.95 3.04 -24.01
CA GLY A 111 -0.17 3.64 -24.71
C GLY A 111 -0.34 3.07 -26.11
N PRO A 112 -1.44 3.44 -26.76
CA PRO A 112 -1.75 2.98 -28.13
C PRO A 112 -0.80 3.58 -29.17
N GLY A 1 -1.22 -11.01 22.86
CA GLY A 1 -0.49 -11.75 21.84
C GLY A 1 0.04 -10.85 20.74
N SER A 2 1.17 -10.20 21.00
CA SER A 2 1.78 -9.31 20.02
C SER A 2 2.71 -10.06 19.09
N SER A 3 3.30 -9.35 18.14
CA SER A 3 4.22 -9.95 17.17
C SER A 3 4.88 -8.89 16.31
N GLY A 4 6.21 -8.89 16.29
CA GLY A 4 6.94 -7.92 15.50
C GLY A 4 8.24 -8.47 14.95
N SER A 5 8.15 -9.54 14.16
CA SER A 5 9.33 -10.16 13.57
C SER A 5 10.02 -9.23 12.60
N SER A 6 10.80 -8.30 13.13
CA SER A 6 11.53 -7.33 12.31
C SER A 6 10.57 -6.56 11.40
N GLY A 7 9.46 -6.09 11.99
CA GLY A 7 8.48 -5.34 11.22
C GLY A 7 7.29 -4.92 12.07
N PRO A 8 6.32 -4.25 11.43
CA PRO A 8 5.12 -3.77 12.12
C PRO A 8 4.20 -4.91 12.53
N LYS A 9 3.08 -4.56 13.15
CA LYS A 9 2.11 -5.55 13.60
C LYS A 9 1.17 -5.95 12.47
N ILE A 10 1.05 -5.08 11.47
CA ILE A 10 0.19 -5.35 10.32
C ILE A 10 1.01 -5.73 9.10
N HIS A 11 0.49 -6.69 8.33
CA HIS A 11 1.17 -7.14 7.12
C HIS A 11 0.21 -7.21 5.95
N PHE A 12 0.70 -6.84 4.77
CA PHE A 12 -0.12 -6.85 3.56
C PHE A 12 -0.19 -8.25 2.96
N ASN A 13 -1.32 -8.58 2.34
CA ASN A 13 -1.51 -9.88 1.73
C ASN A 13 -0.34 -10.23 0.81
N PHE A 14 0.37 -9.21 0.36
CA PHE A 14 1.52 -9.40 -0.52
C PHE A 14 2.60 -8.36 -0.25
N GLU A 15 3.83 -8.69 -0.63
CA GLU A 15 4.96 -7.77 -0.42
C GLU A 15 5.04 -6.76 -1.56
N LEU A 16 4.98 -7.25 -2.80
CA LEU A 16 5.05 -6.39 -3.96
C LEU A 16 3.87 -6.63 -4.90
N LEU A 17 3.31 -5.56 -5.44
CA LEU A 17 2.18 -5.66 -6.36
C LEU A 17 2.63 -5.48 -7.80
N ASP A 18 2.87 -6.60 -8.48
CA ASP A 18 3.29 -6.57 -9.87
C ASP A 18 2.11 -6.37 -10.81
N ILE A 19 1.92 -5.14 -11.24
CA ILE A 19 0.82 -4.81 -12.15
C ILE A 19 1.25 -4.91 -13.60
N GLY A 20 2.48 -5.37 -13.82
CA GLY A 20 2.99 -5.51 -15.17
C GLY A 20 2.80 -4.25 -16.00
N LYS A 21 2.42 -4.41 -17.25
CA LYS A 21 2.21 -3.28 -18.15
C LYS A 21 0.73 -2.94 -18.25
N VAL A 22 0.43 -1.65 -18.33
CA VAL A 22 -0.94 -1.18 -18.43
C VAL A 22 -1.09 -0.12 -19.52
N PHE A 23 -2.31 0.03 -20.02
CA PHE A 23 -2.58 1.01 -21.08
C PHE A 23 -2.65 2.42 -20.50
N THR A 24 -1.95 3.35 -21.13
CA THR A 24 -1.92 4.73 -20.68
C THR A 24 -3.33 5.33 -20.66
N GLY A 25 -3.62 6.10 -19.63
CA GLY A 25 -4.93 6.72 -19.51
C GLY A 25 -6.02 5.70 -19.24
N SER A 26 -5.90 4.97 -18.14
CA SER A 26 -6.88 3.95 -17.78
C SER A 26 -6.99 3.82 -16.27
N ALA A 27 -8.20 3.56 -15.78
CA ALA A 27 -8.45 3.41 -14.35
C ALA A 27 -8.39 1.94 -13.94
N HIS A 28 -7.47 1.63 -13.03
CA HIS A 28 -7.31 0.25 -12.55
C HIS A 28 -7.70 0.14 -11.08
N CYS A 29 -8.62 -0.76 -10.78
CA CYS A 29 -9.09 -0.96 -9.41
C CYS A 29 -8.39 -2.15 -8.77
N TYR A 30 -7.49 -1.87 -7.83
CA TYR A 30 -6.74 -2.91 -7.15
C TYR A 30 -7.31 -3.15 -5.75
N GLU A 31 -6.78 -4.18 -5.07
CA GLU A 31 -7.23 -4.50 -3.73
C GLU A 31 -6.08 -5.08 -2.90
N ALA A 32 -5.75 -4.41 -1.80
CA ALA A 32 -4.67 -4.86 -0.92
C ALA A 32 -5.16 -5.00 0.51
N ILE A 33 -5.27 -6.24 0.98
CA ILE A 33 -5.72 -6.51 2.34
C ILE A 33 -4.58 -6.37 3.33
N LEU A 34 -4.93 -6.19 4.61
CA LEU A 34 -3.93 -6.04 5.66
C LEU A 34 -4.36 -6.77 6.93
N TYR A 35 -3.57 -7.77 7.32
CA TYR A 35 -3.88 -8.55 8.51
C TYR A 35 -3.27 -7.91 9.75
N ASN A 36 -4.12 -7.54 10.71
CA ASN A 36 -3.66 -6.92 11.94
C ASN A 36 -3.35 -7.97 13.00
N LYS A 37 -2.07 -8.17 13.28
CA LYS A 37 -1.64 -9.14 14.27
C LYS A 37 -1.46 -8.49 15.64
N GLY A 38 -2.31 -7.51 15.92
CA GLY A 38 -2.24 -6.82 17.20
C GLY A 38 -3.22 -7.37 18.21
N SER A 39 -2.92 -7.18 19.49
CA SER A 39 -3.77 -7.67 20.57
C SER A 39 -5.01 -6.80 20.71
N ILE A 40 -4.89 -5.53 20.33
CA ILE A 40 -6.00 -4.59 20.42
C ILE A 40 -6.08 -3.72 19.17
N ASP A 41 -7.13 -2.91 19.09
CA ASP A 41 -7.32 -2.02 17.95
C ASP A 41 -5.99 -1.45 17.47
N ALA A 42 -5.63 -1.77 16.22
CA ALA A 42 -4.38 -1.30 15.65
C ALA A 42 -4.64 -0.13 14.69
N LEU A 43 -4.12 1.04 15.04
CA LEU A 43 -4.28 2.23 14.21
C LEU A 43 -3.31 2.22 13.03
N PHE A 44 -3.77 2.69 11.88
CA PHE A 44 -2.95 2.73 10.68
C PHE A 44 -3.29 3.95 9.83
N ASN A 45 -2.38 4.30 8.93
CA ASN A 45 -2.58 5.45 8.04
C ASN A 45 -1.70 5.35 6.82
N MET A 46 -2.06 6.09 5.76
CA MET A 46 -1.29 6.09 4.52
C MET A 46 -0.56 7.42 4.33
N THR A 47 0.69 7.34 3.91
CA THR A 47 1.49 8.54 3.68
C THR A 47 1.52 8.91 2.21
N PRO A 48 1.40 10.21 1.91
CA PRO A 48 1.41 10.73 0.55
C PRO A 48 2.78 10.61 -0.10
N PRO A 49 2.81 10.21 -1.38
CA PRO A 49 4.05 10.06 -2.14
C PRO A 49 4.72 11.40 -2.45
N THR A 50 5.99 11.35 -2.80
CA THR A 50 6.75 12.55 -3.12
C THR A 50 6.86 12.75 -4.63
N SER A 51 6.73 11.65 -5.38
CA SER A 51 6.82 11.70 -6.83
C SER A 51 5.44 11.83 -7.45
N ALA A 52 5.35 12.56 -8.56
CA ALA A 52 4.09 12.76 -9.25
C ALA A 52 3.41 11.43 -9.54
N LEU A 53 4.09 10.55 -10.27
CA LEU A 53 3.54 9.25 -10.61
C LEU A 53 2.95 8.56 -9.38
N GLY A 54 3.56 8.81 -8.22
CA GLY A 54 3.09 8.22 -6.99
C GLY A 54 1.78 8.82 -6.53
N ALA A 55 1.68 10.14 -6.60
CA ALA A 55 0.47 10.84 -6.18
C ALA A 55 -0.76 10.30 -6.91
N CYS A 56 -0.54 9.81 -8.12
CA CYS A 56 -1.63 9.26 -8.93
C CYS A 56 -2.35 8.13 -8.19
N PHE A 57 -1.59 7.37 -7.40
CA PHE A 57 -2.15 6.27 -6.64
C PHE A 57 -2.96 6.78 -5.46
N VAL A 58 -4.20 6.30 -5.34
CA VAL A 58 -5.08 6.71 -4.26
C VAL A 58 -5.31 5.56 -3.29
N PHE A 59 -4.71 5.66 -2.10
CA PHE A 59 -4.86 4.63 -1.09
C PHE A 59 -5.92 5.00 -0.07
N SER A 60 -6.86 4.10 0.16
CA SER A 60 -7.95 4.35 1.10
C SER A 60 -8.33 3.07 1.84
N PRO A 61 -8.97 3.23 3.02
CA PRO A 61 -9.28 4.55 3.58
C PRO A 61 -8.03 5.29 4.03
N LYS A 62 -7.95 6.57 3.67
CA LYS A 62 -6.80 7.40 4.06
C LYS A 62 -6.33 7.06 5.46
N GLU A 63 -7.24 6.58 6.29
CA GLU A 63 -6.91 6.21 7.66
C GLU A 63 -8.08 5.50 8.33
N GLY A 64 -7.76 4.70 9.35
CA GLY A 64 -8.80 3.96 10.06
C GLY A 64 -8.24 3.06 11.13
N ILE A 65 -8.96 1.98 11.44
CA ILE A 65 -8.52 1.03 12.45
C ILE A 65 -8.79 -0.40 12.02
N ILE A 66 -7.83 -1.29 12.28
CA ILE A 66 -7.96 -2.69 11.91
C ILE A 66 -8.19 -3.56 13.15
N GLU A 67 -9.41 -4.07 13.28
CA GLU A 67 -9.76 -4.92 14.42
C GLU A 67 -8.68 -5.96 14.67
N PRO A 68 -8.50 -6.35 15.94
CA PRO A 68 -7.50 -7.34 16.34
C PRO A 68 -7.86 -8.74 15.87
N SER A 69 -6.88 -9.44 15.30
CA SER A 69 -7.08 -10.79 14.80
C SER A 69 -8.00 -10.78 13.57
N GLY A 70 -7.89 -9.73 12.78
CA GLY A 70 -8.71 -9.61 11.59
C GLY A 70 -7.94 -9.06 10.40
N VAL A 71 -8.66 -8.63 9.38
CA VAL A 71 -8.04 -8.08 8.18
C VAL A 71 -8.79 -6.84 7.69
N GLN A 72 -8.06 -5.96 7.02
CA GLN A 72 -8.65 -4.72 6.50
C GLN A 72 -8.29 -4.52 5.03
N ALA A 73 -9.32 -4.48 4.18
CA ALA A 73 -9.10 -4.30 2.74
C ALA A 73 -8.72 -2.85 2.43
N ILE A 74 -7.70 -2.68 1.60
CA ILE A 74 -7.23 -1.35 1.22
C ILE A 74 -7.43 -1.11 -0.28
N GLN A 75 -8.19 -0.08 -0.61
CA GLN A 75 -8.46 0.26 -2.00
C GLN A 75 -7.30 1.05 -2.60
N ILE A 76 -6.82 0.60 -3.75
CA ILE A 76 -5.71 1.26 -4.42
C ILE A 76 -6.04 1.54 -5.89
N SER A 77 -6.29 2.82 -6.19
CA SER A 77 -6.62 3.21 -7.56
C SER A 77 -5.42 3.82 -8.26
N PHE A 78 -5.12 3.35 -9.46
CA PHE A 78 -3.99 3.85 -10.24
C PHE A 78 -4.45 4.33 -11.61
N SER A 79 -3.94 5.49 -12.02
CA SER A 79 -4.29 6.06 -13.32
C SER A 79 -3.42 7.29 -13.62
N SER A 80 -2.54 7.15 -14.60
CA SER A 80 -1.65 8.24 -14.98
C SER A 80 -1.39 8.21 -16.49
N ILE A 81 -0.75 9.26 -16.98
CA ILE A 81 -0.44 9.36 -18.41
C ILE A 81 1.05 9.60 -18.63
N ILE A 82 1.85 9.28 -17.62
CA ILE A 82 3.30 9.46 -17.69
C ILE A 82 3.98 8.17 -18.09
N LEU A 83 4.13 7.95 -19.39
CA LEU A 83 4.78 6.74 -19.90
C LEU A 83 6.10 6.50 -19.18
N GLY A 84 6.63 5.29 -19.34
CA GLY A 84 7.89 4.94 -18.70
C GLY A 84 7.70 4.23 -17.38
N ASN A 85 8.57 3.26 -17.09
CA ASN A 85 8.48 2.50 -15.86
C ASN A 85 8.49 3.43 -14.64
N PHE A 86 8.03 2.92 -13.51
CA PHE A 86 7.98 3.71 -12.28
C PHE A 86 8.01 2.80 -11.05
N GLU A 87 8.97 3.07 -10.15
CA GLU A 87 9.11 2.27 -8.94
C GLU A 87 8.94 3.15 -7.70
N GLU A 88 7.75 3.12 -7.12
CA GLU A 88 7.45 3.91 -5.92
C GLU A 88 7.14 3.01 -4.74
N GLU A 89 7.46 3.48 -3.54
CA GLU A 89 7.21 2.71 -2.32
C GLU A 89 6.41 3.54 -1.31
N PHE A 90 5.22 3.05 -0.97
CA PHE A 90 4.35 3.74 -0.02
C PHE A 90 4.60 3.23 1.40
N LEU A 91 4.41 4.13 2.37
CA LEU A 91 4.61 3.77 3.77
C LEU A 91 3.35 4.03 4.59
N VAL A 92 3.00 3.07 5.44
CA VAL A 92 1.81 3.19 6.28
C VAL A 92 2.18 3.57 7.70
N ASN A 93 1.70 4.74 8.13
CA ASN A 93 1.99 5.22 9.48
C ASN A 93 1.20 4.43 10.52
N VAL A 94 1.89 3.97 11.56
CA VAL A 94 1.26 3.21 12.62
C VAL A 94 1.54 3.82 13.99
N ASN A 95 0.72 3.47 14.97
CA ASN A 95 0.88 3.99 16.32
C ASN A 95 1.59 2.97 17.21
N GLY A 96 2.67 3.41 17.86
CA GLY A 96 3.43 2.54 18.73
C GLY A 96 4.41 1.67 17.97
N SER A 97 4.50 1.88 16.66
CA SER A 97 5.41 1.12 15.82
C SER A 97 6.64 1.93 15.47
N PRO A 98 7.80 1.25 15.42
CA PRO A 98 9.08 1.90 15.10
C PRO A 98 9.16 2.33 13.64
N GLU A 99 8.70 1.45 12.73
CA GLU A 99 8.72 1.75 11.30
C GLU A 99 7.39 1.39 10.66
N PRO A 100 6.96 2.19 9.68
CA PRO A 100 5.70 1.98 8.96
C PRO A 100 5.75 0.75 8.07
N VAL A 101 4.62 0.41 7.46
CA VAL A 101 4.53 -0.74 6.58
C VAL A 101 5.04 -0.40 5.19
N LYS A 102 6.15 -1.01 4.81
CA LYS A 102 6.75 -0.78 3.49
C LYS A 102 5.97 -1.52 2.41
N LEU A 103 5.60 -0.79 1.36
CA LEU A 103 4.84 -1.38 0.26
C LEU A 103 5.41 -0.93 -1.08
N THR A 104 5.93 -1.87 -1.86
CA THR A 104 6.50 -1.55 -3.17
C THR A 104 5.50 -1.82 -4.28
N ILE A 105 5.51 -0.97 -5.30
CA ILE A 105 4.60 -1.12 -6.43
C ILE A 105 5.32 -0.89 -7.75
N ARG A 106 5.47 -1.96 -8.52
CA ARG A 106 6.15 -1.89 -9.81
C ARG A 106 5.14 -1.92 -10.96
N GLY A 107 5.34 -1.04 -11.94
CA GLY A 107 4.44 -0.99 -13.07
C GLY A 107 5.01 -0.17 -14.23
N CYS A 108 4.81 -0.66 -15.44
CA CYS A 108 5.31 0.04 -16.63
C CYS A 108 4.16 0.63 -17.43
N VAL A 109 4.22 1.94 -17.65
CA VAL A 109 3.18 2.64 -18.40
C VAL A 109 3.51 2.67 -19.89
N ILE A 110 2.60 2.16 -20.71
CA ILE A 110 2.80 2.14 -22.16
C ILE A 110 1.59 2.73 -22.89
N GLY A 111 1.80 3.09 -24.14
CA GLY A 111 0.71 3.66 -24.94
C GLY A 111 0.88 3.40 -26.42
N PRO A 112 0.03 4.04 -27.24
CA PRO A 112 0.06 3.88 -28.70
C PRO A 112 1.30 4.51 -29.32
N GLY A 1 3.32 -24.05 17.08
CA GLY A 1 4.49 -23.27 16.71
C GLY A 1 4.47 -21.88 17.31
N SER A 2 5.59 -21.17 17.21
CA SER A 2 5.70 -19.82 17.76
C SER A 2 6.34 -18.88 16.75
N SER A 3 5.58 -17.90 16.30
CA SER A 3 6.08 -16.93 15.33
C SER A 3 6.26 -15.56 15.97
N GLY A 4 7.27 -14.83 15.51
CA GLY A 4 7.54 -13.50 16.05
C GLY A 4 8.09 -12.55 15.00
N SER A 5 7.46 -12.53 13.83
CA SER A 5 7.89 -11.66 12.75
C SER A 5 8.40 -10.33 13.30
N SER A 6 9.59 -9.93 12.84
CA SER A 6 10.19 -8.68 13.28
C SER A 6 9.71 -7.52 12.43
N GLY A 7 9.06 -6.56 13.06
CA GLY A 7 8.55 -5.39 12.34
C GLY A 7 7.28 -4.84 12.94
N PRO A 8 6.44 -4.21 12.10
CA PRO A 8 5.18 -3.62 12.54
C PRO A 8 4.14 -4.68 12.91
N LYS A 9 3.04 -4.25 13.51
CA LYS A 9 1.98 -5.15 13.91
C LYS A 9 1.12 -5.56 12.72
N ILE A 10 1.05 -4.68 11.72
CA ILE A 10 0.27 -4.95 10.52
C ILE A 10 1.16 -5.36 9.36
N HIS A 11 0.60 -6.12 8.43
CA HIS A 11 1.35 -6.58 7.26
C HIS A 11 0.41 -6.85 6.09
N PHE A 12 0.90 -6.59 4.87
CA PHE A 12 0.11 -6.79 3.67
C PHE A 12 0.15 -8.25 3.24
N ASN A 13 -0.95 -8.73 2.67
CA ASN A 13 -1.05 -10.11 2.20
C ASN A 13 0.16 -10.48 1.35
N PHE A 14 0.76 -9.48 0.73
CA PHE A 14 1.93 -9.70 -0.12
C PHE A 14 3.05 -8.72 0.23
N GLU A 15 4.27 -9.06 -0.19
CA GLU A 15 5.43 -8.22 0.08
C GLU A 15 5.61 -7.17 -1.02
N LEU A 16 5.10 -7.48 -2.21
CA LEU A 16 5.21 -6.56 -3.34
C LEU A 16 3.99 -6.70 -4.27
N LEU A 17 3.64 -5.61 -4.93
CA LEU A 17 2.51 -5.60 -5.85
C LEU A 17 2.94 -5.21 -7.26
N ASP A 18 2.77 -6.14 -8.20
CA ASP A 18 3.15 -5.90 -9.59
C ASP A 18 1.91 -5.71 -10.46
N ILE A 19 1.62 -4.47 -10.83
CA ILE A 19 0.47 -4.17 -11.66
C ILE A 19 0.79 -4.38 -13.14
N GLY A 20 1.96 -4.94 -13.42
CA GLY A 20 2.36 -5.18 -14.79
C GLY A 20 2.21 -3.94 -15.66
N LYS A 21 1.88 -4.16 -16.92
CA LYS A 21 1.71 -3.06 -17.86
C LYS A 21 0.33 -2.41 -17.71
N VAL A 22 0.20 -1.18 -18.18
CA VAL A 22 -1.06 -0.46 -18.09
C VAL A 22 -1.11 0.68 -19.11
N PHE A 23 -2.30 0.90 -19.67
CA PHE A 23 -2.49 1.96 -20.66
C PHE A 23 -2.50 3.33 -19.99
N THR A 24 -2.17 4.36 -20.77
CA THR A 24 -2.13 5.72 -20.26
C THR A 24 -3.54 6.27 -20.07
N GLY A 25 -3.75 6.98 -18.95
CA GLY A 25 -5.05 7.55 -18.68
C GLY A 25 -6.00 6.56 -18.04
N SER A 26 -6.10 5.37 -18.64
CA SER A 26 -6.98 4.33 -18.13
C SER A 26 -6.83 4.20 -16.61
N ALA A 27 -7.90 3.76 -15.95
CA ALA A 27 -7.89 3.58 -14.51
C ALA A 27 -8.08 2.12 -14.13
N HIS A 28 -7.14 1.59 -13.34
CA HIS A 28 -7.20 0.20 -12.92
C HIS A 28 -7.72 0.10 -11.48
N CYS A 29 -8.19 -1.09 -11.12
CA CYS A 29 -8.71 -1.32 -9.78
C CYS A 29 -7.97 -2.46 -9.09
N TYR A 30 -7.33 -2.14 -7.96
CA TYR A 30 -6.58 -3.14 -7.20
C TYR A 30 -7.06 -3.20 -5.76
N GLU A 31 -6.78 -4.32 -5.10
CA GLU A 31 -7.18 -4.52 -3.71
C GLU A 31 -6.03 -5.08 -2.89
N ALA A 32 -5.92 -4.61 -1.65
CA ALA A 32 -4.86 -5.06 -0.75
C ALA A 32 -5.42 -5.37 0.64
N ILE A 33 -5.07 -6.56 1.15
CA ILE A 33 -5.53 -6.98 2.47
C ILE A 33 -4.44 -6.84 3.51
N LEU A 34 -4.70 -6.09 4.57
CA LEU A 34 -3.74 -5.89 5.63
C LEU A 34 -4.14 -6.64 6.90
N TYR A 35 -3.35 -7.64 7.27
CA TYR A 35 -3.63 -8.44 8.45
C TYR A 35 -3.01 -7.81 9.69
N ASN A 36 -3.86 -7.46 10.66
CA ASN A 36 -3.40 -6.84 11.90
C ASN A 36 -3.03 -7.91 12.93
N LYS A 37 -1.74 -8.01 13.24
CA LYS A 37 -1.26 -8.98 14.20
C LYS A 37 -1.10 -8.34 15.58
N GLY A 38 -2.10 -7.57 15.99
CA GLY A 38 -2.06 -6.92 17.28
C GLY A 38 -3.09 -7.45 18.24
N SER A 39 -3.01 -7.03 19.50
CA SER A 39 -3.95 -7.48 20.52
C SER A 39 -5.19 -6.60 20.54
N ILE A 40 -4.99 -5.30 20.37
CA ILE A 40 -6.09 -4.34 20.36
C ILE A 40 -6.11 -3.53 19.07
N ASP A 41 -7.20 -2.80 18.86
CA ASP A 41 -7.35 -1.97 17.66
C ASP A 41 -6.02 -1.31 17.29
N ALA A 42 -5.63 -1.46 16.04
CA ALA A 42 -4.38 -0.87 15.56
C ALA A 42 -4.65 0.25 14.56
N LEU A 43 -4.18 1.46 14.89
CA LEU A 43 -4.37 2.62 14.03
C LEU A 43 -3.38 2.60 12.87
N PHE A 44 -3.88 2.83 11.67
CA PHE A 44 -3.04 2.85 10.47
C PHE A 44 -3.35 4.05 9.60
N ASN A 45 -2.46 4.35 8.66
CA ASN A 45 -2.64 5.48 7.76
C ASN A 45 -1.56 5.50 6.69
N MET A 46 -1.95 5.85 5.47
CA MET A 46 -1.00 5.92 4.35
C MET A 46 -0.28 7.26 4.33
N THR A 47 0.99 7.24 3.94
CA THR A 47 1.80 8.45 3.87
C THR A 47 1.63 9.15 2.53
N PRO A 48 1.53 10.48 2.56
CA PRO A 48 1.36 11.29 1.34
C PRO A 48 2.62 11.31 0.48
N PRO A 49 2.48 10.88 -0.77
CA PRO A 49 3.60 10.84 -1.73
C PRO A 49 4.06 12.24 -2.14
N THR A 50 5.27 12.31 -2.67
CA THR A 50 5.83 13.59 -3.11
C THR A 50 6.33 13.50 -4.55
N SER A 51 5.71 12.63 -5.34
CA SER A 51 6.09 12.45 -6.73
C SER A 51 4.86 12.44 -7.64
N ALA A 52 4.99 13.04 -8.81
CA ALA A 52 3.88 13.10 -9.76
C ALA A 52 3.29 11.71 -10.01
N LEU A 53 4.16 10.72 -10.18
CA LEU A 53 3.72 9.35 -10.41
C LEU A 53 3.21 8.72 -9.12
N GLY A 54 3.82 9.10 -8.00
CA GLY A 54 3.41 8.56 -6.72
C GLY A 54 2.10 9.15 -6.23
N ALA A 55 1.76 10.33 -6.74
CA ALA A 55 0.53 11.00 -6.35
C ALA A 55 -0.69 10.36 -7.01
N CYS A 56 -0.55 10.03 -8.29
CA CYS A 56 -1.63 9.40 -9.04
C CYS A 56 -2.29 8.30 -8.23
N PHE A 57 -1.48 7.58 -7.46
CA PHE A 57 -1.98 6.48 -6.64
C PHE A 57 -2.96 6.99 -5.59
N VAL A 58 -4.00 6.21 -5.32
CA VAL A 58 -5.01 6.58 -4.34
C VAL A 58 -5.43 5.38 -3.50
N PHE A 59 -5.09 5.42 -2.21
CA PHE A 59 -5.44 4.34 -1.30
C PHE A 59 -6.66 4.70 -0.45
N SER A 60 -7.46 3.70 -0.13
CA SER A 60 -8.66 3.91 0.67
C SER A 60 -9.00 2.66 1.47
N PRO A 61 -9.49 2.86 2.71
CA PRO A 61 -9.69 4.20 3.26
C PRO A 61 -8.36 4.90 3.57
N LYS A 62 -8.31 6.20 3.30
CA LYS A 62 -7.11 6.99 3.53
C LYS A 62 -6.58 6.76 4.95
N GLU A 63 -7.45 6.28 5.83
CA GLU A 63 -7.07 6.01 7.22
C GLU A 63 -8.19 5.26 7.94
N GLY A 64 -7.81 4.56 9.01
CA GLY A 64 -8.78 3.81 9.78
C GLY A 64 -8.12 2.92 10.83
N ILE A 65 -8.81 1.86 11.23
CA ILE A 65 -8.31 0.94 12.22
C ILE A 65 -8.59 -0.51 11.84
N ILE A 66 -7.58 -1.37 12.02
CA ILE A 66 -7.72 -2.78 11.70
C ILE A 66 -7.92 -3.61 12.95
N GLU A 67 -9.15 -4.09 13.15
CA GLU A 67 -9.46 -4.91 14.31
C GLU A 67 -8.37 -5.95 14.57
N PRO A 68 -8.22 -6.35 15.84
CA PRO A 68 -7.22 -7.34 16.24
C PRO A 68 -7.55 -8.74 15.73
N SER A 69 -6.51 -9.48 15.35
CA SER A 69 -6.69 -10.84 14.83
C SER A 69 -7.69 -10.85 13.67
N GLY A 70 -7.50 -9.93 12.73
CA GLY A 70 -8.39 -9.85 11.58
C GLY A 70 -7.70 -9.30 10.35
N VAL A 71 -8.45 -8.57 9.53
CA VAL A 71 -7.90 -7.98 8.32
C VAL A 71 -8.66 -6.72 7.92
N GLN A 72 -8.21 -6.07 6.85
CA GLN A 72 -8.85 -4.85 6.38
C GLN A 72 -8.59 -4.65 4.89
N ALA A 73 -9.65 -4.67 4.09
CA ALA A 73 -9.54 -4.48 2.65
C ALA A 73 -9.04 -3.07 2.32
N ILE A 74 -8.11 -3.00 1.37
CA ILE A 74 -7.54 -1.72 0.96
C ILE A 74 -7.73 -1.49 -0.54
N GLN A 75 -8.47 -0.44 -0.89
CA GLN A 75 -8.72 -0.12 -2.28
C GLN A 75 -7.63 0.80 -2.84
N ILE A 76 -6.97 0.34 -3.89
CA ILE A 76 -5.89 1.12 -4.51
C ILE A 76 -6.26 1.50 -5.95
N SER A 77 -6.10 2.77 -6.27
CA SER A 77 -6.41 3.27 -7.59
C SER A 77 -5.24 4.06 -8.17
N PHE A 78 -4.82 3.69 -9.38
CA PHE A 78 -3.71 4.37 -10.04
C PHE A 78 -4.06 4.71 -11.49
N SER A 79 -3.60 5.87 -11.94
CA SER A 79 -3.86 6.33 -13.30
C SER A 79 -3.10 7.61 -13.61
N SER A 80 -2.05 7.47 -14.42
CA SER A 80 -1.22 8.62 -14.79
C SER A 80 -1.10 8.73 -16.31
N ILE A 81 -0.37 9.74 -16.77
CA ILE A 81 -0.17 9.95 -18.19
C ILE A 81 1.31 9.93 -18.55
N ILE A 82 2.13 9.46 -17.62
CA ILE A 82 3.58 9.39 -17.83
C ILE A 82 4.00 7.98 -18.22
N LEU A 83 4.48 7.82 -19.45
CA LEU A 83 4.92 6.53 -19.94
C LEU A 83 6.26 6.15 -19.33
N GLY A 84 6.66 4.89 -19.52
CA GLY A 84 7.93 4.43 -18.98
C GLY A 84 7.78 3.75 -17.64
N ASN A 85 8.61 2.75 -17.38
CA ASN A 85 8.56 2.02 -16.12
C ASN A 85 8.61 2.97 -14.93
N PHE A 86 8.10 2.51 -13.79
CA PHE A 86 8.08 3.33 -12.58
C PHE A 86 8.16 2.45 -11.34
N GLU A 87 9.03 2.83 -10.41
CA GLU A 87 9.21 2.08 -9.17
C GLU A 87 9.12 2.99 -7.96
N GLU A 88 8.11 2.78 -7.12
CA GLU A 88 7.92 3.59 -5.93
C GLU A 88 7.76 2.71 -4.69
N GLU A 89 7.65 3.35 -3.53
CA GLU A 89 7.48 2.62 -2.27
C GLU A 89 6.66 3.43 -1.28
N PHE A 90 5.45 2.96 -1.00
CA PHE A 90 4.56 3.64 -0.06
C PHE A 90 4.75 3.10 1.35
N LEU A 91 4.58 3.98 2.34
CA LEU A 91 4.72 3.59 3.74
C LEU A 91 3.43 3.83 4.51
N VAL A 92 3.19 3.00 5.52
CA VAL A 92 1.99 3.12 6.33
C VAL A 92 2.33 3.57 7.75
N ASN A 93 1.91 4.79 8.09
CA ASN A 93 2.17 5.34 9.42
C ASN A 93 1.31 4.67 10.47
N VAL A 94 1.97 3.98 11.41
CA VAL A 94 1.25 3.29 12.48
C VAL A 94 1.50 3.95 13.84
N ASN A 95 0.45 4.04 14.64
CA ASN A 95 0.55 4.66 15.96
C ASN A 95 1.53 3.89 16.85
N GLY A 96 1.38 2.57 16.87
CA GLY A 96 2.26 1.74 17.68
C GLY A 96 3.21 0.91 16.83
N SER A 97 4.26 1.55 16.33
CA SER A 97 5.24 0.86 15.49
C SER A 97 6.43 1.78 15.20
N PRO A 98 7.63 1.18 15.22
CA PRO A 98 8.88 1.92 14.96
C PRO A 98 9.00 2.35 13.50
N GLU A 99 8.65 1.46 12.59
CA GLU A 99 8.71 1.75 11.15
C GLU A 99 7.40 1.38 10.47
N PRO A 100 6.99 2.21 9.50
CA PRO A 100 5.75 1.99 8.74
C PRO A 100 5.86 0.80 7.80
N VAL A 101 4.73 0.16 7.53
CA VAL A 101 4.69 -0.99 6.64
C VAL A 101 5.17 -0.62 5.23
N LYS A 102 6.26 -1.24 4.80
CA LYS A 102 6.82 -0.97 3.48
C LYS A 102 6.02 -1.68 2.40
N LEU A 103 5.65 -0.94 1.36
CA LEU A 103 4.88 -1.49 0.25
C LEU A 103 5.40 -0.98 -1.09
N THR A 104 6.10 -1.85 -1.81
CA THR A 104 6.67 -1.50 -3.11
C THR A 104 5.72 -1.89 -4.24
N ILE A 105 5.44 -0.94 -5.12
CA ILE A 105 4.55 -1.18 -6.25
C ILE A 105 5.28 -1.00 -7.58
N ARG A 106 5.39 -2.10 -8.33
CA ARG A 106 6.06 -2.07 -9.61
C ARG A 106 5.06 -2.07 -10.76
N GLY A 107 5.35 -1.31 -11.81
CA GLY A 107 4.46 -1.24 -12.95
C GLY A 107 5.06 -0.47 -14.11
N CYS A 108 4.51 -0.67 -15.30
CA CYS A 108 5.00 0.01 -16.50
C CYS A 108 3.84 0.61 -17.29
N VAL A 109 3.95 1.90 -17.60
CA VAL A 109 2.91 2.60 -18.35
C VAL A 109 3.20 2.56 -19.85
N ILE A 110 2.18 2.24 -20.63
CA ILE A 110 2.32 2.17 -22.08
C ILE A 110 1.19 2.92 -22.78
N GLY A 111 1.42 3.28 -24.04
CA GLY A 111 0.42 4.00 -24.80
C GLY A 111 0.35 3.54 -26.24
N PRO A 112 -0.87 3.53 -26.81
CA PRO A 112 -1.10 3.10 -28.18
C PRO A 112 -0.54 4.09 -29.20
N GLY A 1 5.13 -15.91 23.80
CA GLY A 1 4.69 -15.37 22.53
C GLY A 1 5.33 -14.03 22.21
N SER A 2 6.30 -14.05 21.29
CA SER A 2 7.00 -12.84 20.91
C SER A 2 6.22 -12.09 19.83
N SER A 3 5.24 -11.30 20.25
CA SER A 3 4.41 -10.53 19.33
C SER A 3 5.25 -10.03 18.15
N GLY A 4 6.37 -9.40 18.46
CA GLY A 4 7.24 -8.88 17.42
C GLY A 4 8.44 -8.15 17.98
N SER A 5 9.53 -8.12 17.20
CA SER A 5 10.75 -7.45 17.64
C SER A 5 11.18 -6.40 16.61
N SER A 6 11.36 -6.85 15.36
CA SER A 6 11.78 -5.96 14.29
C SER A 6 10.74 -5.93 13.18
N GLY A 7 9.62 -5.27 13.43
CA GLY A 7 8.56 -5.17 12.44
C GLY A 7 7.23 -4.74 13.04
N PRO A 8 6.38 -4.12 12.21
CA PRO A 8 5.06 -3.65 12.65
C PRO A 8 4.10 -4.80 12.94
N LYS A 9 2.93 -4.46 13.47
CA LYS A 9 1.92 -5.46 13.80
C LYS A 9 1.07 -5.79 12.57
N ILE A 10 0.86 -4.80 11.72
CA ILE A 10 0.06 -4.98 10.51
C ILE A 10 0.94 -5.32 9.32
N HIS A 11 0.51 -6.28 8.51
CA HIS A 11 1.26 -6.69 7.34
C HIS A 11 0.33 -6.92 6.14
N PHE A 12 0.84 -6.67 4.94
CA PHE A 12 0.05 -6.85 3.73
C PHE A 12 0.10 -8.30 3.26
N ASN A 13 -0.90 -8.71 2.49
CA ASN A 13 -0.97 -10.07 1.97
C ASN A 13 0.26 -10.39 1.13
N PHE A 14 0.83 -9.36 0.52
CA PHE A 14 2.02 -9.53 -0.32
C PHE A 14 3.04 -8.43 -0.07
N GLU A 15 4.31 -8.74 -0.26
CA GLU A 15 5.38 -7.77 -0.04
C GLU A 15 5.56 -6.89 -1.28
N LEU A 16 5.27 -7.45 -2.45
CA LEU A 16 5.40 -6.71 -3.71
C LEU A 16 4.20 -6.96 -4.60
N LEU A 17 3.63 -5.88 -5.14
CA LEU A 17 2.48 -5.98 -6.02
C LEU A 17 2.83 -5.54 -7.44
N ASP A 18 2.89 -6.50 -8.37
CA ASP A 18 3.22 -6.20 -9.75
C ASP A 18 1.96 -5.98 -10.57
N ILE A 19 1.64 -4.72 -10.84
CA ILE A 19 0.45 -4.38 -11.62
C ILE A 19 0.68 -4.63 -13.11
N GLY A 20 1.90 -5.01 -13.45
CA GLY A 20 2.23 -5.28 -14.84
C GLY A 20 2.10 -4.04 -15.71
N LYS A 21 1.70 -4.24 -16.97
CA LYS A 21 1.54 -3.14 -17.90
C LYS A 21 0.18 -2.47 -17.74
N VAL A 22 0.17 -1.15 -17.75
CA VAL A 22 -1.08 -0.39 -17.62
C VAL A 22 -1.19 0.68 -18.69
N PHE A 23 -2.23 0.56 -19.52
CA PHE A 23 -2.46 1.51 -20.60
C PHE A 23 -2.36 2.94 -20.09
N THR A 24 -2.18 3.89 -21.01
CA THR A 24 -2.07 5.29 -20.65
C THR A 24 -3.44 5.92 -20.41
N GLY A 25 -3.48 6.95 -19.58
CA GLY A 25 -4.73 7.62 -19.28
C GLY A 25 -5.85 6.64 -19.00
N SER A 26 -5.56 5.64 -18.17
CA SER A 26 -6.55 4.63 -17.83
C SER A 26 -6.59 4.41 -16.32
N ALA A 27 -7.77 4.03 -15.81
CA ALA A 27 -7.93 3.79 -14.38
C ALA A 27 -8.03 2.29 -14.09
N HIS A 28 -7.15 1.80 -13.24
CA HIS A 28 -7.14 0.38 -12.87
C HIS A 28 -7.75 0.17 -11.49
N CYS A 29 -7.94 -1.09 -11.12
CA CYS A 29 -8.51 -1.43 -9.83
C CYS A 29 -7.73 -2.54 -9.15
N TYR A 30 -7.14 -2.24 -8.01
CA TYR A 30 -6.35 -3.21 -7.26
C TYR A 30 -6.88 -3.38 -5.84
N GLU A 31 -6.31 -4.32 -5.10
CA GLU A 31 -6.74 -4.59 -3.73
C GLU A 31 -5.56 -5.04 -2.88
N ALA A 32 -5.52 -4.56 -1.65
CA ALA A 32 -4.45 -4.91 -0.72
C ALA A 32 -5.00 -5.22 0.67
N ILE A 33 -4.93 -6.48 1.07
CA ILE A 33 -5.42 -6.89 2.38
C ILE A 33 -4.33 -6.75 3.44
N LEU A 34 -4.66 -6.07 4.53
CA LEU A 34 -3.71 -5.87 5.62
C LEU A 34 -4.15 -6.63 6.87
N TYR A 35 -3.35 -7.61 7.26
CA TYR A 35 -3.65 -8.42 8.44
C TYR A 35 -3.04 -7.80 9.70
N ASN A 36 -3.89 -7.49 10.67
CA ASN A 36 -3.44 -6.89 11.91
C ASN A 36 -3.09 -7.97 12.95
N LYS A 37 -1.80 -8.12 13.21
CA LYS A 37 -1.34 -9.12 14.18
C LYS A 37 -1.24 -8.53 15.57
N GLY A 38 -2.27 -7.79 15.98
CA GLY A 38 -2.27 -7.17 17.28
C GLY A 38 -3.30 -7.78 18.22
N SER A 39 -3.18 -7.51 19.51
CA SER A 39 -4.09 -8.05 20.50
C SER A 39 -5.38 -7.23 20.54
N ILE A 40 -5.26 -5.93 20.30
CA ILE A 40 -6.41 -5.04 20.32
C ILE A 40 -6.44 -4.16 19.07
N ASP A 41 -7.43 -3.26 18.99
CA ASP A 41 -7.57 -2.37 17.86
C ASP A 41 -6.26 -1.64 17.57
N ALA A 42 -5.79 -1.75 16.34
CA ALA A 42 -4.54 -1.10 15.93
C ALA A 42 -4.80 -0.02 14.90
N LEU A 43 -4.34 1.19 15.18
CA LEU A 43 -4.52 2.31 14.27
C LEU A 43 -3.50 2.26 13.13
N PHE A 44 -3.86 2.82 11.98
CA PHE A 44 -2.99 2.84 10.82
C PHE A 44 -3.32 4.02 9.91
N ASN A 45 -2.29 4.53 9.23
CA ASN A 45 -2.47 5.66 8.32
C ASN A 45 -1.64 5.47 7.05
N MET A 46 -1.88 6.35 6.07
CA MET A 46 -1.15 6.27 4.81
C MET A 46 -0.58 7.64 4.43
N THR A 47 0.72 7.67 4.11
CA THR A 47 1.38 8.91 3.73
C THR A 47 1.53 9.01 2.21
N PRO A 48 1.15 10.18 1.67
CA PRO A 48 1.24 10.44 0.23
C PRO A 48 2.67 10.56 -0.26
N PRO A 49 2.93 10.07 -1.47
CA PRO A 49 4.27 10.11 -2.08
C PRO A 49 4.69 11.53 -2.46
N THR A 50 5.96 11.69 -2.80
CA THR A 50 6.48 13.00 -3.20
C THR A 50 6.58 13.12 -4.71
N SER A 51 6.73 11.99 -5.38
CA SER A 51 6.84 11.97 -6.84
C SER A 51 5.46 12.06 -7.49
N ALA A 52 5.41 12.65 -8.67
CA ALA A 52 4.15 12.80 -9.41
C ALA A 52 3.50 11.45 -9.66
N LEU A 53 4.28 10.52 -10.21
CA LEU A 53 3.78 9.18 -10.51
C LEU A 53 3.15 8.55 -9.27
N GLY A 54 3.85 8.65 -8.14
CA GLY A 54 3.35 8.09 -6.90
C GLY A 54 2.02 8.69 -6.49
N ALA A 55 1.92 10.01 -6.54
CA ALA A 55 0.70 10.71 -6.17
C ALA A 55 -0.49 10.19 -6.96
N CYS A 56 -0.30 10.02 -8.26
CA CYS A 56 -1.37 9.53 -9.14
C CYS A 56 -2.18 8.45 -8.44
N PHE A 57 -1.50 7.64 -7.63
CA PHE A 57 -2.16 6.56 -6.90
C PHE A 57 -3.21 7.11 -5.94
N VAL A 58 -4.15 6.26 -5.55
CA VAL A 58 -5.21 6.65 -4.63
C VAL A 58 -5.58 5.51 -3.70
N PHE A 59 -5.20 5.64 -2.43
CA PHE A 59 -5.49 4.62 -1.43
C PHE A 59 -6.72 5.00 -0.61
N SER A 60 -7.59 4.03 -0.36
CA SER A 60 -8.81 4.26 0.40
C SER A 60 -9.26 2.98 1.10
N PRO A 61 -9.52 3.08 2.41
CA PRO A 61 -9.38 4.33 3.15
C PRO A 61 -7.92 4.75 3.31
N LYS A 62 -7.71 6.00 3.71
CA LYS A 62 -6.37 6.52 3.91
C LYS A 62 -5.98 6.53 5.38
N GLU A 63 -6.92 6.10 6.23
CA GLU A 63 -6.67 6.06 7.67
C GLU A 63 -7.84 5.39 8.39
N GLY A 64 -7.52 4.60 9.41
CA GLY A 64 -8.55 3.90 10.17
C GLY A 64 -7.97 2.95 11.19
N ILE A 65 -8.72 1.90 11.51
CA ILE A 65 -8.27 0.91 12.48
C ILE A 65 -8.55 -0.50 11.98
N ILE A 66 -7.64 -1.43 12.32
CA ILE A 66 -7.79 -2.82 11.91
C ILE A 66 -7.99 -3.74 13.11
N GLU A 67 -9.21 -4.23 13.27
CA GLU A 67 -9.53 -5.11 14.39
C GLU A 67 -8.44 -6.17 14.57
N PRO A 68 -8.29 -6.65 15.81
CA PRO A 68 -7.29 -7.67 16.16
C PRO A 68 -7.63 -9.03 15.57
N SER A 69 -6.61 -9.72 15.06
CA SER A 69 -6.80 -11.03 14.46
C SER A 69 -7.74 -10.97 13.27
N GLY A 70 -7.76 -9.81 12.61
CA GLY A 70 -8.63 -9.63 11.46
C GLY A 70 -7.88 -9.12 10.24
N VAL A 71 -8.60 -8.46 9.34
CA VAL A 71 -7.99 -7.92 8.12
C VAL A 71 -8.72 -6.68 7.64
N GLN A 72 -8.08 -5.92 6.76
CA GLN A 72 -8.68 -4.70 6.24
C GLN A 72 -8.36 -4.54 4.74
N ALA A 73 -9.39 -4.46 3.92
CA ALA A 73 -9.22 -4.31 2.48
C ALA A 73 -8.86 -2.88 2.13
N ILE A 74 -7.89 -2.71 1.23
CA ILE A 74 -7.44 -1.40 0.80
C ILE A 74 -7.66 -1.21 -0.69
N GLN A 75 -8.33 -0.12 -1.05
CA GLN A 75 -8.61 0.18 -2.46
C GLN A 75 -7.49 1.04 -3.05
N ILE A 76 -6.87 0.54 -4.12
CA ILE A 76 -5.79 1.26 -4.78
C ILE A 76 -6.12 1.51 -6.24
N SER A 77 -6.02 2.77 -6.65
CA SER A 77 -6.31 3.15 -8.04
C SER A 77 -5.14 3.94 -8.63
N PHE A 78 -4.62 3.44 -9.74
CA PHE A 78 -3.50 4.10 -10.42
C PHE A 78 -3.91 4.59 -11.81
N SER A 79 -3.51 5.81 -12.14
CA SER A 79 -3.84 6.39 -13.43
C SER A 79 -2.98 7.62 -13.71
N SER A 80 -2.11 7.51 -14.70
CA SER A 80 -1.23 8.62 -15.06
C SER A 80 -1.03 8.69 -16.57
N ILE A 81 -0.28 9.69 -17.02
CA ILE A 81 -0.01 9.86 -18.45
C ILE A 81 1.46 9.63 -18.75
N ILE A 82 2.30 9.66 -17.73
CA ILE A 82 3.72 9.46 -17.89
C ILE A 82 4.03 8.02 -18.27
N LEU A 83 4.60 7.84 -19.46
CA LEU A 83 4.95 6.51 -19.96
C LEU A 83 6.32 6.08 -19.43
N GLY A 84 6.57 4.78 -19.46
CA GLY A 84 7.83 4.25 -18.99
C GLY A 84 7.72 3.57 -17.64
N ASN A 85 8.64 2.66 -17.34
CA ASN A 85 8.63 1.94 -16.08
C ASN A 85 8.79 2.90 -14.90
N PHE A 86 8.10 2.61 -13.81
CA PHE A 86 8.16 3.45 -12.61
C PHE A 86 8.19 2.59 -11.35
N GLU A 87 9.02 3.00 -10.39
CA GLU A 87 9.15 2.27 -9.13
C GLU A 87 8.90 3.20 -7.94
N GLU A 88 7.80 2.96 -7.24
CA GLU A 88 7.44 3.78 -6.09
C GLU A 88 7.08 2.89 -4.89
N GLU A 89 7.31 3.41 -3.69
CA GLU A 89 7.02 2.66 -2.47
C GLU A 89 6.19 3.51 -1.51
N PHE A 90 5.16 2.91 -0.93
CA PHE A 90 4.30 3.61 0.02
C PHE A 90 4.57 3.15 1.45
N LEU A 91 4.15 3.96 2.41
CA LEU A 91 4.34 3.63 3.82
C LEU A 91 3.03 3.76 4.60
N VAL A 92 2.93 3.01 5.70
CA VAL A 92 1.73 3.04 6.53
C VAL A 92 2.07 3.32 7.98
N ASN A 93 1.72 4.52 8.45
CA ASN A 93 2.00 4.91 9.82
C ASN A 93 1.11 4.15 10.80
N VAL A 94 1.63 3.88 11.99
CA VAL A 94 0.87 3.16 13.01
C VAL A 94 1.14 3.74 14.39
N ASN A 95 0.11 3.74 15.23
CA ASN A 95 0.23 4.27 16.59
C ASN A 95 0.99 3.30 17.49
N GLY A 96 2.24 3.65 17.78
CA GLY A 96 3.06 2.79 18.62
C GLY A 96 3.83 1.76 17.83
N SER A 97 4.53 2.20 16.81
CA SER A 97 5.31 1.31 15.96
C SER A 97 6.66 1.92 15.60
N PRO A 98 7.71 1.09 15.56
CA PRO A 98 9.06 1.52 15.23
C PRO A 98 9.20 1.93 13.77
N GLU A 99 8.76 1.05 12.87
CA GLU A 99 8.85 1.31 11.44
C GLU A 99 7.50 1.04 10.77
N PRO A 100 7.16 1.88 9.79
CA PRO A 100 5.90 1.76 9.03
C PRO A 100 5.88 0.53 8.12
N VAL A 101 4.71 0.20 7.61
CA VAL A 101 4.56 -0.95 6.72
C VAL A 101 4.99 -0.61 5.31
N LYS A 102 6.20 -1.01 4.95
CA LYS A 102 6.74 -0.75 3.62
C LYS A 102 5.95 -1.52 2.56
N LEU A 103 5.60 -0.83 1.48
CA LEU A 103 4.85 -1.46 0.39
C LEU A 103 5.37 -0.96 -0.97
N THR A 104 6.02 -1.87 -1.69
CA THR A 104 6.55 -1.53 -3.02
C THR A 104 5.57 -1.89 -4.12
N ILE A 105 5.50 -1.05 -5.14
CA ILE A 105 4.60 -1.28 -6.26
C ILE A 105 5.27 -0.95 -7.59
N ARG A 106 5.57 -1.98 -8.37
CA ARG A 106 6.22 -1.81 -9.66
C ARG A 106 5.22 -1.99 -10.80
N GLY A 107 5.33 -1.15 -11.82
CA GLY A 107 4.44 -1.23 -12.96
C GLY A 107 5.08 -0.74 -14.25
N CYS A 108 4.24 -0.33 -15.20
CA CYS A 108 4.73 0.15 -16.48
C CYS A 108 3.60 0.76 -17.30
N VAL A 109 3.66 2.08 -17.50
CA VAL A 109 2.64 2.78 -18.26
C VAL A 109 2.98 2.81 -19.75
N ILE A 110 2.10 2.22 -20.56
CA ILE A 110 2.30 2.19 -22.00
C ILE A 110 1.16 2.88 -22.74
N GLY A 111 1.41 3.20 -24.01
CA GLY A 111 0.40 3.87 -24.81
C GLY A 111 0.17 3.18 -26.14
N PRO A 112 -0.69 3.78 -26.99
CA PRO A 112 -1.00 3.23 -28.31
C PRO A 112 0.18 3.33 -29.27
N GLY A 1 2.96 -16.95 20.39
CA GLY A 1 4.11 -16.19 19.93
C GLY A 1 5.25 -16.22 20.93
N SER A 2 6.08 -17.26 20.84
CA SER A 2 7.22 -17.40 21.74
C SER A 2 8.20 -16.24 21.56
N SER A 3 8.68 -16.07 20.33
CA SER A 3 9.64 -15.01 20.03
C SER A 3 8.91 -13.69 19.75
N GLY A 4 9.64 -12.58 19.86
CA GLY A 4 9.05 -11.29 19.62
C GLY A 4 9.62 -10.61 18.39
N SER A 5 8.99 -10.86 17.24
CA SER A 5 9.44 -10.28 15.98
C SER A 5 9.66 -8.78 16.12
N SER A 6 10.33 -8.19 15.15
CA SER A 6 10.62 -6.75 15.16
C SER A 6 9.98 -6.07 13.95
N GLY A 7 9.39 -4.90 14.19
CA GLY A 7 8.76 -4.16 13.11
C GLY A 7 7.30 -3.86 13.39
N PRO A 8 6.53 -3.55 12.34
CA PRO A 8 5.10 -3.24 12.45
C PRO A 8 4.28 -4.47 12.82
N LYS A 9 3.05 -4.23 13.26
CA LYS A 9 2.15 -5.31 13.65
C LYS A 9 1.35 -5.81 12.46
N ILE A 10 1.03 -4.89 11.55
CA ILE A 10 0.26 -5.25 10.35
C ILE A 10 1.19 -5.62 9.20
N HIS A 11 0.64 -6.31 8.21
CA HIS A 11 1.42 -6.73 7.04
C HIS A 11 0.51 -7.00 5.85
N PHE A 12 0.98 -6.64 4.66
CA PHE A 12 0.21 -6.85 3.44
C PHE A 12 0.29 -8.30 2.98
N ASN A 13 -0.76 -8.77 2.34
CA ASN A 13 -0.81 -10.15 1.84
C ASN A 13 0.41 -10.46 0.99
N PHE A 14 1.04 -9.41 0.45
CA PHE A 14 2.22 -9.57 -0.38
C PHE A 14 3.24 -8.47 -0.09
N GLU A 15 4.52 -8.79 -0.29
CA GLU A 15 5.59 -7.83 -0.06
C GLU A 15 5.59 -6.74 -1.12
N LEU A 16 5.35 -7.14 -2.36
CA LEU A 16 5.32 -6.19 -3.48
C LEU A 16 4.07 -6.39 -4.33
N LEU A 17 3.55 -5.29 -4.87
CA LEU A 17 2.36 -5.34 -5.71
C LEU A 17 2.72 -5.25 -7.19
N ASP A 18 2.56 -6.34 -7.91
CA ASP A 18 2.86 -6.38 -9.33
C ASP A 18 1.59 -6.22 -10.17
N ILE A 19 1.43 -5.05 -10.79
CA ILE A 19 0.26 -4.79 -11.61
C ILE A 19 0.58 -4.99 -13.09
N GLY A 20 1.80 -5.40 -13.38
CA GLY A 20 2.21 -5.61 -14.75
C GLY A 20 2.08 -4.37 -15.60
N LYS A 21 1.78 -4.56 -16.88
CA LYS A 21 1.62 -3.44 -17.80
C LYS A 21 0.23 -2.83 -17.68
N VAL A 22 0.16 -1.49 -17.81
CA VAL A 22 -1.12 -0.79 -17.71
C VAL A 22 -1.19 0.33 -18.74
N PHE A 23 -2.37 0.53 -19.31
CA PHE A 23 -2.58 1.57 -20.31
C PHE A 23 -2.44 2.96 -19.68
N THR A 24 -1.92 3.91 -20.46
CA THR A 24 -1.73 5.27 -19.99
C THR A 24 -3.06 6.02 -19.94
N GLY A 25 -3.27 6.76 -18.86
CA GLY A 25 -4.50 7.53 -18.70
C GLY A 25 -5.60 6.72 -18.04
N SER A 26 -6.09 5.70 -18.72
CA SER A 26 -7.15 4.86 -18.19
C SER A 26 -7.00 4.68 -16.69
N ALA A 27 -8.12 4.45 -16.01
CA ALA A 27 -8.11 4.25 -14.56
C ALA A 27 -8.09 2.77 -14.21
N HIS A 28 -7.07 2.35 -13.46
CA HIS A 28 -6.94 0.95 -13.06
C HIS A 28 -7.45 0.76 -11.64
N CYS A 29 -7.96 -0.44 -11.35
CA CYS A 29 -8.48 -0.76 -10.03
C CYS A 29 -7.75 -1.96 -9.44
N TYR A 30 -7.38 -1.85 -8.17
CA TYR A 30 -6.68 -2.93 -7.48
C TYR A 30 -7.18 -3.08 -6.05
N GLU A 31 -6.73 -4.13 -5.38
CA GLU A 31 -7.12 -4.39 -4.00
C GLU A 31 -5.97 -4.94 -3.18
N ALA A 32 -5.74 -4.36 -2.02
CA ALA A 32 -4.65 -4.79 -1.14
C ALA A 32 -5.17 -5.11 0.26
N ILE A 33 -4.93 -6.33 0.71
CA ILE A 33 -5.36 -6.76 2.04
C ILE A 33 -4.27 -6.57 3.07
N LEU A 34 -4.65 -6.13 4.27
CA LEU A 34 -3.70 -5.92 5.34
C LEU A 34 -4.13 -6.65 6.62
N TYR A 35 -3.38 -7.68 6.98
CA TYR A 35 -3.68 -8.46 8.17
C TYR A 35 -3.07 -7.83 9.42
N ASN A 36 -3.87 -7.67 10.46
CA ASN A 36 -3.40 -7.08 11.71
C ASN A 36 -3.01 -8.16 12.71
N LYS A 37 -1.73 -8.21 13.04
CA LYS A 37 -1.22 -9.20 13.98
C LYS A 37 -1.04 -8.58 15.37
N GLY A 38 -1.93 -7.65 15.71
CA GLY A 38 -1.85 -6.99 17.01
C GLY A 38 -2.78 -7.61 18.03
N SER A 39 -2.50 -7.37 19.30
CA SER A 39 -3.32 -7.91 20.39
C SER A 39 -4.65 -7.17 20.48
N ILE A 40 -4.61 -5.88 20.22
CA ILE A 40 -5.81 -5.04 20.28
C ILE A 40 -5.94 -4.17 19.02
N ASP A 41 -6.98 -3.34 19.00
CA ASP A 41 -7.20 -2.45 17.87
C ASP A 41 -5.91 -1.76 17.44
N ALA A 42 -5.61 -1.83 16.15
CA ALA A 42 -4.41 -1.21 15.61
C ALA A 42 -4.75 -0.14 14.58
N LEU A 43 -4.17 1.05 14.75
CA LEU A 43 -4.41 2.16 13.84
C LEU A 43 -3.43 2.13 12.68
N PHE A 44 -3.82 2.73 11.55
CA PHE A 44 -2.97 2.77 10.37
C PHE A 44 -3.40 3.91 9.45
N ASN A 45 -2.48 4.35 8.61
CA ASN A 45 -2.75 5.43 7.66
C ASN A 45 -1.63 5.57 6.64
N MET A 46 -1.99 5.89 5.41
CA MET A 46 -1.01 6.05 4.33
C MET A 46 -0.38 7.44 4.38
N THR A 47 0.89 7.52 3.98
CA THR A 47 1.60 8.79 3.98
C THR A 47 1.36 9.55 2.68
N PRO A 48 1.19 10.87 2.79
CA PRO A 48 0.94 11.75 1.63
C PRO A 48 2.18 11.89 0.76
N PRO A 49 2.11 11.36 -0.47
CA PRO A 49 3.21 11.43 -1.43
C PRO A 49 3.45 12.84 -1.94
N THR A 50 4.71 13.19 -2.13
CA THR A 50 5.07 14.52 -2.62
C THR A 50 5.67 14.43 -4.02
N SER A 51 5.18 13.51 -4.83
CA SER A 51 5.66 13.32 -6.19
C SER A 51 4.51 13.41 -7.19
N ALA A 52 4.86 13.43 -8.47
CA ALA A 52 3.86 13.51 -9.54
C ALA A 52 3.24 12.15 -9.81
N LEU A 53 4.06 11.11 -9.77
CA LEU A 53 3.59 9.76 -10.00
C LEU A 53 2.96 9.17 -8.76
N GLY A 54 3.59 9.38 -7.61
CA GLY A 54 3.06 8.86 -6.36
C GLY A 54 1.73 9.48 -6.00
N ALA A 55 1.48 10.70 -6.46
CA ALA A 55 0.24 11.39 -6.18
C ALA A 55 -0.90 10.83 -7.02
N CYS A 56 -0.59 9.86 -7.87
CA CYS A 56 -1.58 9.24 -8.73
C CYS A 56 -2.22 8.03 -8.03
N PHE A 57 -1.45 7.39 -7.15
CA PHE A 57 -1.94 6.23 -6.43
C PHE A 57 -2.88 6.65 -5.29
N VAL A 58 -4.12 6.21 -5.36
CA VAL A 58 -5.12 6.54 -4.35
C VAL A 58 -5.36 5.36 -3.41
N PHE A 59 -4.99 5.54 -2.14
CA PHE A 59 -5.16 4.48 -1.14
C PHE A 59 -6.35 4.79 -0.23
N SER A 60 -7.19 3.78 -0.01
CA SER A 60 -8.36 3.95 0.84
C SER A 60 -8.71 2.63 1.54
N PRO A 61 -9.16 2.74 2.80
CA PRO A 61 -9.31 4.03 3.48
C PRO A 61 -7.97 4.67 3.80
N LYS A 62 -7.88 5.98 3.60
CA LYS A 62 -6.66 6.72 3.86
C LYS A 62 -6.16 6.45 5.28
N GLU A 63 -7.07 6.03 6.16
CA GLU A 63 -6.73 5.74 7.54
C GLU A 63 -7.92 5.13 8.28
N GLY A 64 -7.63 4.22 9.20
CA GLY A 64 -8.68 3.58 9.96
C GLY A 64 -8.13 2.69 11.07
N ILE A 65 -8.96 1.78 11.56
CA ILE A 65 -8.56 0.86 12.63
C ILE A 65 -8.75 -0.59 12.21
N ILE A 66 -7.68 -1.36 12.28
CA ILE A 66 -7.73 -2.78 11.91
C ILE A 66 -7.87 -3.66 13.15
N GLU A 67 -9.04 -4.29 13.29
CA GLU A 67 -9.29 -5.17 14.42
C GLU A 67 -8.21 -6.24 14.54
N PRO A 68 -8.00 -6.73 15.77
CA PRO A 68 -7.00 -7.77 16.04
C PRO A 68 -7.39 -9.12 15.46
N SER A 69 -6.41 -9.84 14.92
CA SER A 69 -6.66 -11.15 14.34
C SER A 69 -7.61 -11.04 13.15
N GLY A 70 -7.61 -9.89 12.50
CA GLY A 70 -8.49 -9.67 11.36
C GLY A 70 -7.75 -9.15 10.15
N VAL A 71 -8.44 -8.38 9.32
CA VAL A 71 -7.85 -7.81 8.11
C VAL A 71 -8.58 -6.55 7.68
N GLN A 72 -8.01 -5.85 6.71
CA GLN A 72 -8.61 -4.62 6.19
C GLN A 72 -8.38 -4.48 4.69
N ALA A 73 -9.47 -4.46 3.93
CA ALA A 73 -9.39 -4.34 2.49
C ALA A 73 -9.00 -2.92 2.08
N ILE A 74 -8.02 -2.82 1.18
CA ILE A 74 -7.56 -1.52 0.71
C ILE A 74 -7.81 -1.36 -0.79
N GLN A 75 -8.42 -0.23 -1.16
CA GLN A 75 -8.72 0.05 -2.55
C GLN A 75 -7.66 0.95 -3.17
N ILE A 76 -6.87 0.39 -4.09
CA ILE A 76 -5.82 1.14 -4.75
C ILE A 76 -6.19 1.47 -6.19
N SER A 77 -6.11 2.74 -6.54
CA SER A 77 -6.45 3.19 -7.89
C SER A 77 -5.29 3.97 -8.51
N PHE A 78 -4.66 3.36 -9.51
CA PHE A 78 -3.53 4.00 -10.19
C PHE A 78 -3.95 4.56 -11.55
N SER A 79 -3.55 5.79 -11.83
CA SER A 79 -3.90 6.44 -13.09
C SER A 79 -2.99 7.64 -13.35
N SER A 80 -2.08 7.49 -14.30
CA SER A 80 -1.15 8.57 -14.64
C SER A 80 -0.99 8.68 -16.16
N ILE A 81 -0.12 9.59 -16.58
CA ILE A 81 0.13 9.80 -18.00
C ILE A 81 1.60 9.64 -18.34
N ILE A 82 2.41 9.33 -17.32
CA ILE A 82 3.84 9.14 -17.51
C ILE A 82 4.16 7.70 -17.93
N LEU A 83 4.73 7.54 -19.11
CA LEU A 83 5.08 6.23 -19.62
C LEU A 83 6.43 5.77 -19.08
N GLY A 84 6.76 4.51 -19.31
CA GLY A 84 8.02 3.96 -18.83
C GLY A 84 7.92 3.38 -17.44
N ASN A 85 8.75 2.39 -17.15
CA ASN A 85 8.75 1.73 -15.85
C ASN A 85 8.83 2.76 -14.73
N PHE A 86 8.22 2.44 -13.59
CA PHE A 86 8.22 3.34 -12.43
C PHE A 86 8.23 2.54 -11.13
N GLU A 87 9.14 2.90 -10.24
CA GLU A 87 9.25 2.22 -8.95
C GLU A 87 8.96 3.18 -7.80
N GLU A 88 7.89 2.91 -7.06
CA GLU A 88 7.50 3.75 -5.93
C GLU A 88 7.25 2.90 -4.68
N GLU A 89 7.67 3.42 -3.53
CA GLU A 89 7.48 2.71 -2.27
C GLU A 89 6.67 3.56 -1.29
N PHE A 90 5.44 3.11 -1.02
CA PHE A 90 4.56 3.82 -0.10
C PHE A 90 4.78 3.34 1.34
N LEU A 91 4.49 4.22 2.29
CA LEU A 91 4.66 3.90 3.71
C LEU A 91 3.34 4.05 4.46
N VAL A 92 3.10 3.16 5.41
CA VAL A 92 1.87 3.20 6.20
C VAL A 92 2.18 3.42 7.68
N ASN A 93 1.77 4.57 8.21
CA ASN A 93 2.00 4.90 9.61
C ASN A 93 1.07 4.12 10.51
N VAL A 94 1.64 3.39 11.47
CA VAL A 94 0.86 2.60 12.41
C VAL A 94 0.82 3.25 13.79
N ASN A 95 -0.22 2.93 14.56
CA ASN A 95 -0.36 3.48 15.90
C ASN A 95 0.92 3.31 16.71
N GLY A 96 1.54 4.43 17.08
CA GLY A 96 2.77 4.38 17.85
C GLY A 96 3.63 3.20 17.49
N SER A 97 4.06 3.15 16.22
CA SER A 97 4.90 2.05 15.74
C SER A 97 6.32 2.54 15.47
N PRO A 98 7.30 1.66 15.69
CA PRO A 98 8.72 1.97 15.47
C PRO A 98 9.05 2.12 13.99
N GLU A 99 8.45 1.28 13.16
CA GLU A 99 8.69 1.31 11.73
C GLU A 99 7.39 1.06 10.94
N PRO A 100 7.17 1.86 9.90
CA PRO A 100 5.97 1.74 9.06
C PRO A 100 5.98 0.47 8.22
N VAL A 101 4.90 0.25 7.47
CA VAL A 101 4.78 -0.93 6.62
C VAL A 101 5.13 -0.61 5.18
N LYS A 102 6.42 -0.70 4.85
CA LYS A 102 6.89 -0.42 3.50
C LYS A 102 6.05 -1.15 2.46
N LEU A 103 5.83 -0.53 1.31
CA LEU A 103 5.05 -1.13 0.24
C LEU A 103 5.58 -0.72 -1.12
N THR A 104 6.25 -1.66 -1.80
CA THR A 104 6.80 -1.39 -3.12
C THR A 104 5.83 -1.80 -4.23
N ILE A 105 5.43 -0.82 -5.03
CA ILE A 105 4.50 -1.08 -6.12
C ILE A 105 5.19 -0.93 -7.48
N ARG A 106 5.27 -2.02 -8.22
CA ARG A 106 5.90 -2.01 -9.54
C ARG A 106 4.86 -2.12 -10.64
N GLY A 107 5.03 -1.31 -11.69
CA GLY A 107 4.10 -1.33 -12.80
C GLY A 107 4.63 -0.61 -14.02
N CYS A 108 4.29 -1.13 -15.20
CA CYS A 108 4.74 -0.52 -16.45
C CYS A 108 3.61 0.23 -17.13
N VAL A 109 3.86 1.50 -17.47
CA VAL A 109 2.86 2.33 -18.13
C VAL A 109 3.09 2.37 -19.64
N ILE A 110 2.11 1.90 -20.39
CA ILE A 110 2.20 1.90 -21.85
C ILE A 110 1.10 2.75 -22.48
N GLY A 111 1.22 2.99 -23.78
CA GLY A 111 0.23 3.79 -24.48
C GLY A 111 0.16 3.46 -25.96
N PRO A 112 -0.76 4.13 -26.67
CA PRO A 112 -0.95 3.92 -28.11
C PRO A 112 0.22 4.47 -28.93
N GLY A 1 15.91 -20.88 7.03
CA GLY A 1 16.24 -19.49 7.30
C GLY A 1 15.22 -18.81 8.19
N SER A 2 15.24 -17.48 8.20
CA SER A 2 14.30 -16.71 9.01
C SER A 2 13.09 -16.27 8.19
N SER A 3 11.90 -16.52 8.71
CA SER A 3 10.67 -16.15 8.02
C SER A 3 9.73 -15.39 8.95
N GLY A 4 9.64 -14.09 8.75
CA GLY A 4 8.78 -13.26 9.57
C GLY A 4 9.45 -11.98 10.02
N SER A 5 9.19 -10.89 9.29
CA SER A 5 9.78 -9.60 9.61
C SER A 5 9.52 -9.23 11.07
N SER A 6 10.34 -8.32 11.60
CA SER A 6 10.20 -7.88 12.97
C SER A 6 10.05 -6.37 13.06
N GLY A 7 8.95 -5.93 13.66
CA GLY A 7 8.69 -4.50 13.78
C GLY A 7 7.22 -4.19 13.97
N PRO A 8 6.55 -3.86 12.85
CA PRO A 8 5.12 -3.53 12.86
C PRO A 8 4.24 -4.74 13.16
N LYS A 9 2.93 -4.54 13.12
CA LYS A 9 1.98 -5.61 13.39
C LYS A 9 1.25 -6.01 12.12
N ILE A 10 0.69 -5.02 11.43
CA ILE A 10 -0.04 -5.28 10.19
C ILE A 10 0.91 -5.65 9.05
N HIS A 11 0.39 -6.37 8.07
CA HIS A 11 1.20 -6.79 6.92
C HIS A 11 0.31 -7.06 5.71
N PHE A 12 0.73 -6.57 4.55
CA PHE A 12 -0.01 -6.76 3.32
C PHE A 12 0.06 -8.22 2.84
N ASN A 13 -1.01 -8.71 2.26
CA ASN A 13 -1.06 -10.08 1.76
C ASN A 13 0.17 -10.39 0.90
N PHE A 14 0.80 -9.34 0.38
CA PHE A 14 1.97 -9.50 -0.46
C PHE A 14 2.96 -8.36 -0.23
N GLU A 15 4.22 -8.73 0.02
CA GLU A 15 5.27 -7.73 0.25
C GLU A 15 5.26 -6.66 -0.84
N LEU A 16 5.32 -7.10 -2.08
CA LEU A 16 5.32 -6.17 -3.22
C LEU A 16 4.12 -6.42 -4.12
N LEU A 17 3.68 -5.37 -4.80
CA LEU A 17 2.54 -5.47 -5.71
C LEU A 17 2.96 -5.27 -7.15
N ASP A 18 2.83 -6.31 -7.97
CA ASP A 18 3.20 -6.24 -9.37
C ASP A 18 1.96 -6.14 -10.26
N ILE A 19 1.80 -4.99 -10.91
CA ILE A 19 0.66 -4.77 -11.78
C ILE A 19 1.04 -4.93 -13.25
N GLY A 20 2.27 -5.39 -13.48
CA GLY A 20 2.75 -5.60 -14.84
C GLY A 20 2.41 -4.43 -15.75
N LYS A 21 2.10 -4.74 -17.00
CA LYS A 21 1.75 -3.71 -17.98
C LYS A 21 0.33 -3.18 -17.74
N VAL A 22 0.20 -1.86 -17.68
CA VAL A 22 -1.10 -1.23 -17.46
C VAL A 22 -1.31 -0.06 -18.41
N PHE A 23 -2.25 -0.21 -19.34
CA PHE A 23 -2.55 0.83 -20.31
C PHE A 23 -2.50 2.21 -19.65
N THR A 24 -2.18 3.23 -20.45
CA THR A 24 -2.11 4.60 -19.96
C THR A 24 -3.37 5.38 -20.28
N GLY A 25 -3.75 6.28 -19.37
CA GLY A 25 -4.94 7.08 -19.59
C GLY A 25 -6.11 6.62 -18.73
N SER A 26 -6.41 5.32 -18.79
CA SER A 26 -7.51 4.76 -18.01
C SER A 26 -7.09 4.54 -16.57
N ALA A 27 -8.05 4.13 -15.74
CA ALA A 27 -7.79 3.88 -14.33
C ALA A 27 -7.79 2.38 -14.03
N HIS A 28 -6.93 1.96 -13.12
CA HIS A 28 -6.83 0.55 -12.75
C HIS A 28 -7.30 0.34 -11.31
N CYS A 29 -8.21 -0.60 -11.13
CA CYS A 29 -8.74 -0.91 -9.80
C CYS A 29 -7.98 -2.06 -9.16
N TYR A 30 -7.41 -1.81 -7.99
CA TYR A 30 -6.64 -2.82 -7.28
C TYR A 30 -7.20 -3.04 -5.88
N GLU A 31 -6.63 -4.00 -5.17
CA GLU A 31 -7.08 -4.32 -3.81
C GLU A 31 -5.94 -4.92 -2.98
N ALA A 32 -5.61 -4.25 -1.89
CA ALA A 32 -4.53 -4.72 -1.01
C ALA A 32 -5.06 -5.02 0.38
N ILE A 33 -5.04 -6.30 0.75
CA ILE A 33 -5.52 -6.73 2.06
C ILE A 33 -4.46 -6.51 3.13
N LEU A 34 -4.90 -6.10 4.31
CA LEU A 34 -3.99 -5.84 5.43
C LEU A 34 -4.40 -6.64 6.65
N TYR A 35 -3.57 -7.62 7.02
CA TYR A 35 -3.85 -8.46 8.19
C TYR A 35 -3.24 -7.86 9.45
N ASN A 36 -4.09 -7.57 10.43
CA ASN A 36 -3.63 -7.00 11.70
C ASN A 36 -3.28 -8.10 12.69
N LYS A 37 -1.99 -8.27 12.95
CA LYS A 37 -1.51 -9.28 13.89
C LYS A 37 -1.27 -8.67 15.27
N GLY A 38 -2.17 -7.80 15.69
CA GLY A 38 -2.04 -7.16 16.99
C GLY A 38 -2.93 -7.79 18.05
N SER A 39 -2.74 -7.38 19.29
CA SER A 39 -3.53 -7.92 20.41
C SER A 39 -4.88 -7.21 20.50
N ILE A 40 -4.89 -5.93 20.15
CA ILE A 40 -6.12 -5.14 20.19
C ILE A 40 -6.21 -4.20 19.00
N ASP A 41 -7.28 -3.41 18.95
CA ASP A 41 -7.49 -2.46 17.86
C ASP A 41 -6.19 -1.75 17.51
N ALA A 42 -5.66 -2.03 16.33
CA ALA A 42 -4.42 -1.42 15.87
C ALA A 42 -4.71 -0.26 14.93
N LEU A 43 -4.14 0.90 15.23
CA LEU A 43 -4.32 2.10 14.42
C LEU A 43 -3.29 2.17 13.30
N PHE A 44 -3.75 2.47 12.10
CA PHE A 44 -2.85 2.56 10.94
C PHE A 44 -3.20 3.78 10.09
N ASN A 45 -2.20 4.29 9.37
CA ASN A 45 -2.40 5.46 8.52
C ASN A 45 -1.49 5.39 7.29
N MET A 46 -1.83 6.19 6.28
CA MET A 46 -1.04 6.21 5.05
C MET A 46 -0.58 7.64 4.73
N THR A 47 0.71 7.78 4.44
CA THR A 47 1.28 9.09 4.12
C THR A 47 1.30 9.32 2.61
N PRO A 48 0.83 10.51 2.19
CA PRO A 48 0.77 10.89 0.78
C PRO A 48 2.17 11.13 0.20
N PRO A 49 2.37 10.66 -1.05
CA PRO A 49 3.65 10.81 -1.74
C PRO A 49 3.93 12.26 -2.13
N THR A 50 5.20 12.55 -2.40
CA THR A 50 5.61 13.90 -2.77
C THR A 50 6.15 13.93 -4.21
N SER A 51 5.71 12.98 -5.02
CA SER A 51 6.16 12.89 -6.41
C SER A 51 4.97 12.97 -7.36
N ALA A 52 5.25 13.34 -8.61
CA ALA A 52 4.22 13.45 -9.62
C ALA A 52 3.56 12.09 -9.90
N LEU A 53 4.37 11.04 -9.91
CA LEU A 53 3.87 9.70 -10.16
C LEU A 53 3.09 9.18 -8.96
N GLY A 54 3.76 9.10 -7.81
CA GLY A 54 3.10 8.63 -6.61
C GLY A 54 1.74 9.24 -6.40
N ALA A 55 1.69 10.57 -6.36
CA ALA A 55 0.44 11.29 -6.17
C ALA A 55 -0.70 10.62 -6.93
N CYS A 56 -0.45 10.30 -8.20
CA CYS A 56 -1.45 9.67 -9.04
C CYS A 56 -2.18 8.56 -8.28
N PHE A 57 -1.42 7.77 -7.52
CA PHE A 57 -2.00 6.68 -6.75
C PHE A 57 -2.94 7.21 -5.68
N VAL A 58 -3.96 6.42 -5.35
CA VAL A 58 -4.94 6.82 -4.33
C VAL A 58 -5.31 5.64 -3.45
N PHE A 59 -4.92 5.71 -2.18
CA PHE A 59 -5.22 4.65 -1.22
C PHE A 59 -6.40 5.02 -0.34
N SER A 60 -7.32 4.08 -0.17
CA SER A 60 -8.51 4.30 0.65
C SER A 60 -9.02 2.99 1.25
N PRO A 61 -9.33 3.02 2.55
CA PRO A 61 -9.21 4.23 3.37
C PRO A 61 -7.76 4.62 3.61
N LYS A 62 -7.51 5.93 3.70
CA LYS A 62 -6.15 6.42 3.94
C LYS A 62 -5.74 6.22 5.39
N GLU A 63 -6.70 5.82 6.22
CA GLU A 63 -6.43 5.59 7.63
C GLU A 63 -7.65 4.95 8.32
N GLY A 64 -7.41 4.38 9.49
CA GLY A 64 -8.49 3.75 10.23
C GLY A 64 -7.99 2.79 11.29
N ILE A 65 -8.77 1.76 11.58
CA ILE A 65 -8.40 0.76 12.57
C ILE A 65 -8.72 -0.65 12.10
N ILE A 66 -7.78 -1.56 12.28
CA ILE A 66 -7.98 -2.95 11.87
C ILE A 66 -8.09 -3.87 13.08
N GLU A 67 -9.32 -4.33 13.36
CA GLU A 67 -9.55 -5.22 14.49
C GLU A 67 -8.48 -6.29 14.58
N PRO A 68 -8.25 -6.80 15.80
CA PRO A 68 -7.25 -7.85 16.05
C PRO A 68 -7.65 -9.19 15.44
N SER A 69 -6.68 -9.89 14.86
CA SER A 69 -6.93 -11.18 14.24
C SER A 69 -7.93 -11.06 13.10
N GLY A 70 -7.85 -9.95 12.37
CA GLY A 70 -8.75 -9.72 11.25
C GLY A 70 -8.02 -9.23 10.01
N VAL A 71 -8.77 -8.66 9.08
CA VAL A 71 -8.19 -8.15 7.84
C VAL A 71 -8.86 -6.84 7.42
N GLN A 72 -8.24 -6.14 6.48
CA GLN A 72 -8.77 -4.88 5.99
C GLN A 72 -8.47 -4.70 4.51
N ALA A 73 -9.53 -4.58 3.70
CA ALA A 73 -9.38 -4.40 2.27
C ALA A 73 -8.99 -2.96 1.93
N ILE A 74 -7.94 -2.81 1.13
CA ILE A 74 -7.46 -1.49 0.73
C ILE A 74 -7.78 -1.21 -0.74
N GLN A 75 -8.17 0.02 -1.04
CA GLN A 75 -8.48 0.40 -2.41
C GLN A 75 -7.38 1.28 -3.00
N ILE A 76 -6.81 0.81 -4.10
CA ILE A 76 -5.73 1.55 -4.77
C ILE A 76 -6.08 1.82 -6.23
N SER A 77 -5.95 3.07 -6.65
CA SER A 77 -6.25 3.45 -8.02
C SER A 77 -5.08 4.25 -8.63
N PHE A 78 -4.39 3.62 -9.57
CA PHE A 78 -3.26 4.26 -10.22
C PHE A 78 -3.62 4.67 -11.65
N SER A 79 -3.33 5.93 -11.99
CA SER A 79 -3.63 6.46 -13.31
C SER A 79 -2.72 7.63 -13.64
N SER A 80 -1.85 7.44 -14.62
CA SER A 80 -0.92 8.48 -15.03
C SER A 80 -0.73 8.47 -16.56
N ILE A 81 -0.30 9.61 -17.09
CA ILE A 81 -0.08 9.73 -18.53
C ILE A 81 1.41 9.84 -18.86
N ILE A 82 2.24 9.31 -17.97
CA ILE A 82 3.69 9.34 -18.15
C ILE A 82 4.23 7.95 -18.48
N LEU A 83 4.23 7.61 -19.76
CA LEU A 83 4.73 6.32 -20.21
C LEU A 83 6.12 6.03 -19.64
N GLY A 84 6.44 4.76 -19.47
CA GLY A 84 7.74 4.38 -18.93
C GLY A 84 7.63 3.78 -17.55
N ASN A 85 8.39 2.72 -17.31
CA ASN A 85 8.39 2.04 -16.02
C ASN A 85 8.40 3.06 -14.87
N PHE A 86 7.95 2.63 -13.71
CA PHE A 86 7.90 3.51 -12.54
C PHE A 86 8.03 2.70 -11.26
N GLU A 87 8.97 3.11 -10.39
CA GLU A 87 9.20 2.42 -9.13
C GLU A 87 8.87 3.33 -7.95
N GLU A 88 7.69 3.15 -7.38
CA GLU A 88 7.27 3.96 -6.24
C GLU A 88 6.87 3.07 -5.06
N GLU A 89 7.11 3.58 -3.85
CA GLU A 89 6.78 2.83 -2.65
C GLU A 89 5.99 3.69 -1.67
N PHE A 90 5.11 3.06 -0.89
CA PHE A 90 4.29 3.77 0.08
C PHE A 90 4.62 3.31 1.50
N LEU A 91 4.24 4.13 2.48
CA LEU A 91 4.49 3.80 3.88
C LEU A 91 3.19 3.86 4.69
N VAL A 92 3.14 3.08 5.77
CA VAL A 92 1.96 3.05 6.63
C VAL A 92 2.33 3.28 8.09
N ASN A 93 2.12 4.51 8.55
CA ASN A 93 2.44 4.86 9.93
C ASN A 93 1.46 4.22 10.90
N VAL A 94 2.00 3.53 11.90
CA VAL A 94 1.17 2.87 12.90
C VAL A 94 1.55 3.29 14.31
N ASN A 95 0.55 3.61 15.12
CA ASN A 95 0.78 4.04 16.49
C ASN A 95 1.62 3.02 17.25
N GLY A 96 2.66 3.50 17.94
CA GLY A 96 3.52 2.62 18.69
C GLY A 96 4.54 1.92 17.81
N SER A 97 4.05 1.24 16.77
CA SER A 97 4.92 0.51 15.86
C SER A 97 6.23 1.26 15.65
N PRO A 98 7.34 0.50 15.57
CA PRO A 98 8.67 1.07 15.38
C PRO A 98 8.86 1.65 13.99
N GLU A 99 8.42 0.90 12.97
CA GLU A 99 8.54 1.35 11.59
C GLU A 99 7.26 1.05 10.81
N PRO A 100 6.94 1.93 9.85
CA PRO A 100 5.74 1.78 9.01
C PRO A 100 5.84 0.60 8.05
N VAL A 101 4.70 0.14 7.56
CA VAL A 101 4.67 -0.99 6.63
C VAL A 101 4.93 -0.52 5.20
N LYS A 102 6.20 -0.56 4.80
CA LYS A 102 6.58 -0.14 3.45
C LYS A 102 5.95 -1.06 2.40
N LEU A 103 5.57 -0.48 1.27
CA LEU A 103 4.96 -1.23 0.19
C LEU A 103 5.48 -0.76 -1.17
N THR A 104 6.21 -1.62 -1.86
CA THR A 104 6.77 -1.28 -3.17
C THR A 104 5.86 -1.78 -4.28
N ILE A 105 5.45 -0.86 -5.15
CA ILE A 105 4.58 -1.21 -6.27
C ILE A 105 5.30 -1.01 -7.61
N ARG A 106 5.49 -2.11 -8.32
CA ARG A 106 6.17 -2.07 -9.61
C ARG A 106 5.17 -2.22 -10.75
N GLY A 107 5.43 -1.54 -11.86
CA GLY A 107 4.54 -1.61 -13.01
C GLY A 107 5.11 -0.93 -14.24
N CYS A 108 4.36 -0.94 -15.33
CA CYS A 108 4.81 -0.33 -16.57
C CYS A 108 3.63 0.28 -17.34
N VAL A 109 3.72 1.57 -17.63
CA VAL A 109 2.66 2.27 -18.34
C VAL A 109 2.92 2.26 -19.85
N ILE A 110 1.90 1.88 -20.62
CA ILE A 110 2.03 1.83 -22.07
C ILE A 110 0.80 2.44 -22.74
N GLY A 111 0.90 2.64 -24.05
CA GLY A 111 -0.21 3.21 -24.79
C GLY A 111 -0.54 2.42 -26.05
N PRO A 112 -1.48 2.95 -26.85
CA PRO A 112 -1.91 2.30 -28.09
C PRO A 112 -0.83 2.34 -29.17
#